data_8JS7
#
_entry.id   8JS7
#
_cell.length_a   188.854
_cell.length_b   199.313
_cell.length_c   270.010
_cell.angle_alpha   90.000
_cell.angle_beta   90.000
_cell.angle_gamma   90.000
#
_symmetry.space_group_name_H-M   'C 2 2 21'
#
loop_
_entity.id
_entity.type
_entity.pdbx_description
1 polymer 'Sensor protein FixL'
2 non-polymer 'PROTOPORPHYRIN IX CONTAINING FE'
3 non-polymer GLYCEROL
4 non-polymer IMIDAZOLE
5 water water
#
_entity_poly.entity_id   1
_entity_poly.type   'polypeptide(L)'
_entity_poly.pdbx_seq_one_letter_code
;APTRVTHPPDDGRGEHFRVRIEGFGVGTWDLDLKTWALDWSDTARTLLGIGQDQPASYDLFLSRLEPDDRERVESAIKRV
SERGGGFDVSFRVAGTSNAGQWIRARAGLIRDEAGTARHLSGIFLDIDEEKQVEGALRTRETHLRSILHTIPDAMIVIDG
HGIIQLFSTAAERLFGWSELEAIGQNVNILMPEPDRSRHDSYISRYRTTSDPHIIGIGRIVTGKRRDGTTFPMHLSIGEM
QSGGEPYFTGFVRDLTEHQQTQARLQELQSELV
;
_entity_poly.pdbx_strand_id   A,B,C,D,E,F,G,H,I,J
#
# COMPACT_ATOMS: atom_id res chain seq x y z
N PHE A 24 -11.93 -12.74 -35.45
CA PHE A 24 -12.86 -11.91 -34.71
C PHE A 24 -13.31 -12.59 -33.42
N GLY A 25 -13.04 -11.96 -32.28
CA GLY A 25 -13.44 -12.51 -31.01
C GLY A 25 -14.60 -11.72 -30.44
N VAL A 26 -15.27 -10.96 -31.32
CA VAL A 26 -16.41 -10.12 -30.96
C VAL A 26 -17.66 -10.76 -31.55
N GLY A 27 -18.79 -10.54 -30.88
CA GLY A 27 -20.06 -11.05 -31.35
C GLY A 27 -20.87 -9.92 -31.95
N THR A 28 -21.82 -10.27 -32.83
CA THR A 28 -22.69 -9.30 -33.47
C THR A 28 -24.14 -9.75 -33.27
N TRP A 29 -25.06 -8.80 -33.16
CA TRP A 29 -26.46 -9.15 -32.95
C TRP A 29 -27.34 -7.96 -33.32
N ASP A 30 -28.59 -8.26 -33.70
CA ASP A 30 -29.57 -7.24 -34.03
C ASP A 30 -30.94 -7.68 -33.55
N LEU A 31 -31.64 -6.75 -32.88
CA LEU A 31 -32.98 -6.99 -32.34
C LEU A 31 -33.87 -5.90 -32.91
N ASP A 32 -34.49 -6.19 -34.04
CA ASP A 32 -35.38 -5.22 -34.66
C ASP A 32 -36.65 -5.06 -33.81
N LEU A 33 -37.05 -3.81 -33.59
CA LEU A 33 -38.27 -3.56 -32.82
C LEU A 33 -39.47 -4.15 -33.55
N LYS A 34 -39.47 -4.04 -34.87
CA LYS A 34 -40.53 -4.62 -35.68
C LYS A 34 -40.21 -6.11 -35.79
N THR A 35 -41.21 -6.94 -35.48
CA THR A 35 -41.25 -8.40 -35.45
C THR A 35 -40.54 -9.01 -34.22
N TRP A 36 -39.89 -8.21 -33.38
CA TRP A 36 -39.23 -8.64 -32.13
C TRP A 36 -38.26 -9.81 -32.29
N ALA A 37 -37.72 -10.04 -33.49
CA ALA A 37 -36.79 -11.14 -33.68
C ALA A 37 -35.41 -10.76 -33.20
N LEU A 38 -34.51 -11.74 -33.19
CA LEU A 38 -33.14 -11.48 -32.72
C LEU A 38 -32.24 -12.57 -33.28
N ASP A 39 -31.22 -12.16 -34.04
CA ASP A 39 -30.25 -13.07 -34.60
C ASP A 39 -28.86 -12.60 -34.19
N TRP A 40 -27.99 -13.55 -33.82
CA TRP A 40 -26.63 -13.23 -33.43
C TRP A 40 -25.65 -14.08 -34.23
N SER A 41 -24.36 -13.75 -34.10
CA SER A 41 -23.31 -14.45 -34.81
C SER A 41 -22.89 -15.71 -34.05
N ASP A 42 -21.94 -16.46 -34.63
CA ASP A 42 -21.47 -17.68 -33.99
C ASP A 42 -20.68 -17.40 -32.73
N THR A 43 -19.76 -16.42 -32.78
CA THR A 43 -19.01 -16.08 -31.58
C THR A 43 -19.93 -15.49 -30.51
N ALA A 44 -20.99 -14.80 -30.93
CA ALA A 44 -21.94 -14.21 -29.99
C ALA A 44 -22.65 -15.27 -29.15
N ARG A 45 -23.02 -16.41 -29.76
CA ARG A 45 -23.69 -17.43 -28.95
C ARG A 45 -22.71 -18.14 -28.03
N THR A 46 -21.45 -18.30 -28.47
CA THR A 46 -20.45 -18.94 -27.61
C THR A 46 -20.23 -18.12 -26.35
N LEU A 47 -20.18 -16.78 -26.49
CA LEU A 47 -20.00 -15.89 -25.35
C LEU A 47 -21.14 -16.04 -24.34
N LEU A 48 -22.37 -16.09 -24.83
CA LEU A 48 -23.51 -16.24 -23.94
C LEU A 48 -23.63 -17.64 -23.37
N GLY A 49 -22.83 -18.59 -23.84
CA GLY A 49 -22.90 -19.97 -23.39
C GLY A 49 -24.20 -20.60 -23.85
N ILE A 50 -24.39 -20.64 -25.16
CA ILE A 50 -25.59 -21.17 -25.78
C ILE A 50 -25.20 -22.27 -26.75
N GLY A 51 -25.93 -23.38 -26.70
CA GLY A 51 -25.64 -24.50 -27.58
C GLY A 51 -25.70 -24.11 -29.04
N GLN A 52 -24.83 -24.73 -29.83
CA GLN A 52 -24.78 -24.48 -31.27
C GLN A 52 -26.09 -24.84 -31.96
N ASP A 53 -26.76 -25.88 -31.46
CA ASP A 53 -28.03 -26.32 -32.04
C ASP A 53 -29.18 -25.37 -31.72
N GLN A 54 -29.16 -24.73 -30.54
CA GLN A 54 -30.24 -23.85 -30.14
C GLN A 54 -30.39 -22.67 -31.09
N PRO A 55 -31.63 -22.24 -31.35
CA PRO A 55 -31.86 -21.09 -32.24
C PRO A 55 -31.91 -19.80 -31.44
N ALA A 56 -31.52 -18.72 -32.11
CA ALA A 56 -31.53 -17.42 -31.46
C ALA A 56 -32.96 -16.90 -31.32
N SER A 57 -33.17 -16.14 -30.25
CA SER A 57 -34.45 -15.52 -29.96
C SER A 57 -34.28 -14.55 -28.80
N TYR A 58 -35.13 -13.53 -28.78
CA TYR A 58 -35.09 -12.54 -27.71
C TYR A 58 -35.37 -13.18 -26.36
N ASP A 59 -36.28 -14.16 -26.34
CA ASP A 59 -36.63 -14.86 -25.11
C ASP A 59 -35.44 -15.58 -24.52
N LEU A 60 -34.66 -16.28 -25.36
CA LEU A 60 -33.50 -17.01 -24.88
C LEU A 60 -32.43 -16.08 -24.33
N PHE A 61 -32.22 -14.93 -24.99
CA PHE A 61 -31.20 -13.98 -24.55
C PHE A 61 -31.45 -13.49 -23.13
N LEU A 62 -32.69 -13.11 -22.82
CA LEU A 62 -32.99 -12.63 -21.48
C LEU A 62 -32.94 -13.74 -20.44
N SER A 63 -32.90 -15.00 -20.86
CA SER A 63 -32.85 -16.12 -19.95
C SER A 63 -31.43 -16.41 -19.45
N ARG A 64 -30.42 -15.83 -20.08
CA ARG A 64 -29.03 -16.02 -19.68
C ARG A 64 -28.62 -15.05 -18.59
N LEU A 65 -29.27 -13.89 -18.54
CA LEU A 65 -28.98 -12.88 -17.54
C LEU A 65 -29.73 -13.19 -16.26
N GLU A 66 -29.19 -12.70 -15.16
CA GLU A 66 -29.83 -12.87 -13.86
C GLU A 66 -30.92 -11.82 -13.71
N PRO A 67 -31.89 -12.03 -12.79
CA PRO A 67 -33.00 -11.06 -12.61
C PRO A 67 -32.60 -9.60 -12.50
N ASP A 68 -31.58 -9.25 -11.71
CA ASP A 68 -31.16 -7.87 -11.59
C ASP A 68 -30.72 -7.32 -12.94
N ASP A 69 -29.80 -8.04 -13.61
CA ASP A 69 -29.31 -7.63 -14.92
C ASP A 69 -30.40 -7.64 -15.96
N ARG A 70 -31.24 -8.68 -15.97
CA ARG A 70 -32.34 -8.79 -16.95
C ARG A 70 -33.24 -7.56 -16.93
N GLU A 71 -33.63 -7.12 -15.73
CA GLU A 71 -34.47 -5.94 -15.60
C GLU A 71 -33.80 -4.71 -16.20
N ARG A 72 -32.51 -4.55 -15.94
CA ARG A 72 -31.75 -3.40 -16.46
C ARG A 72 -31.72 -3.38 -17.99
N VAL A 73 -31.51 -4.54 -18.63
CA VAL A 73 -31.50 -4.59 -20.09
C VAL A 73 -32.86 -4.21 -20.65
N GLU A 74 -33.94 -4.76 -20.07
CA GLU A 74 -35.29 -4.44 -20.54
C GLU A 74 -35.61 -2.97 -20.35
N SER A 75 -35.25 -2.39 -19.21
CA SER A 75 -35.49 -0.97 -19.04
C SER A 75 -34.61 -0.16 -19.98
N ALA A 76 -33.40 -0.66 -20.26
CA ALA A 76 -32.49 -0.01 -21.19
C ALA A 76 -33.08 -0.01 -22.60
N ILE A 77 -33.65 -1.15 -23.03
CA ILE A 77 -34.25 -1.19 -24.37
C ILE A 77 -35.45 -0.26 -24.44
N LYS A 78 -36.23 -0.16 -23.36
CA LYS A 78 -37.36 0.76 -23.36
C LYS A 78 -36.89 2.20 -23.45
N ARG A 79 -35.70 2.51 -22.89
CA ARG A 79 -35.17 3.87 -22.92
C ARG A 79 -34.58 4.25 -24.27
N VAL A 80 -33.92 3.31 -24.95
CA VAL A 80 -33.36 3.62 -26.27
C VAL A 80 -34.47 3.89 -27.27
N SER A 81 -35.53 3.08 -27.23
CA SER A 81 -36.65 3.30 -28.14
C SER A 81 -37.26 4.68 -27.94
N GLU A 82 -37.49 5.07 -26.68
CA GLU A 82 -38.07 6.39 -26.36
C GLU A 82 -36.98 7.41 -26.03
N ARG A 83 -36.06 7.61 -27.00
CA ARG A 83 -34.94 8.55 -26.90
C ARG A 83 -33.97 8.40 -28.08
N GLY A 84 -33.32 7.24 -28.17
CA GLY A 84 -32.36 7.00 -29.25
C GLY A 84 -31.02 7.64 -28.99
N GLY A 85 -30.39 7.26 -27.88
CA GLY A 85 -29.09 7.78 -27.49
C GLY A 85 -28.09 6.68 -27.27
N GLY A 86 -28.28 5.57 -27.99
CA GLY A 86 -27.43 4.43 -27.87
C GLY A 86 -27.82 3.57 -26.68
N PHE A 87 -27.18 2.41 -26.59
CA PHE A 87 -27.48 1.48 -25.50
C PHE A 87 -26.25 0.64 -25.22
N ASP A 88 -25.74 0.70 -23.98
CA ASP A 88 -24.62 -0.12 -23.59
C ASP A 88 -24.81 -0.60 -22.16
N VAL A 89 -24.88 -1.92 -21.97
CA VAL A 89 -25.06 -2.52 -20.66
C VAL A 89 -24.07 -3.65 -20.48
N SER A 90 -23.60 -3.80 -19.26
CA SER A 90 -22.66 -4.86 -18.91
C SER A 90 -23.34 -5.80 -17.93
N PHE A 91 -23.08 -7.10 -18.09
CA PHE A 91 -23.69 -8.12 -17.25
C PHE A 91 -22.80 -9.34 -17.27
N ARG A 92 -23.06 -10.27 -16.35
CA ARG A 92 -22.33 -11.53 -16.27
C ARG A 92 -23.31 -12.68 -16.37
N VAL A 93 -23.02 -13.62 -17.26
CA VAL A 93 -23.84 -14.80 -17.42
C VAL A 93 -23.12 -15.95 -16.71
N ALA A 94 -23.87 -16.99 -16.36
CA ALA A 94 -23.27 -18.15 -15.71
C ALA A 94 -22.82 -19.15 -16.78
N GLY A 95 -21.83 -18.70 -17.58
CA GLY A 95 -21.27 -19.46 -18.69
C GLY A 95 -20.86 -20.88 -18.37
N THR A 96 -19.86 -21.04 -17.50
CA THR A 96 -19.38 -22.36 -17.08
C THR A 96 -19.35 -22.36 -15.55
N SER A 97 -20.48 -22.72 -14.95
CA SER A 97 -20.77 -22.83 -13.52
C SER A 97 -19.91 -22.03 -12.53
N ASN A 98 -18.70 -22.54 -12.24
CA ASN A 98 -17.73 -21.96 -11.30
C ASN A 98 -17.60 -20.43 -11.39
N ALA A 99 -17.27 -19.95 -12.57
CA ALA A 99 -17.10 -18.52 -12.81
C ALA A 99 -18.12 -18.10 -13.85
N GLY A 100 -18.05 -16.84 -14.27
CA GLY A 100 -18.98 -16.31 -15.25
C GLY A 100 -18.24 -15.63 -16.39
N GLN A 101 -19.03 -15.18 -17.35
CA GLN A 101 -18.51 -14.49 -18.52
C GLN A 101 -19.05 -13.06 -18.47
N TRP A 102 -18.15 -12.10 -18.36
CA TRP A 102 -18.55 -10.71 -18.35
C TRP A 102 -18.70 -10.23 -19.78
N ILE A 103 -19.85 -9.66 -20.10
CA ILE A 103 -20.13 -9.21 -21.47
C ILE A 103 -20.66 -7.79 -21.46
N ARG A 104 -20.12 -6.96 -22.33
CA ARG A 104 -20.56 -5.59 -22.50
C ARG A 104 -21.31 -5.56 -23.85
N ALA A 105 -22.61 -5.32 -23.79
CA ALA A 105 -23.44 -5.27 -24.99
C ALA A 105 -23.63 -3.81 -25.35
N ARG A 106 -23.18 -3.42 -26.54
CA ARG A 106 -23.29 -2.06 -27.02
C ARG A 106 -24.06 -2.09 -28.33
N ALA A 107 -24.96 -1.12 -28.52
CA ALA A 107 -25.75 -1.13 -29.74
C ALA A 107 -26.29 0.25 -30.07
N GLY A 108 -26.68 0.38 -31.34
CA GLY A 108 -27.27 1.60 -31.85
C GLY A 108 -28.51 1.24 -32.64
N LEU A 109 -29.34 2.24 -32.92
CA LEU A 109 -30.59 2.00 -33.64
C LEU A 109 -30.58 2.58 -35.04
N ILE A 110 -31.07 1.78 -35.99
CA ILE A 110 -31.22 2.21 -37.38
C ILE A 110 -32.69 2.56 -37.55
N ARG A 111 -32.97 3.56 -38.37
CA ARG A 111 -34.34 4.00 -38.59
C ARG A 111 -34.84 3.66 -39.98
N ASP A 112 -36.02 3.03 -40.04
CA ASP A 112 -36.62 2.64 -41.31
C ASP A 112 -37.06 3.85 -42.12
N GLU A 113 -37.67 4.84 -41.47
CA GLU A 113 -38.14 6.03 -42.16
C GLU A 113 -37.84 7.26 -41.31
N ALA A 114 -38.39 8.40 -41.74
CA ALA A 114 -38.18 9.68 -41.07
C ALA A 114 -38.51 9.63 -39.58
N GLY A 115 -39.64 9.03 -39.22
CA GLY A 115 -40.02 8.99 -37.82
C GLY A 115 -40.20 7.62 -37.20
N THR A 116 -39.68 6.57 -37.83
CA THR A 116 -39.84 5.21 -37.31
C THR A 116 -38.48 4.56 -37.08
N ALA A 117 -38.24 4.12 -35.85
CA ALA A 117 -37.03 3.39 -35.48
C ALA A 117 -37.41 1.92 -35.58
N ARG A 118 -36.67 1.16 -36.38
CA ARG A 118 -37.03 -0.24 -36.58
C ARG A 118 -36.02 -1.25 -36.02
N HIS A 119 -34.75 -1.17 -36.40
CA HIS A 119 -33.76 -2.14 -35.94
C HIS A 119 -32.80 -1.54 -34.92
N LEU A 120 -32.21 -2.43 -34.12
CA LEU A 120 -31.20 -2.09 -33.12
C LEU A 120 -30.08 -3.08 -33.32
N SER A 121 -28.94 -2.63 -33.82
CA SER A 121 -27.82 -3.50 -34.10
C SER A 121 -26.64 -3.15 -33.20
N GLY A 122 -25.85 -4.16 -32.85
CA GLY A 122 -24.74 -3.93 -31.97
C GLY A 122 -23.81 -5.12 -31.86
N ILE A 123 -22.99 -5.10 -30.80
CA ILE A 123 -21.98 -6.10 -30.56
C ILE A 123 -21.97 -6.59 -29.12
N PHE A 124 -21.37 -7.76 -28.91
CA PHE A 124 -21.14 -8.37 -27.61
C PHE A 124 -19.63 -8.42 -27.42
N LEU A 125 -19.14 -7.81 -26.34
CA LEU A 125 -17.71 -7.77 -26.06
C LEU A 125 -17.39 -8.59 -24.82
N ASP A 126 -16.24 -9.28 -24.86
CA ASP A 126 -15.78 -10.04 -23.71
C ASP A 126 -14.99 -9.08 -22.84
N ILE A 127 -15.46 -8.86 -21.61
CA ILE A 127 -14.79 -7.93 -20.71
C ILE A 127 -14.30 -8.62 -19.45
N ASP A 128 -13.99 -9.91 -19.55
CA ASP A 128 -13.48 -10.62 -18.37
C ASP A 128 -12.20 -10.00 -17.86
N GLU A 129 -11.30 -9.61 -18.77
CA GLU A 129 -10.04 -9.01 -18.34
C GLU A 129 -10.25 -7.59 -17.84
N GLU A 130 -11.16 -6.83 -18.46
CA GLU A 130 -11.44 -5.48 -18.01
C GLU A 130 -12.01 -5.51 -16.59
N LYS A 131 -12.94 -6.44 -16.33
CA LYS A 131 -13.52 -6.54 -15.00
C LYS A 131 -12.49 -7.04 -14.00
N GLN A 132 -11.54 -7.87 -14.45
CA GLN A 132 -10.52 -8.37 -13.55
C GLN A 132 -9.59 -7.24 -13.10
N VAL A 133 -9.35 -6.25 -13.98
CA VAL A 133 -8.51 -5.11 -13.61
C VAL A 133 -9.25 -4.22 -12.62
N GLU A 134 -10.56 -4.01 -12.83
CA GLU A 134 -11.36 -3.19 -11.92
C GLU A 134 -11.30 -3.78 -10.52
N GLY A 135 -11.48 -5.10 -10.43
CA GLY A 135 -11.44 -5.74 -9.13
C GLY A 135 -10.08 -5.66 -8.48
N ALA A 136 -9.02 -5.77 -9.30
CA ALA A 136 -7.68 -5.67 -8.75
C ALA A 136 -7.44 -4.29 -8.17
N LEU A 137 -7.87 -3.25 -8.90
CA LEU A 137 -7.69 -1.89 -8.42
C LEU A 137 -8.47 -1.65 -7.14
N ARG A 138 -9.71 -2.15 -7.08
CA ARG A 138 -10.54 -1.98 -5.88
C ARG A 138 -9.88 -2.59 -4.66
N THR A 139 -9.31 -3.80 -4.81
CA THR A 139 -8.62 -4.43 -3.69
C THR A 139 -7.44 -3.59 -3.24
N ARG A 140 -6.70 -3.04 -4.22
CA ARG A 140 -5.56 -2.20 -3.87
C ARG A 140 -6.00 -0.95 -3.13
N GLU A 141 -7.07 -0.30 -3.62
CA GLU A 141 -7.57 0.89 -2.93
C GLU A 141 -8.05 0.56 -1.52
N THR A 142 -8.75 -0.57 -1.35
CA THR A 142 -9.21 -0.92 -0.02
C THR A 142 -8.04 -1.25 0.89
N HIS A 143 -7.02 -1.94 0.36
CA HIS A 143 -5.86 -2.27 1.18
C HIS A 143 -5.09 -1.01 1.57
N LEU A 144 -5.00 -0.03 0.66
CA LEU A 144 -4.31 1.22 0.95
C LEU A 144 -4.96 1.92 2.14
N ARG A 145 -6.30 2.01 2.12
CA ARG A 145 -7.01 2.64 3.23
CA ARG A 145 -6.99 2.65 3.24
C ARG A 145 -6.72 1.89 4.54
N SER A 146 -6.62 0.56 4.45
CA SER A 146 -6.33 -0.24 5.63
C SER A 146 -4.94 0.08 6.16
N ILE A 147 -3.96 0.20 5.28
CA ILE A 147 -2.61 0.53 5.71
C ILE A 147 -2.58 1.91 6.36
N LEU A 148 -3.16 2.91 5.67
CA LEU A 148 -3.14 4.26 6.19
C LEU A 148 -3.80 4.35 7.56
N HIS A 149 -4.87 3.59 7.77
CA HIS A 149 -5.56 3.61 9.05
CA HIS A 149 -5.52 3.67 9.07
C HIS A 149 -4.79 2.87 10.13
N THR A 150 -4.21 1.72 9.78
CA THR A 150 -3.56 0.83 10.74
C THR A 150 -2.06 1.00 10.98
N ILE A 151 -1.29 1.53 10.04
CA ILE A 151 0.15 1.63 10.26
C ILE A 151 0.54 2.39 11.53
N PRO A 152 1.27 1.75 12.46
CA PRO A 152 1.67 2.45 13.69
C PRO A 152 2.54 3.67 13.47
N ASP A 153 3.45 3.64 12.49
CA ASP A 153 4.31 4.78 12.26
C ASP A 153 3.61 5.73 11.30
N ALA A 154 3.94 7.01 11.42
CA ALA A 154 3.35 8.00 10.53
C ALA A 154 3.84 7.72 9.12
N MET A 155 2.92 7.58 8.18
CA MET A 155 3.29 7.32 6.79
C MET A 155 2.86 8.52 5.96
N ILE A 156 3.82 9.13 5.26
CA ILE A 156 3.55 10.28 4.41
C ILE A 156 4.07 9.99 3.01
N VAL A 157 3.28 10.37 2.00
CA VAL A 157 3.66 10.20 0.60
C VAL A 157 3.58 11.57 -0.04
N ILE A 158 4.65 11.94 -0.76
CA ILE A 158 4.73 13.24 -1.44
C ILE A 158 5.11 13.03 -2.91
N ASP A 159 4.88 14.09 -3.70
CA ASP A 159 5.24 14.08 -5.11
C ASP A 159 6.64 14.67 -5.28
N GLY A 160 7.08 14.79 -6.53
CA GLY A 160 8.41 15.32 -6.81
C GLY A 160 8.65 16.77 -6.43
N HIS A 161 7.63 17.47 -5.92
CA HIS A 161 7.78 18.86 -5.52
C HIS A 161 7.46 19.08 -4.04
N GLY A 162 7.43 18.00 -3.26
CA GLY A 162 7.15 18.09 -1.84
C GLY A 162 5.69 18.19 -1.45
N ILE A 163 4.76 18.08 -2.40
CA ILE A 163 3.34 18.20 -2.06
C ILE A 163 2.83 16.88 -1.51
N ILE A 164 2.19 16.95 -0.34
CA ILE A 164 1.67 15.77 0.33
C ILE A 164 0.54 15.14 -0.47
N GLN A 165 0.64 13.85 -0.70
CA GLN A 165 -0.37 13.10 -1.43
C GLN A 165 -1.21 12.22 -0.51
N LEU A 166 -0.57 11.55 0.46
CA LEU A 166 -1.23 10.67 1.42
C LEU A 166 -0.73 10.99 2.82
N PHE A 167 -1.62 10.88 3.80
CA PHE A 167 -1.30 11.20 5.20
C PHE A 167 -2.03 10.19 6.09
N SER A 168 -1.27 9.29 6.71
CA SER A 168 -1.86 8.23 7.51
C SER A 168 -2.38 8.74 8.86
N THR A 169 -3.24 7.91 9.49
CA THR A 169 -3.83 8.23 10.79
C THR A 169 -2.77 8.56 11.83
N ALA A 170 -1.66 7.80 11.86
CA ALA A 170 -0.61 8.09 12.82
C ALA A 170 0.01 9.46 12.55
N ALA A 171 0.11 9.85 11.27
CA ALA A 171 0.65 11.17 10.92
C ALA A 171 -0.27 12.26 11.41
N GLU A 172 -1.58 12.02 11.39
CA GLU A 172 -2.54 12.99 11.90
C GLU A 172 -2.33 13.22 13.39
N ARG A 173 -2.12 12.14 14.15
CA ARG A 173 -1.94 12.27 15.59
C ARG A 173 -0.57 12.86 15.95
N LEU A 174 0.45 12.49 15.21
CA LEU A 174 1.78 13.00 15.53
C LEU A 174 1.93 14.47 15.16
N PHE A 175 1.49 14.85 13.97
CA PHE A 175 1.68 16.21 13.51
C PHE A 175 0.51 17.15 13.77
N GLY A 176 -0.61 16.66 14.27
CA GLY A 176 -1.71 17.55 14.54
C GLY A 176 -2.45 18.12 13.34
N TRP A 177 -2.32 17.51 12.16
CA TRP A 177 -3.03 17.96 10.99
C TRP A 177 -3.98 16.85 10.52
N SER A 178 -5.10 17.19 9.95
CA SER A 178 -5.94 16.12 9.44
C SER A 178 -5.48 15.83 8.03
N GLU A 179 -5.85 14.65 7.54
CA GLU A 179 -5.44 14.28 6.18
C GLU A 179 -6.00 15.25 5.16
N LEU A 180 -7.22 15.74 5.37
CA LEU A 180 -7.79 16.68 4.42
C LEU A 180 -7.05 18.01 4.47
N GLU A 181 -6.63 18.43 5.66
CA GLU A 181 -5.89 19.68 5.79
C GLU A 181 -4.48 19.56 5.21
N ALA A 182 -3.80 18.44 5.48
CA ALA A 182 -2.42 18.26 5.02
C ALA A 182 -2.30 17.97 3.53
N ILE A 183 -3.17 17.15 2.95
CA ILE A 183 -3.06 16.82 1.54
C ILE A 183 -3.12 18.07 0.67
N GLY A 184 -2.11 18.26 -0.17
CA GLY A 184 -2.02 19.42 -1.02
C GLY A 184 -1.08 20.49 -0.52
N GLN A 185 -0.61 20.36 0.72
CA GLN A 185 0.34 21.28 1.33
C GLN A 185 1.76 20.77 1.08
N ASN A 186 2.72 21.68 1.16
CA ASN A 186 4.10 21.26 1.03
C ASN A 186 4.47 20.54 2.31
N VAL A 187 5.25 19.47 2.19
CA VAL A 187 5.66 18.70 3.36
C VAL A 187 6.41 19.56 4.36
N ASN A 188 6.94 20.71 3.91
CA ASN A 188 7.68 21.62 4.78
C ASN A 188 6.87 22.19 5.93
N ILE A 189 5.54 22.09 5.91
CA ILE A 189 4.75 22.59 7.03
C ILE A 189 4.94 21.78 8.30
N LEU A 190 5.62 20.64 8.20
CA LEU A 190 5.88 19.75 9.33
C LEU A 190 7.29 19.93 9.87
N MET A 191 7.99 20.98 9.47
CA MET A 191 9.37 21.17 9.87
C MET A 191 9.65 22.55 10.44
N PRO A 192 10.64 22.65 11.31
CA PRO A 192 11.05 23.95 11.85
C PRO A 192 12.13 24.52 10.95
N GLU A 193 12.50 25.74 11.25
CA GLU A 193 13.58 26.32 10.45
C GLU A 193 14.92 25.78 10.93
N PRO A 194 15.94 25.75 10.06
CA PRO A 194 15.99 26.18 8.66
C PRO A 194 15.52 25.15 7.65
N ASP A 195 15.28 23.90 8.06
CA ASP A 195 14.86 22.87 7.11
C ASP A 195 13.59 23.28 6.37
N ARG A 196 12.68 23.99 7.05
CA ARG A 196 11.44 24.44 6.44
C ARG A 196 11.65 25.19 5.13
N SER A 197 12.67 26.05 5.08
CA SER A 197 12.94 26.86 3.90
C SER A 197 13.83 26.19 2.88
N ARG A 198 14.71 25.28 3.29
CA ARG A 198 15.62 24.61 2.37
CA ARG A 198 15.61 24.61 2.37
C ARG A 198 15.13 23.24 1.93
N HIS A 199 13.98 22.76 2.44
CA HIS A 199 13.53 21.42 2.05
C HIS A 199 13.26 21.28 0.55
N ASP A 200 12.62 22.27 -0.07
CA ASP A 200 12.37 22.17 -1.50
C ASP A 200 13.69 22.05 -2.26
N SER A 201 14.76 22.65 -1.74
CA SER A 201 16.07 22.57 -2.39
C SER A 201 16.69 21.19 -2.21
N TYR A 202 16.51 20.56 -1.04
CA TYR A 202 17.05 19.21 -0.86
C TYR A 202 16.41 18.25 -1.85
N ILE A 203 15.14 18.44 -2.17
CA ILE A 203 14.45 17.56 -3.11
C ILE A 203 14.96 17.78 -4.53
N SER A 204 15.03 19.05 -4.98
CA SER A 204 15.48 19.29 -6.34
C SER A 204 16.96 18.95 -6.51
N ARG A 205 17.78 19.21 -5.48
CA ARG A 205 19.20 18.86 -5.58
C ARG A 205 19.39 17.35 -5.58
N TYR A 206 18.37 16.59 -5.22
CA TYR A 206 18.43 15.15 -5.26
C TYR A 206 17.99 14.66 -6.62
N ARG A 207 16.90 15.21 -7.13
CA ARG A 207 16.40 14.80 -8.43
C ARG A 207 17.38 15.11 -9.55
N THR A 208 18.09 16.24 -9.46
CA THR A 208 19.06 16.59 -10.52
C THR A 208 20.36 15.80 -10.40
N THR A 209 20.82 15.53 -9.19
CA THR A 209 22.08 14.83 -8.95
C THR A 209 21.85 13.50 -8.24
N SER A 210 20.84 12.74 -8.66
CA SER A 210 20.54 11.46 -8.02
C SER A 210 21.72 10.51 -8.10
N ASP A 211 22.31 10.22 -6.92
CA ASP A 211 23.47 9.33 -6.82
C ASP A 211 23.64 8.89 -5.35
N PRO A 212 24.80 9.12 -4.57
CA PRO A 212 24.71 8.56 -3.20
C PRO A 212 24.12 9.51 -2.14
N HIS A 213 22.83 9.81 -2.25
CA HIS A 213 22.17 10.70 -1.30
C HIS A 213 21.69 9.95 -0.04
N ILE A 214 20.88 10.62 0.79
CA ILE A 214 20.42 10.06 2.06
C ILE A 214 19.02 9.44 1.97
N ILE A 215 18.58 9.07 0.76
CA ILE A 215 17.28 8.45 0.53
C ILE A 215 17.38 6.95 0.85
N GLY A 216 17.04 6.60 2.08
CA GLY A 216 17.12 5.22 2.53
C GLY A 216 17.89 5.23 3.83
N ILE A 217 18.88 6.11 3.91
CA ILE A 217 19.64 6.27 5.14
C ILE A 217 18.79 7.22 5.97
N GLY A 218 18.43 6.82 7.17
CA GLY A 218 17.64 7.80 7.87
C GLY A 218 18.33 8.32 9.09
N ARG A 219 18.72 9.58 9.02
CA ARG A 219 19.36 10.21 10.16
C ARG A 219 18.25 10.80 11.02
N ILE A 220 18.58 11.13 12.26
CA ILE A 220 17.57 11.73 13.11
C ILE A 220 17.42 13.18 12.68
N VAL A 221 16.17 13.59 12.52
CA VAL A 221 15.81 14.92 12.05
C VAL A 221 14.85 15.48 13.09
N THR A 222 14.48 16.75 12.97
CA THR A 222 13.55 17.35 13.93
C THR A 222 12.25 17.74 13.22
N GLY A 223 11.13 17.22 13.71
CA GLY A 223 9.83 17.53 13.15
C GLY A 223 9.09 18.52 14.02
N LYS A 224 8.09 19.20 13.45
CA LYS A 224 7.33 20.19 14.20
C LYS A 224 5.83 19.96 14.02
N ARG A 225 5.11 19.84 15.12
CA ARG A 225 3.66 19.66 15.03
C ARG A 225 2.99 21.01 14.77
N ARG A 226 1.68 20.95 14.51
CA ARG A 226 0.93 22.17 14.27
C ARG A 226 0.96 23.09 15.49
N ASP A 227 1.15 22.52 16.69
CA ASP A 227 1.30 23.27 17.93
C ASP A 227 2.37 24.33 17.77
N GLY A 228 3.53 23.89 17.34
CA GLY A 228 4.74 24.66 17.15
C GLY A 228 5.79 23.83 17.89
N THR A 229 5.30 22.85 18.67
CA THR A 229 6.18 21.97 19.42
C THR A 229 7.01 21.11 18.46
N THR A 230 8.21 20.76 18.88
CA THR A 230 9.13 19.97 18.08
C THR A 230 9.51 18.67 18.78
N PHE A 231 9.88 17.68 17.99
CA PHE A 231 10.26 16.36 18.50
C PHE A 231 11.31 15.74 17.60
N PRO A 232 12.18 14.86 18.12
CA PRO A 232 13.18 14.21 17.27
C PRO A 232 12.54 13.03 16.54
N MET A 233 12.98 12.80 15.31
CA MET A 233 12.40 11.70 14.55
C MET A 233 13.42 11.16 13.57
N HIS A 234 13.22 9.90 13.21
CA HIS A 234 14.02 9.18 12.25
C HIS A 234 13.06 8.87 11.12
N LEU A 235 13.52 8.99 9.88
CA LEU A 235 12.63 8.81 8.75
C LEU A 235 13.22 7.89 7.69
N SER A 236 12.42 6.93 7.22
CA SER A 236 12.79 6.01 6.15
C SER A 236 12.03 6.42 4.89
N ILE A 237 12.75 6.59 3.79
CA ILE A 237 12.13 7.01 2.53
C ILE A 237 12.26 5.90 1.49
N GLY A 238 11.31 5.88 0.55
CA GLY A 238 11.29 4.95 -0.54
C GLY A 238 10.80 5.70 -1.77
N GLU A 239 11.47 5.52 -2.91
CA GLU A 239 11.11 6.24 -4.11
C GLU A 239 10.42 5.31 -5.09
N MET A 240 9.57 5.90 -5.94
CA MET A 240 8.82 5.17 -6.95
C MET A 240 8.54 6.11 -8.11
N GLN A 241 8.19 5.54 -9.26
CA GLN A 241 7.88 6.29 -10.45
C GLN A 241 6.50 5.91 -10.95
N SER A 242 5.77 6.90 -11.46
CA SER A 242 4.45 6.65 -12.00
C SER A 242 4.11 7.81 -12.90
N GLY A 243 3.75 7.51 -14.14
CA GLY A 243 3.39 8.52 -15.11
C GLY A 243 4.42 9.59 -15.34
N GLY A 244 5.71 9.25 -15.29
CA GLY A 244 6.72 10.25 -15.51
C GLY A 244 7.10 11.07 -14.30
N GLU A 245 6.43 10.90 -13.18
CA GLU A 245 6.77 11.69 -12.03
C GLU A 245 7.18 10.82 -10.85
N PRO A 246 8.15 11.26 -10.06
CA PRO A 246 8.58 10.48 -8.90
C PRO A 246 7.69 10.73 -7.69
N TYR A 247 7.71 9.77 -6.77
CA TYR A 247 6.93 9.86 -5.53
C TYR A 247 7.74 9.26 -4.40
N PHE A 248 7.72 9.93 -3.25
CA PHE A 248 8.47 9.46 -2.09
C PHE A 248 7.50 9.08 -0.98
N THR A 249 7.74 7.92 -0.36
CA THR A 249 6.94 7.41 0.74
C THR A 249 7.82 7.44 1.97
N GLY A 250 7.43 8.20 2.99
CA GLY A 250 8.19 8.29 4.22
C GLY A 250 7.49 7.65 5.40
N PHE A 251 8.29 7.04 6.29
CA PHE A 251 7.81 6.41 7.52
C PHE A 251 8.51 7.12 8.67
N VAL A 252 7.74 7.82 9.51
CA VAL A 252 8.26 8.61 10.61
C VAL A 252 8.19 7.84 11.92
N ARG A 253 9.29 7.85 12.67
CA ARG A 253 9.39 7.20 13.97
C ARG A 253 9.76 8.26 15.01
N ASP A 254 8.81 8.57 15.91
CA ASP A 254 9.03 9.56 16.96
C ASP A 254 10.07 9.02 17.93
N LEU A 255 11.12 9.79 18.16
CA LEU A 255 12.20 9.40 19.06
C LEU A 255 12.15 10.09 20.43
N THR A 256 11.05 10.76 20.77
CA THR A 256 10.95 11.41 22.07
C THR A 256 11.16 10.41 23.21
N GLU A 257 10.42 9.29 23.16
CA GLU A 257 10.56 8.28 24.22
C GLU A 257 11.93 7.63 24.20
N HIS A 258 12.45 7.30 23.02
CA HIS A 258 13.77 6.68 22.94
C HIS A 258 14.86 7.59 23.50
N GLN A 259 14.78 8.88 23.22
CA GLN A 259 15.79 9.80 23.72
C GLN A 259 15.67 10.00 25.23
N GLN A 260 14.45 10.08 25.76
CA GLN A 260 14.29 10.22 27.20
C GLN A 260 14.87 9.01 27.92
N THR A 261 14.63 7.82 27.37
CA THR A 261 15.14 6.59 27.97
C THR A 261 16.67 6.55 27.97
N GLN A 262 17.29 6.68 26.80
CA GLN A 262 18.74 6.62 26.79
C GLN A 262 19.40 7.84 27.44
N ALA A 263 18.69 8.98 27.53
CA ALA A 263 19.29 10.10 28.24
C ALA A 263 19.31 9.79 29.73
N ARG A 264 18.29 9.07 30.20
CA ARG A 264 18.21 8.65 31.59
C ARG A 264 19.21 7.53 31.87
N LEU A 265 19.77 6.93 30.82
CA LEU A 265 20.79 5.90 30.99
C LEU A 265 22.13 6.54 31.33
N GLN A 266 22.48 7.62 30.61
CA GLN A 266 23.73 8.32 30.90
C GLN A 266 23.57 9.22 32.12
N GLU A 267 22.34 9.51 32.54
CA GLU A 267 22.11 10.31 33.73
C GLU A 267 22.14 9.45 34.97
N LEU A 268 22.33 8.14 34.79
CA LEU A 268 22.43 7.16 35.85
C LEU A 268 23.73 6.37 35.80
N GLN A 269 24.46 6.42 34.68
CA GLN A 269 25.72 5.71 34.53
C GLN A 269 26.91 6.62 34.74
N SER A 270 26.71 7.94 34.71
CA SER A 270 27.77 8.89 34.93
C SER A 270 27.61 9.63 36.26
N GLU A 271 26.45 9.48 36.90
CA GLU A 271 26.21 10.10 38.20
C GLU A 271 26.89 9.29 39.30
N LEU A 272 27.23 8.04 39.02
CA LEU A 272 27.88 7.15 39.97
C LEU A 272 29.40 7.30 39.92
N VAL A 273 29.91 8.14 39.01
CA VAL A 273 31.35 8.44 38.81
C VAL A 273 32.32 7.26 38.96
N ILE B 21 -26.29 2.23 -36.34
CA ILE B 21 -26.02 3.35 -37.23
C ILE B 21 -26.10 4.70 -36.49
N GLU B 22 -27.06 4.83 -35.57
CA GLU B 22 -27.23 6.06 -34.80
C GLU B 22 -26.88 5.76 -33.35
N GLY B 23 -26.29 6.74 -32.66
CA GLY B 23 -25.89 6.58 -31.29
C GLY B 23 -24.70 5.64 -31.23
N PHE B 24 -24.91 4.43 -30.70
CA PHE B 24 -23.90 3.38 -30.62
C PHE B 24 -22.68 3.78 -29.77
N GLY B 25 -21.90 4.75 -30.24
CA GLY B 25 -20.71 5.18 -29.54
C GLY B 25 -19.47 4.45 -29.98
N VAL B 26 -19.61 3.51 -30.91
CA VAL B 26 -18.52 2.71 -31.43
C VAL B 26 -18.42 3.00 -32.92
N GLY B 27 -17.20 3.09 -33.43
CA GLY B 27 -16.98 3.32 -34.83
C GLY B 27 -16.76 2.00 -35.53
N THR B 28 -16.98 2.00 -36.84
CA THR B 28 -16.81 0.79 -37.64
C THR B 28 -15.96 1.16 -38.84
N TRP B 29 -15.23 0.17 -39.35
CA TRP B 29 -14.38 0.41 -40.50
C TRP B 29 -14.35 -0.84 -41.35
N ASP B 30 -13.83 -0.67 -42.57
CA ASP B 30 -13.73 -1.77 -43.52
C ASP B 30 -12.51 -1.52 -44.37
N LEU B 31 -11.82 -2.60 -44.72
CA LEU B 31 -10.61 -2.49 -45.52
C LEU B 31 -10.44 -3.79 -46.29
N ASP B 32 -10.04 -3.66 -47.55
CA ASP B 32 -9.80 -4.80 -48.42
C ASP B 32 -8.31 -4.99 -48.59
N LEU B 33 -7.83 -6.23 -48.41
CA LEU B 33 -6.40 -6.50 -48.56
C LEU B 33 -5.93 -6.12 -49.96
N LYS B 34 -6.74 -6.42 -50.97
CA LYS B 34 -6.46 -6.07 -52.34
C LYS B 34 -7.19 -4.76 -52.63
N THR B 35 -6.47 -3.83 -53.25
CA THR B 35 -6.80 -2.44 -53.64
C THR B 35 -6.73 -1.46 -52.47
N TRP B 36 -6.45 -1.92 -51.25
CA TRP B 36 -6.28 -1.11 -50.03
C TRP B 36 -7.29 0.03 -49.85
N ALA B 37 -8.58 -0.23 -50.09
CA ALA B 37 -9.60 0.79 -49.94
C ALA B 37 -10.18 0.70 -48.53
N LEU B 38 -10.44 1.86 -47.93
CA LEU B 38 -10.96 1.89 -46.57
C LEU B 38 -12.18 2.80 -46.45
N ASP B 39 -13.14 2.34 -45.66
CA ASP B 39 -14.37 3.07 -45.38
C ASP B 39 -14.64 3.01 -43.89
N TRP B 40 -14.63 4.15 -43.21
CA TRP B 40 -14.89 4.18 -41.78
C TRP B 40 -16.22 4.87 -41.50
N SER B 41 -16.76 4.59 -40.32
CA SER B 41 -18.03 5.16 -39.90
C SER B 41 -17.84 6.63 -39.51
N ASP B 42 -18.96 7.35 -39.40
CA ASP B 42 -18.90 8.76 -39.00
C ASP B 42 -18.41 8.88 -37.56
N THR B 43 -18.89 7.99 -36.69
CA THR B 43 -18.45 7.99 -35.30
C THR B 43 -16.98 7.64 -35.18
N ALA B 44 -16.41 6.96 -36.18
CA ALA B 44 -15.00 6.60 -36.20
C ALA B 44 -14.15 7.79 -36.59
N ARG B 45 -14.68 8.69 -37.42
CA ARG B 45 -13.95 9.88 -37.82
C ARG B 45 -13.62 10.74 -36.61
N THR B 46 -14.58 10.90 -35.69
CA THR B 46 -14.35 11.68 -34.49
C THR B 46 -13.27 11.04 -33.63
N LEU B 47 -13.26 9.70 -33.56
CA LEU B 47 -12.25 8.99 -32.78
C LEU B 47 -10.85 9.28 -33.28
N LEU B 48 -10.67 9.41 -34.60
CA LEU B 48 -9.35 9.69 -35.14
C LEU B 48 -8.96 11.16 -35.03
N GLY B 49 -9.88 12.03 -34.61
CA GLY B 49 -9.59 13.45 -34.43
C GLY B 49 -9.39 14.24 -35.70
N ILE B 50 -9.80 13.70 -36.85
CA ILE B 50 -9.65 14.38 -38.13
C ILE B 50 -10.69 13.78 -39.07
N GLY B 51 -11.02 14.52 -40.13
CA GLY B 51 -11.99 14.01 -41.07
C GLY B 51 -13.27 14.79 -41.24
N GLN B 52 -13.23 16.11 -41.00
CA GLN B 52 -14.44 16.93 -41.17
C GLN B 52 -14.93 16.88 -42.61
N ASP B 53 -14.02 16.98 -43.59
CA ASP B 53 -14.39 16.92 -44.99
C ASP B 53 -13.51 16.00 -45.84
N GLN B 54 -12.35 15.58 -45.34
CA GLN B 54 -11.48 14.70 -46.12
C GLN B 54 -12.05 13.30 -46.18
N PRO B 55 -11.95 12.62 -47.32
CA PRO B 55 -12.49 11.27 -47.43
C PRO B 55 -11.56 10.23 -46.81
N ALA B 56 -12.15 9.08 -46.49
CA ALA B 56 -11.41 7.98 -45.87
C ALA B 56 -10.33 7.46 -46.82
N SER B 57 -9.19 7.09 -46.23
CA SER B 57 -8.07 6.56 -46.99
C SER B 57 -7.15 5.83 -46.03
N TYR B 58 -6.56 4.72 -46.50
CA TYR B 58 -5.64 3.95 -45.67
C TYR B 58 -4.43 4.78 -45.25
N ASP B 59 -3.94 5.62 -46.17
CA ASP B 59 -2.80 6.49 -45.87
C ASP B 59 -3.17 7.48 -44.76
N LEU B 60 -4.39 8.03 -44.82
CA LEU B 60 -4.83 8.98 -43.81
C LEU B 60 -4.91 8.34 -42.43
N PHE B 61 -5.38 7.08 -42.36
CA PHE B 61 -5.48 6.39 -41.09
C PHE B 61 -4.10 6.21 -40.45
N LEU B 62 -3.13 5.73 -41.23
CA LEU B 62 -1.79 5.54 -40.68
C LEU B 62 -1.09 6.87 -40.42
N SER B 63 -1.66 7.99 -40.87
CA SER B 63 -1.06 9.29 -40.65
C SER B 63 -1.43 9.88 -39.29
N ARG B 64 -2.42 9.29 -38.61
CA ARG B 64 -2.82 9.78 -37.30
C ARG B 64 -2.08 9.09 -36.16
N LEU B 65 -1.67 7.84 -36.36
CA LEU B 65 -0.95 7.08 -35.34
C LEU B 65 0.51 7.52 -35.25
N GLU B 66 1.09 7.29 -34.07
CA GLU B 66 2.49 7.61 -33.85
C GLU B 66 3.34 6.60 -34.63
N PRO B 67 4.61 6.94 -34.93
CA PRO B 67 5.43 6.02 -35.75
C PRO B 67 5.59 4.60 -35.24
N ASP B 68 5.81 4.41 -33.93
CA ASP B 68 5.94 3.05 -33.43
C ASP B 68 4.64 2.28 -33.58
N ASP B 69 3.51 2.94 -33.30
CA ASP B 69 2.19 2.31 -33.44
C ASP B 69 1.91 1.93 -34.90
N ARG B 70 2.23 2.83 -35.85
CA ARG B 70 2.03 2.57 -37.27
C ARG B 70 2.66 1.25 -37.70
N GLU B 71 3.85 0.95 -37.17
CA GLU B 71 4.52 -0.30 -37.51
C GLU B 71 3.76 -1.50 -36.96
N ARG B 72 3.22 -1.35 -35.74
CA ARG B 72 2.45 -2.43 -35.12
C ARG B 72 1.19 -2.73 -35.92
N VAL B 73 0.51 -1.69 -36.41
CA VAL B 73 -0.70 -1.88 -37.22
C VAL B 73 -0.38 -2.62 -38.51
N GLU B 74 0.75 -2.28 -39.14
CA GLU B 74 1.15 -2.93 -40.38
C GLU B 74 1.47 -4.41 -40.14
N SER B 75 2.14 -4.74 -39.04
CA SER B 75 2.43 -6.14 -38.76
C SER B 75 1.14 -6.91 -38.50
N ALA B 76 0.19 -6.26 -37.84
CA ALA B 76 -1.11 -6.88 -37.55
C ALA B 76 -1.87 -7.25 -38.83
N ILE B 77 -1.93 -6.32 -39.80
CA ILE B 77 -2.63 -6.62 -41.05
C ILE B 77 -1.93 -7.74 -41.81
N LYS B 78 -0.59 -7.76 -41.77
CA LYS B 78 0.16 -8.82 -42.43
C LYS B 78 -0.10 -10.15 -41.74
N ARG B 79 -0.11 -10.14 -40.41
CA ARG B 79 -0.38 -11.35 -39.63
C ARG B 79 -1.73 -11.94 -40.01
N VAL B 80 -2.77 -11.11 -40.05
CA VAL B 80 -4.10 -11.59 -40.43
C VAL B 80 -4.19 -11.88 -41.92
N SER B 81 -3.29 -11.32 -42.74
CA SER B 81 -3.31 -11.60 -44.18
C SER B 81 -3.06 -13.08 -44.46
N GLU B 82 -2.15 -13.69 -43.71
CA GLU B 82 -1.78 -15.09 -43.85
C GLU B 82 -2.24 -15.75 -42.55
N ARG B 83 -3.36 -16.48 -42.62
CA ARG B 83 -4.00 -17.12 -41.47
C ARG B 83 -4.50 -16.00 -40.57
N GLY B 84 -4.21 -16.04 -39.27
CA GLY B 84 -4.66 -14.93 -38.46
C GLY B 84 -5.93 -15.14 -37.68
N GLY B 85 -5.80 -15.30 -36.36
CA GLY B 85 -6.95 -15.49 -35.50
C GLY B 85 -7.50 -14.16 -35.05
N GLY B 86 -8.06 -13.39 -35.98
CA GLY B 86 -8.61 -12.09 -35.65
C GLY B 86 -7.60 -10.98 -35.77
N PHE B 87 -8.03 -9.81 -35.33
CA PHE B 87 -7.21 -8.60 -35.39
C PHE B 87 -7.61 -7.70 -34.23
N ASP B 88 -6.68 -7.38 -33.34
CA ASP B 88 -6.97 -6.43 -32.27
C ASP B 88 -5.68 -5.79 -31.78
N VAL B 89 -5.57 -4.48 -31.99
CA VAL B 89 -4.39 -3.71 -31.57
C VAL B 89 -4.89 -2.40 -30.99
N SER B 90 -4.15 -1.87 -30.03
CA SER B 90 -4.51 -0.61 -29.39
C SER B 90 -3.40 0.41 -29.62
N PHE B 91 -3.79 1.67 -29.78
CA PHE B 91 -2.85 2.75 -30.04
C PHE B 91 -3.46 4.06 -29.56
N ARG B 92 -2.63 5.09 -29.46
CA ARG B 92 -3.09 6.41 -29.04
C ARG B 92 -2.86 7.43 -30.14
N VAL B 93 -3.80 8.35 -30.28
CA VAL B 93 -3.74 9.41 -31.28
C VAL B 93 -3.46 10.74 -30.59
N ALA B 94 -3.07 11.74 -31.39
CA ALA B 94 -2.72 13.07 -30.91
C ALA B 94 -3.87 14.08 -31.06
N GLY B 95 -5.12 13.60 -30.95
CA GLY B 95 -6.34 14.40 -31.05
C GLY B 95 -6.35 15.77 -30.39
N THR B 96 -5.92 15.84 -29.15
CA THR B 96 -5.89 17.09 -28.39
C THR B 96 -4.47 17.41 -27.93
N SER B 97 -4.24 18.71 -27.70
CA SER B 97 -2.93 19.22 -27.30
C SER B 97 -2.30 18.50 -26.10
N ASN B 98 -3.04 18.34 -25.00
CA ASN B 98 -2.48 17.71 -23.80
C ASN B 98 -3.14 16.39 -23.42
N ALA B 99 -3.75 15.69 -24.37
CA ALA B 99 -4.38 14.41 -24.09
C ALA B 99 -4.42 13.60 -25.38
N GLY B 100 -4.49 12.28 -25.23
CA GLY B 100 -4.55 11.39 -26.36
C GLY B 100 -5.80 10.53 -26.30
N GLN B 101 -6.27 10.11 -27.46
CA GLN B 101 -7.45 9.26 -27.55
C GLN B 101 -6.97 7.82 -27.69
N TRP B 102 -7.26 7.00 -26.69
CA TRP B 102 -6.87 5.60 -26.75
C TRP B 102 -7.95 4.83 -27.50
N ILE B 103 -7.54 4.10 -28.54
CA ILE B 103 -8.46 3.36 -29.38
C ILE B 103 -8.01 1.92 -29.54
N ARG B 104 -8.97 0.99 -29.40
CA ARG B 104 -8.72 -0.44 -29.59
C ARG B 104 -9.41 -0.82 -30.89
N ALA B 105 -8.62 -1.10 -31.92
CA ALA B 105 -9.15 -1.48 -33.22
C ALA B 105 -9.27 -2.99 -33.25
N ARG B 106 -10.48 -3.49 -33.49
CA ARG B 106 -10.75 -4.91 -33.56
C ARG B 106 -11.37 -5.19 -34.93
N ALA B 107 -11.02 -6.32 -35.52
CA ALA B 107 -11.52 -6.65 -36.85
C ALA B 107 -11.51 -8.16 -37.03
N GLY B 108 -12.26 -8.60 -38.05
CA GLY B 108 -12.38 -10.01 -38.35
C GLY B 108 -12.19 -10.29 -39.83
N LEU B 109 -11.77 -11.51 -40.11
CA LEU B 109 -11.53 -11.97 -41.47
C LEU B 109 -12.79 -12.57 -42.08
N ILE B 110 -13.08 -12.19 -43.32
CA ILE B 110 -14.21 -12.70 -44.08
C ILE B 110 -13.76 -12.93 -45.53
N ARG B 111 -13.60 -14.20 -45.91
CA ARG B 111 -13.15 -14.55 -47.25
C ARG B 111 -14.31 -14.56 -48.24
N ASP B 112 -13.98 -14.31 -49.52
CA ASP B 112 -15.00 -14.29 -50.57
C ASP B 112 -15.55 -15.69 -50.84
N GLU B 113 -14.66 -16.66 -51.02
CA GLU B 113 -14.94 -18.05 -51.31
C GLU B 113 -13.71 -18.83 -50.84
N ALA B 114 -13.62 -20.09 -51.22
CA ALA B 114 -12.47 -20.91 -50.84
C ALA B 114 -11.16 -20.34 -51.35
N GLY B 115 -11.19 -19.47 -52.38
CA GLY B 115 -10.01 -18.88 -52.96
C GLY B 115 -9.10 -17.99 -52.13
N THR B 116 -9.59 -16.84 -51.64
CA THR B 116 -8.75 -15.92 -50.87
C THR B 116 -9.59 -15.11 -49.90
N ALA B 117 -8.91 -14.32 -49.08
CA ALA B 117 -9.50 -13.41 -48.11
C ALA B 117 -9.33 -12.02 -48.73
N ARG B 118 -10.44 -11.35 -49.01
CA ARG B 118 -10.34 -10.06 -49.70
C ARG B 118 -10.73 -8.81 -48.91
N HIS B 119 -11.40 -8.91 -47.76
CA HIS B 119 -11.77 -7.67 -47.07
C HIS B 119 -11.95 -7.86 -45.57
N LEU B 120 -11.09 -7.20 -44.78
CA LEU B 120 -11.12 -7.24 -43.33
C LEU B 120 -11.99 -6.11 -42.79
N SER B 121 -13.00 -6.45 -41.99
CA SER B 121 -13.92 -5.47 -41.42
C SER B 121 -13.88 -5.53 -39.89
N GLY B 122 -14.13 -4.38 -39.26
CA GLY B 122 -14.10 -4.36 -37.82
C GLY B 122 -14.65 -3.09 -37.19
N ILE B 123 -14.24 -2.85 -35.95
CA ILE B 123 -14.71 -1.71 -35.17
C ILE B 123 -13.57 -0.99 -34.46
N PHE B 124 -13.86 0.26 -34.09
CA PHE B 124 -12.98 1.15 -33.35
C PHE B 124 -13.65 1.42 -32.01
N LEU B 125 -12.97 1.09 -30.91
CA LEU B 125 -13.53 1.29 -29.58
C LEU B 125 -12.73 2.34 -28.82
N ASP B 126 -13.43 3.13 -28.00
CA ASP B 126 -12.81 4.16 -27.17
C ASP B 126 -12.44 3.47 -25.86
N ILE B 127 -11.13 3.36 -25.60
CA ILE B 127 -10.65 2.69 -24.39
C ILE B 127 -9.98 3.66 -23.43
N ASP B 128 -10.39 4.93 -23.47
CA ASP B 128 -9.81 5.90 -22.56
C ASP B 128 -10.08 5.53 -21.11
N GLU B 129 -11.31 5.12 -20.80
CA GLU B 129 -11.61 4.73 -19.43
C GLU B 129 -10.90 3.44 -19.06
N GLU B 130 -10.79 2.51 -19.99
CA GLU B 130 -10.11 1.25 -19.72
C GLU B 130 -8.62 1.48 -19.47
N LYS B 131 -8.02 2.47 -20.14
CA LYS B 131 -6.60 2.73 -19.95
C LYS B 131 -6.34 3.49 -18.67
N GLN B 132 -7.27 4.36 -18.27
CA GLN B 132 -7.07 5.08 -17.02
C GLN B 132 -7.09 4.12 -15.84
N VAL B 133 -7.99 3.13 -15.88
CA VAL B 133 -8.09 2.14 -14.82
C VAL B 133 -6.83 1.29 -14.77
N GLU B 134 -6.38 0.84 -15.95
CA GLU B 134 -5.15 0.05 -16.03
C GLU B 134 -3.98 0.81 -15.43
N GLY B 135 -3.87 2.10 -15.76
CA GLY B 135 -2.80 2.91 -15.20
C GLY B 135 -2.92 3.05 -13.70
N ALA B 136 -4.15 3.22 -13.19
CA ALA B 136 -4.34 3.34 -11.75
C ALA B 136 -3.89 2.09 -11.02
N LEU B 137 -4.18 0.91 -11.57
CA LEU B 137 -3.75 -0.33 -10.94
C LEU B 137 -2.23 -0.41 -10.93
N ARG B 138 -1.61 -0.01 -12.03
CA ARG B 138 -0.15 -0.03 -12.12
C ARG B 138 0.47 0.85 -11.04
N THR B 139 -0.08 2.05 -10.83
CA THR B 139 0.44 2.94 -9.79
C THR B 139 0.32 2.28 -8.42
N ARG B 140 -0.85 1.66 -8.15
CA ARG B 140 -1.05 0.99 -6.86
C ARG B 140 -0.09 -0.19 -6.69
N GLU B 141 0.08 -1.00 -7.74
CA GLU B 141 0.99 -2.14 -7.63
C GLU B 141 2.42 -1.67 -7.37
N THR B 142 2.85 -0.63 -8.08
CA THR B 142 4.20 -0.10 -7.87
C THR B 142 4.37 0.40 -6.45
N HIS B 143 3.37 1.14 -5.94
CA HIS B 143 3.46 1.66 -4.57
C HIS B 143 3.57 0.54 -3.55
N LEU B 144 2.78 -0.53 -3.72
CA LEU B 144 2.85 -1.64 -2.77
C LEU B 144 4.27 -2.21 -2.74
N ARG B 145 4.92 -2.34 -3.91
CA ARG B 145 6.29 -2.79 -3.97
C ARG B 145 7.18 -1.88 -3.12
N SER B 146 7.05 -0.56 -3.36
CA SER B 146 7.82 0.43 -2.61
C SER B 146 7.59 0.30 -1.11
N ILE B 147 6.31 0.23 -0.69
CA ILE B 147 5.99 0.10 0.73
C ILE B 147 6.63 -1.15 1.31
N LEU B 148 6.39 -2.30 0.66
CA LEU B 148 6.94 -3.57 1.12
C LEU B 148 8.46 -3.52 1.26
N HIS B 149 9.12 -2.77 0.38
CA HIS B 149 10.58 -2.72 0.48
C HIS B 149 11.06 -1.71 1.50
N THR B 150 10.37 -0.56 1.61
CA THR B 150 10.82 0.54 2.47
C THR B 150 10.46 0.41 3.94
N ILE B 151 9.21 0.09 4.27
CA ILE B 151 8.72 0.06 5.66
C ILE B 151 9.69 -0.58 6.66
N PRO B 152 10.01 0.12 7.74
CA PRO B 152 10.96 -0.44 8.72
C PRO B 152 10.39 -1.59 9.54
N ASP B 153 9.11 -1.56 9.86
CA ASP B 153 8.52 -2.65 10.64
C ASP B 153 8.12 -3.77 9.70
N ALA B 154 8.20 -5.01 10.18
CA ALA B 154 7.82 -6.16 9.38
C ALA B 154 6.32 -6.08 9.11
N MET B 155 5.94 -6.09 7.84
CA MET B 155 4.54 -6.05 7.43
C MET B 155 4.17 -7.39 6.81
N ILE B 156 3.11 -8.02 7.35
CA ILE B 156 2.66 -9.31 6.85
C ILE B 156 1.17 -9.25 6.58
N VAL B 157 0.75 -9.79 5.43
CA VAL B 157 -0.67 -9.82 5.04
C VAL B 157 -1.10 -11.27 4.90
N ILE B 158 -2.11 -11.68 5.67
CA ILE B 158 -2.63 -13.05 5.63
C ILE B 158 -4.07 -13.01 5.12
N ASP B 159 -4.60 -14.19 4.85
CA ASP B 159 -5.98 -14.31 4.41
C ASP B 159 -6.83 -14.87 5.54
N GLY B 160 -8.11 -15.09 5.24
CA GLY B 160 -9.03 -15.61 6.25
C GLY B 160 -8.63 -16.94 6.85
N HIS B 161 -7.70 -17.66 6.24
CA HIS B 161 -7.25 -18.95 6.75
C HIS B 161 -5.83 -18.91 7.29
N GLY B 162 -5.24 -17.72 7.42
CA GLY B 162 -3.89 -17.62 7.92
C GLY B 162 -2.80 -17.85 6.88
N ILE B 163 -3.15 -17.89 5.60
CA ILE B 163 -2.16 -18.09 4.55
C ILE B 163 -1.50 -16.76 4.20
N ILE B 164 -0.18 -16.70 4.36
CA ILE B 164 0.57 -15.48 4.07
C ILE B 164 0.38 -15.09 2.61
N GLN B 165 0.10 -13.81 2.37
CA GLN B 165 -0.09 -13.32 1.01
C GLN B 165 0.99 -12.33 0.60
N LEU B 166 1.49 -11.54 1.55
CA LEU B 166 2.54 -10.57 1.31
C LEU B 166 3.48 -10.67 2.50
N PHE B 167 4.78 -10.49 2.25
CA PHE B 167 5.81 -10.59 3.26
C PHE B 167 6.84 -9.54 2.89
N SER B 168 6.89 -8.45 3.65
CA SER B 168 7.79 -7.33 3.37
C SER B 168 9.26 -7.67 3.61
N THR B 169 10.11 -6.76 3.14
CA THR B 169 11.55 -6.90 3.28
C THR B 169 11.96 -7.04 4.73
N ALA B 170 11.38 -6.20 5.61
CA ALA B 170 11.70 -6.27 7.04
C ALA B 170 11.29 -7.60 7.64
N ALA B 171 10.18 -8.18 7.15
CA ALA B 171 9.75 -9.48 7.65
C ALA B 171 10.79 -10.54 7.32
N GLU B 172 11.37 -10.45 6.13
CA GLU B 172 12.41 -11.39 5.72
C GLU B 172 13.58 -11.32 6.69
N ARG B 173 14.11 -10.11 6.93
CA ARG B 173 15.25 -9.94 7.82
C ARG B 173 14.93 -10.37 9.24
N LEU B 174 13.73 -10.06 9.74
CA LEU B 174 13.41 -10.41 11.11
C LEU B 174 13.15 -11.90 11.28
N PHE B 175 12.31 -12.48 10.43
CA PHE B 175 11.93 -13.87 10.56
C PHE B 175 12.87 -14.87 9.89
N GLY B 176 13.69 -14.43 8.94
CA GLY B 176 14.61 -15.34 8.29
C GLY B 176 14.09 -16.06 7.06
N TRP B 177 12.84 -15.88 6.69
CA TRP B 177 12.27 -16.51 5.52
C TRP B 177 12.20 -15.48 4.41
N SER B 178 12.38 -15.92 3.18
CA SER B 178 12.26 -15.01 2.05
C SER B 178 10.78 -14.94 1.67
N GLU B 179 10.42 -13.93 0.87
CA GLU B 179 9.02 -13.81 0.44
C GLU B 179 8.58 -15.06 -0.32
N LEU B 180 9.39 -15.51 -1.27
CA LEU B 180 9.05 -16.70 -2.05
C LEU B 180 8.89 -17.91 -1.13
N GLU B 181 9.70 -17.98 -0.09
CA GLU B 181 9.59 -19.08 0.86
C GLU B 181 8.39 -18.93 1.78
N ALA B 182 8.02 -17.71 2.14
CA ALA B 182 6.93 -17.51 3.09
C ALA B 182 5.55 -17.43 2.46
N ILE B 183 5.41 -16.82 1.30
CA ILE B 183 4.09 -16.71 0.67
C ILE B 183 3.54 -18.10 0.38
N GLY B 184 2.27 -18.31 0.74
CA GLY B 184 1.62 -19.59 0.55
C GLY B 184 1.65 -20.50 1.76
N GLN B 185 2.46 -20.16 2.76
CA GLN B 185 2.58 -20.91 4.00
C GLN B 185 1.65 -20.29 5.03
N ASN B 186 1.37 -21.03 6.09
CA ASN B 186 0.52 -20.54 7.15
C ASN B 186 1.35 -19.62 8.02
N VAL B 187 0.74 -18.53 8.48
CA VAL B 187 1.46 -17.59 9.33
C VAL B 187 1.99 -18.23 10.61
N ASN B 188 1.47 -19.40 11.00
CA ASN B 188 1.92 -20.06 12.23
C ASN B 188 3.38 -20.47 12.17
N ILE B 189 3.99 -20.52 10.97
CA ILE B 189 5.39 -20.88 10.88
C ILE B 189 6.29 -19.83 11.53
N LEU B 190 5.73 -18.66 11.85
CA LEU B 190 6.45 -17.57 12.49
C LEU B 190 6.33 -17.57 14.00
N MET B 191 5.70 -18.57 14.59
CA MET B 191 5.50 -18.59 16.03
C MET B 191 5.84 -19.95 16.61
N PRO B 192 6.19 -20.02 17.91
CA PRO B 192 6.51 -21.31 18.53
C PRO B 192 5.26 -21.95 19.12
N GLU B 193 5.41 -23.15 19.67
CA GLU B 193 4.27 -23.78 20.30
C GLU B 193 4.08 -23.16 21.68
N PRO B 194 2.86 -23.15 22.22
CA PRO B 194 1.58 -23.69 21.74
C PRO B 194 0.81 -22.79 20.76
N ASP B 195 1.26 -21.55 20.56
CA ASP B 195 0.57 -20.62 19.67
C ASP B 195 0.47 -21.17 18.25
N ARG B 196 1.53 -21.83 17.77
CA ARG B 196 1.57 -22.37 16.42
C ARG B 196 0.39 -23.27 16.10
N SER B 197 0.11 -24.25 16.97
CA SER B 197 -0.98 -25.17 16.69
C SER B 197 -2.35 -24.58 16.98
N ARG B 198 -2.44 -23.59 17.87
CA ARG B 198 -3.71 -22.97 18.20
C ARG B 198 -4.00 -21.70 17.42
N HIS B 199 -3.09 -21.24 16.55
CA HIS B 199 -3.35 -19.98 15.85
C HIS B 199 -4.52 -20.09 14.89
N ASP B 200 -4.58 -21.17 14.11
CA ASP B 200 -5.68 -21.37 13.16
C ASP B 200 -7.03 -21.22 13.85
N SER B 201 -7.18 -21.80 15.03
CA SER B 201 -8.43 -21.67 15.78
C SER B 201 -8.64 -20.23 16.25
N TYR B 202 -7.57 -19.49 16.53
CA TYR B 202 -7.74 -18.10 16.95
C TYR B 202 -8.37 -17.27 15.83
N ILE B 203 -8.00 -17.54 14.58
CA ILE B 203 -8.54 -16.79 13.46
C ILE B 203 -10.00 -17.13 13.22
N SER B 204 -10.34 -18.42 13.24
CA SER B 204 -11.73 -18.84 13.02
C SER B 204 -12.65 -18.35 14.15
N ARG B 205 -12.13 -18.25 15.37
CA ARG B 205 -12.93 -17.75 16.48
C ARG B 205 -13.31 -16.29 16.28
N TYR B 206 -12.37 -15.48 15.78
CA TYR B 206 -12.66 -14.06 15.56
C TYR B 206 -13.63 -13.87 14.40
N ARG B 207 -13.57 -14.74 13.38
CA ARG B 207 -14.46 -14.58 12.23
C ARG B 207 -15.92 -14.86 12.56
N THR B 208 -16.23 -15.49 13.70
CA THR B 208 -17.61 -15.77 14.11
C THR B 208 -18.15 -14.76 15.10
N THR B 209 -17.37 -14.39 16.13
CA THR B 209 -17.84 -13.42 17.12
C THR B 209 -18.14 -12.06 16.48
N SER B 210 -17.22 -11.57 15.64
CA SER B 210 -17.36 -10.29 14.91
C SER B 210 -17.65 -9.06 15.80
N ASP B 211 -16.98 -8.97 16.94
CA ASP B 211 -17.11 -7.86 17.88
C ASP B 211 -15.83 -7.03 17.90
N PRO B 212 -15.81 -5.87 18.62
CA PRO B 212 -14.57 -5.08 18.65
C PRO B 212 -13.49 -5.73 19.51
N HIS B 213 -12.84 -6.71 18.88
CA HIS B 213 -11.78 -7.56 19.41
C HIS B 213 -10.41 -6.87 19.40
N ILE B 214 -9.36 -7.68 19.58
CA ILE B 214 -7.96 -7.27 19.68
C ILE B 214 -7.46 -6.58 18.40
N ILE B 215 -8.29 -6.54 17.36
CA ILE B 215 -7.88 -5.83 16.15
C ILE B 215 -7.88 -4.34 16.49
N GLY B 216 -6.69 -3.78 16.65
CA GLY B 216 -6.51 -2.42 17.07
C GLY B 216 -6.11 -2.32 18.52
N ILE B 217 -5.70 -3.44 19.13
CA ILE B 217 -5.28 -3.53 20.52
C ILE B 217 -3.90 -4.19 20.46
N GLY B 218 -2.86 -3.38 20.54
CA GLY B 218 -1.54 -3.96 20.48
C GLY B 218 -1.14 -4.69 21.75
N ARG B 219 -1.05 -6.02 21.64
CA ARG B 219 -0.66 -6.89 22.75
C ARG B 219 0.69 -7.51 22.39
N ILE B 220 1.53 -7.75 23.40
CA ILE B 220 2.86 -8.32 23.16
C ILE B 220 2.82 -9.84 23.20
N VAL B 221 3.37 -10.44 22.16
CA VAL B 221 3.44 -11.86 21.97
C VAL B 221 4.88 -12.21 21.60
N THR B 222 5.16 -13.48 21.37
CA THR B 222 6.52 -13.89 21.03
C THR B 222 6.53 -14.66 19.71
N GLY B 223 7.37 -14.22 18.78
CA GLY B 223 7.51 -14.87 17.50
C GLY B 223 8.79 -15.69 17.44
N LYS B 224 8.86 -16.59 16.45
CA LYS B 224 10.00 -17.46 16.27
C LYS B 224 10.52 -17.34 14.84
N ARG B 225 11.84 -17.29 14.70
CA ARG B 225 12.45 -17.22 13.38
C ARG B 225 12.67 -18.64 12.85
N ARG B 226 12.94 -18.74 11.54
CA ARG B 226 13.24 -20.03 10.94
C ARG B 226 14.39 -20.68 11.70
N ASP B 227 15.36 -19.85 12.08
CA ASP B 227 16.53 -20.09 12.91
C ASP B 227 16.15 -20.94 14.12
N GLY B 228 14.98 -20.67 14.70
CA GLY B 228 14.49 -21.37 15.86
C GLY B 228 14.43 -20.50 17.11
N THR B 229 15.21 -19.42 17.12
CA THR B 229 15.22 -18.50 18.24
C THR B 229 13.89 -17.75 18.32
N THR B 230 13.61 -17.18 19.49
CA THR B 230 12.37 -16.45 19.72
C THR B 230 12.67 -15.04 20.20
N PHE B 231 11.66 -14.17 20.15
CA PHE B 231 11.85 -12.77 20.53
C PHE B 231 10.52 -12.14 20.89
N PRO B 232 10.50 -11.14 21.77
CA PRO B 232 9.24 -10.48 22.14
C PRO B 232 8.88 -9.48 21.06
N MET B 233 7.61 -9.48 20.64
CA MET B 233 7.18 -8.57 19.60
C MET B 233 5.76 -8.07 19.86
N HIS B 234 5.50 -6.88 19.34
CA HIS B 234 4.22 -6.20 19.43
C HIS B 234 3.61 -6.20 18.04
N LEU B 235 2.31 -6.47 17.94
CA LEU B 235 1.68 -6.51 16.63
C LEU B 235 0.42 -5.65 16.57
N SER B 236 0.26 -4.97 15.43
CA SER B 236 -0.90 -4.14 15.14
C SER B 236 -1.55 -4.73 13.90
N ILE B 237 -2.86 -4.97 13.94
CA ILE B 237 -3.58 -5.62 12.85
C ILE B 237 -4.72 -4.75 12.33
N GLY B 238 -4.89 -4.76 11.02
CA GLY B 238 -5.96 -4.05 10.35
C GLY B 238 -6.66 -5.00 9.43
N GLU B 239 -7.99 -5.03 9.49
CA GLU B 239 -8.78 -5.93 8.66
C GLU B 239 -9.34 -5.19 7.45
N MET B 240 -9.57 -5.95 6.38
CA MET B 240 -10.15 -5.42 5.17
C MET B 240 -10.99 -6.56 4.57
N GLN B 241 -11.78 -6.24 3.56
CA GLN B 241 -12.62 -7.22 2.89
C GLN B 241 -12.46 -7.10 1.38
N SER B 242 -12.39 -8.23 0.70
CA SER B 242 -12.29 -8.21 -0.75
C SER B 242 -12.80 -9.54 -1.29
N GLY B 243 -13.66 -9.48 -2.30
CA GLY B 243 -14.21 -10.64 -2.97
C GLY B 243 -14.83 -11.70 -2.09
N GLY B 244 -15.42 -11.31 -0.97
CA GLY B 244 -16.03 -12.29 -0.11
C GLY B 244 -15.12 -12.86 0.94
N GLU B 245 -13.84 -12.48 0.93
CA GLU B 245 -12.89 -12.99 1.89
C GLU B 245 -12.25 -11.83 2.66
N PRO B 246 -11.95 -12.03 3.93
CA PRO B 246 -11.27 -11.00 4.72
C PRO B 246 -9.76 -11.20 4.66
N TYR B 247 -9.03 -10.12 4.86
CA TYR B 247 -7.57 -10.16 4.87
C TYR B 247 -7.10 -9.33 6.04
N PHE B 248 -6.01 -9.78 6.67
CA PHE B 248 -5.46 -9.08 7.83
C PHE B 248 -4.04 -8.62 7.52
N THR B 249 -3.76 -7.34 7.75
CA THR B 249 -2.44 -6.77 7.54
C THR B 249 -1.82 -6.55 8.91
N GLY B 250 -0.70 -7.24 9.18
CA GLY B 250 -0.01 -7.10 10.44
C GLY B 250 1.26 -6.25 10.34
N PHE B 251 1.58 -5.56 11.43
CA PHE B 251 2.77 -4.73 11.53
C PHE B 251 3.49 -5.15 12.79
N VAL B 252 4.61 -5.85 12.62
CA VAL B 252 5.40 -6.39 13.73
C VAL B 252 6.44 -5.39 14.15
N ARG B 253 6.64 -5.27 15.47
CA ARG B 253 7.65 -4.41 16.07
C ARG B 253 8.47 -5.29 16.99
N ASP B 254 9.76 -5.41 16.71
CA ASP B 254 10.64 -6.22 17.54
C ASP B 254 10.88 -5.45 18.84
N LEU B 255 10.76 -6.14 19.97
CA LEU B 255 10.96 -5.50 21.27
C LEU B 255 12.17 -6.05 22.00
N THR B 256 13.08 -6.72 21.30
CA THR B 256 14.26 -7.27 21.95
C THR B 256 15.12 -6.17 22.55
N GLU B 257 15.48 -5.18 21.74
CA GLU B 257 16.31 -4.07 22.24
C GLU B 257 15.57 -3.25 23.29
N HIS B 258 14.27 -3.02 23.09
CA HIS B 258 13.53 -2.23 24.08
C HIS B 258 13.50 -2.91 25.43
N GLN B 259 13.25 -4.21 25.47
CA GLN B 259 13.19 -4.91 26.74
C GLN B 259 14.56 -5.07 27.39
N GLN B 260 15.65 -4.93 26.64
CA GLN B 260 16.94 -5.08 27.29
C GLN B 260 17.43 -3.76 27.83
N THR B 261 17.18 -2.65 27.12
CA THR B 261 17.60 -1.36 27.66
C THR B 261 16.67 -0.97 28.80
N GLN B 262 15.44 -1.49 28.78
CA GLN B 262 14.51 -1.21 29.87
C GLN B 262 14.88 -2.03 31.10
N ALA B 263 15.53 -3.18 30.88
CA ALA B 263 15.97 -4.03 31.97
C ALA B 263 17.26 -3.50 32.57
N ARG B 264 18.18 -3.05 31.72
CA ARG B 264 19.44 -2.50 32.22
C ARG B 264 19.19 -1.18 32.92
N LEU B 265 18.17 -0.44 32.48
CA LEU B 265 17.82 0.82 33.13
C LEU B 265 17.17 0.54 34.48
N GLN B 266 16.31 -0.47 34.56
CA GLN B 266 15.68 -0.81 35.82
C GLN B 266 16.61 -1.60 36.72
N GLU B 267 17.77 -2.02 36.22
CA GLU B 267 18.77 -2.72 37.01
C GLU B 267 19.82 -1.76 37.52
N LEU B 268 20.17 -0.75 36.71
CA LEU B 268 21.11 0.28 37.14
C LEU B 268 20.43 1.27 38.07
N GLN B 269 19.10 1.15 38.20
CA GLN B 269 18.29 1.97 39.08
C GLN B 269 18.13 1.31 40.43
N SER B 270 18.33 0.00 40.49
CA SER B 270 18.23 -0.75 41.72
C SER B 270 19.59 -0.97 42.37
N GLU B 271 20.64 -0.38 41.81
CA GLU B 271 21.96 -0.51 42.42
C GLU B 271 22.05 0.32 43.69
N LEU B 272 21.13 1.28 43.87
CA LEU B 272 21.06 2.12 45.05
C LEU B 272 19.76 1.93 45.81
N VAL B 273 18.68 1.49 45.16
CA VAL B 273 17.39 1.27 45.80
C VAL B 273 17.00 -0.20 45.66
N GLU C 22 -9.95 39.32 -23.00
CA GLU C 22 -9.72 37.94 -23.42
C GLU C 22 -9.52 36.99 -22.23
N GLY C 23 -10.30 35.92 -22.20
CA GLY C 23 -10.21 34.95 -21.13
C GLY C 23 -11.10 35.39 -19.98
N PHE C 24 -10.48 35.93 -18.93
CA PHE C 24 -11.16 36.46 -17.76
C PHE C 24 -12.03 35.43 -17.05
N GLY C 25 -13.18 35.10 -17.64
CA GLY C 25 -14.12 34.18 -17.04
C GLY C 25 -15.23 34.89 -16.30
N VAL C 26 -15.09 36.20 -16.13
CA VAL C 26 -16.05 37.05 -15.45
C VAL C 26 -16.73 37.89 -16.52
N GLY C 27 -18.02 38.16 -16.33
CA GLY C 27 -18.78 38.97 -17.26
C GLY C 27 -18.86 40.38 -16.74
N THR C 28 -18.84 41.34 -17.65
CA THR C 28 -18.91 42.76 -17.31
C THR C 28 -20.23 43.32 -17.81
N TRP C 29 -20.83 44.20 -17.01
CA TRP C 29 -22.09 44.81 -17.42
C TRP C 29 -22.16 46.23 -16.89
N ASP C 30 -22.77 47.10 -17.68
CA ASP C 30 -22.93 48.50 -17.34
C ASP C 30 -24.39 48.89 -17.56
N LEU C 31 -24.85 49.83 -16.75
CA LEU C 31 -26.22 50.31 -16.83
C LEU C 31 -26.30 51.66 -16.15
N ASP C 32 -27.09 52.56 -16.74
CA ASP C 32 -27.30 53.89 -16.20
C ASP C 32 -28.69 53.96 -15.61
N LEU C 33 -28.78 54.51 -14.39
CA LEU C 33 -30.07 54.62 -13.71
C LEU C 33 -31.06 55.42 -14.55
N LYS C 34 -30.59 56.49 -15.17
CA LYS C 34 -31.42 57.30 -16.06
C LYS C 34 -31.21 56.77 -17.48
N THR C 35 -32.32 56.63 -18.20
CA THR C 35 -32.52 56.09 -19.57
C THR C 35 -32.52 54.56 -19.61
N TRP C 36 -32.29 53.88 -18.48
CA TRP C 36 -32.34 52.42 -18.33
C TRP C 36 -31.68 51.62 -19.45
N ALA C 37 -30.50 52.03 -19.88
CA ALA C 37 -29.80 51.32 -20.94
C ALA C 37 -28.84 50.32 -20.31
N LEU C 38 -28.63 49.19 -20.98
CA LEU C 38 -27.75 48.15 -20.46
C LEU C 38 -26.81 47.65 -21.55
N ASP C 39 -25.56 47.41 -21.15
CA ASP C 39 -24.50 46.91 -22.02
C ASP C 39 -23.72 45.85 -21.26
N TRP C 40 -23.70 44.61 -21.76
CA TRP C 40 -22.99 43.52 -21.11
C TRP C 40 -21.86 42.98 -21.99
N SER C 41 -20.92 42.31 -21.33
CA SER C 41 -19.77 41.71 -22.00
C SER C 41 -20.17 40.43 -22.73
N ASP C 42 -19.26 39.96 -23.61
CA ASP C 42 -19.53 38.74 -24.36
C ASP C 42 -19.57 37.53 -23.44
N THR C 43 -18.65 37.45 -22.48
CA THR C 43 -18.63 36.36 -21.53
C THR C 43 -19.82 36.40 -20.59
N ALA C 44 -20.47 37.57 -20.48
CA ALA C 44 -21.64 37.72 -19.62
C ALA C 44 -22.88 37.15 -20.29
N ARG C 45 -22.98 37.29 -21.62
CA ARG C 45 -24.13 36.76 -22.34
C ARG C 45 -24.21 35.24 -22.19
N THR C 46 -23.06 34.57 -22.25
CA THR C 46 -23.03 33.11 -22.12
C THR C 46 -23.52 32.68 -20.74
N LEU C 47 -23.12 33.40 -19.69
CA LEU C 47 -23.57 33.07 -18.34
C LEU C 47 -25.09 33.13 -18.24
N LEU C 48 -25.71 34.08 -18.94
CA LEU C 48 -27.16 34.20 -18.90
C LEU C 48 -27.88 33.18 -19.77
N GLY C 49 -27.15 32.40 -20.55
CA GLY C 49 -27.74 31.36 -21.39
C GLY C 49 -28.53 31.83 -22.59
N ILE C 50 -28.35 33.07 -23.04
CA ILE C 50 -29.08 33.59 -24.19
C ILE C 50 -28.26 34.74 -24.77
N GLY C 51 -28.53 35.09 -26.02
CA GLY C 51 -27.78 36.19 -26.59
C GLY C 51 -26.92 35.91 -27.81
N GLN C 52 -27.29 34.92 -28.63
CA GLN C 52 -26.49 34.63 -29.83
C GLN C 52 -26.46 35.84 -30.76
N ASP C 53 -27.62 36.48 -30.99
CA ASP C 53 -27.69 37.66 -31.84
C ASP C 53 -28.52 38.81 -31.27
N GLN C 54 -29.33 38.57 -30.23
CA GLN C 54 -30.15 39.64 -29.67
C GLN C 54 -29.28 40.66 -28.94
N PRO C 55 -29.62 41.95 -29.02
CA PRO C 55 -28.82 42.97 -28.35
C PRO C 55 -29.13 43.05 -26.86
N ALA C 56 -28.22 43.69 -26.14
CA ALA C 56 -28.38 43.87 -24.70
C ALA C 56 -29.58 44.77 -24.40
N SER C 57 -30.29 44.44 -23.33
CA SER C 57 -31.45 45.21 -22.91
C SER C 57 -31.76 44.89 -21.47
N TYR C 58 -32.10 45.92 -20.68
CA TYR C 58 -32.46 45.72 -19.28
C TYR C 58 -33.66 44.78 -19.16
N ASP C 59 -34.60 44.91 -20.11
CA ASP C 59 -35.77 44.05 -20.12
C ASP C 59 -35.38 42.61 -20.37
N LEU C 60 -34.43 42.38 -21.30
CA LEU C 60 -33.96 41.03 -21.60
C LEU C 60 -33.30 40.38 -20.39
N PHE C 61 -32.51 41.16 -19.65
CA PHE C 61 -31.83 40.64 -18.47
C PHE C 61 -32.83 40.19 -17.41
N LEU C 62 -33.84 41.04 -17.13
CA LEU C 62 -34.83 40.67 -16.13
C LEU C 62 -35.72 39.52 -16.57
N SER C 63 -35.64 39.11 -17.83
CA SER C 63 -36.43 38.02 -18.36
C SER C 63 -35.76 36.67 -18.17
N ARG C 64 -34.48 36.66 -17.82
CA ARG C 64 -33.77 35.40 -17.59
C ARG C 64 -33.92 34.90 -16.16
N LEU C 65 -34.08 35.82 -15.22
CA LEU C 65 -34.25 35.49 -13.81
C LEU C 65 -35.69 35.08 -13.52
N GLU C 66 -35.87 34.47 -12.35
CA GLU C 66 -37.19 34.07 -11.89
C GLU C 66 -37.85 35.32 -11.34
N PRO C 67 -39.20 35.34 -11.20
CA PRO C 67 -39.83 36.55 -10.66
C PRO C 67 -39.39 36.86 -9.23
N ASP C 68 -39.18 35.83 -8.41
CA ASP C 68 -38.72 36.05 -7.04
C ASP C 68 -37.36 36.73 -7.04
N ASP C 69 -36.43 36.21 -7.86
CA ASP C 69 -35.09 36.78 -7.97
C ASP C 69 -35.15 38.18 -8.57
N ARG C 70 -35.78 38.32 -9.74
CA ARG C 70 -35.92 39.63 -10.39
C ARG C 70 -36.51 40.69 -9.45
N GLU C 71 -37.36 40.28 -8.51
CA GLU C 71 -37.91 41.23 -7.54
C GLU C 71 -36.81 41.74 -6.63
N ARG C 72 -35.93 40.83 -6.21
CA ARG C 72 -34.80 41.20 -5.36
C ARG C 72 -33.85 42.12 -6.10
N VAL C 73 -33.67 41.89 -7.41
CA VAL C 73 -32.80 42.73 -8.22
C VAL C 73 -33.31 44.17 -8.26
N GLU C 74 -34.61 44.33 -8.46
CA GLU C 74 -35.21 45.66 -8.52
C GLU C 74 -35.11 46.38 -7.17
N SER C 75 -35.37 45.66 -6.07
CA SER C 75 -35.25 46.26 -4.74
C SER C 75 -33.83 46.72 -4.49
N ALA C 76 -32.85 45.93 -4.93
CA ALA C 76 -31.44 46.26 -4.73
C ALA C 76 -31.03 47.50 -5.52
N ILE C 77 -31.40 47.58 -6.80
CA ILE C 77 -31.02 48.74 -7.61
C ILE C 77 -31.64 50.03 -7.06
N LYS C 78 -32.86 49.93 -6.52
CA LYS C 78 -33.51 51.10 -5.94
C LYS C 78 -32.72 51.67 -4.78
N ARG C 79 -32.35 50.81 -3.83
CA ARG C 79 -31.59 51.23 -2.65
C ARG C 79 -30.27 51.89 -3.04
N VAL C 80 -29.48 51.23 -3.89
CA VAL C 80 -28.20 51.79 -4.32
C VAL C 80 -28.39 53.07 -5.12
N SER C 81 -29.51 53.19 -5.82
CA SER C 81 -29.78 54.41 -6.58
C SER C 81 -29.83 55.61 -5.64
N GLU C 82 -30.37 55.43 -4.44
CA GLU C 82 -30.43 56.50 -3.46
C GLU C 82 -29.06 56.73 -2.83
N ARG C 83 -28.51 55.69 -2.18
CA ARG C 83 -27.21 55.72 -1.51
C ARG C 83 -26.92 54.31 -1.00
N GLY C 84 -25.72 54.12 -0.48
CA GLY C 84 -25.32 52.85 0.11
C GLY C 84 -24.19 52.16 -0.62
N GLY C 85 -23.83 50.99 -0.07
CA GLY C 85 -22.75 50.13 -0.51
C GLY C 85 -22.92 49.26 -1.74
N GLY C 86 -23.21 49.87 -2.88
CA GLY C 86 -23.35 49.17 -4.14
C GLY C 86 -24.53 48.21 -4.25
N PHE C 87 -24.36 47.25 -5.16
CA PHE C 87 -25.36 46.25 -5.50
C PHE C 87 -24.70 44.87 -5.44
N ASP C 88 -25.31 43.94 -4.69
CA ASP C 88 -24.74 42.59 -4.56
C ASP C 88 -25.87 41.58 -4.39
N VAL C 89 -26.28 40.93 -5.49
CA VAL C 89 -27.33 39.92 -5.44
C VAL C 89 -26.93 38.70 -6.24
N SER C 90 -27.41 37.54 -5.81
CA SER C 90 -27.15 36.26 -6.45
C SER C 90 -28.47 35.67 -6.93
N PHE C 91 -28.41 34.92 -8.03
CA PHE C 91 -29.61 34.33 -8.61
C PHE C 91 -29.23 33.11 -9.45
N ARG C 92 -30.25 32.34 -9.82
CA ARG C 92 -30.10 31.15 -10.63
C ARG C 92 -30.85 31.36 -11.95
N VAL C 93 -30.22 30.94 -13.05
CA VAL C 93 -30.83 31.07 -14.37
C VAL C 93 -31.27 29.69 -14.84
N ALA C 94 -32.15 29.68 -15.85
CA ALA C 94 -32.69 28.44 -16.39
C ALA C 94 -32.02 28.03 -17.70
N GLY C 95 -30.72 28.32 -17.84
CA GLY C 95 -29.89 27.99 -19.01
C GLY C 95 -30.09 26.63 -19.63
N THR C 96 -30.13 25.60 -18.79
CA THR C 96 -30.30 24.22 -19.23
C THR C 96 -31.54 23.61 -18.59
N SER C 97 -32.10 22.61 -19.28
CA SER C 97 -33.32 21.93 -18.84
C SER C 97 -33.27 21.41 -17.40
N ASN C 98 -32.22 20.68 -17.01
CA ASN C 98 -32.13 20.09 -15.68
C ASN C 98 -31.06 20.71 -14.79
N ALA C 99 -30.60 21.92 -15.09
CA ALA C 99 -29.58 22.55 -14.27
C ALA C 99 -29.72 24.05 -14.38
N GLY C 100 -29.21 24.74 -13.37
CA GLY C 100 -29.25 26.18 -13.31
C GLY C 100 -27.88 26.80 -13.14
N GLN C 101 -27.70 27.97 -13.75
CA GLN C 101 -26.45 28.71 -13.66
C GLN C 101 -26.55 29.70 -12.52
N TRP C 102 -25.78 29.50 -11.46
CA TRP C 102 -25.79 30.42 -10.33
C TRP C 102 -24.84 31.57 -10.66
N ILE C 103 -25.34 32.80 -10.55
CA ILE C 103 -24.58 34.00 -10.87
C ILE C 103 -24.67 34.99 -9.72
N ARG C 104 -23.53 35.57 -9.34
CA ARG C 104 -23.47 36.60 -8.31
C ARG C 104 -23.15 37.91 -9.02
N ALA C 105 -24.09 38.85 -9.03
CA ALA C 105 -23.91 40.14 -9.67
C ALA C 105 -23.52 41.19 -8.63
N ARG C 106 -22.40 41.87 -8.87
CA ARG C 106 -21.91 42.92 -8.00
C ARG C 106 -21.69 44.15 -8.85
N ALA C 107 -22.00 45.33 -8.31
CA ALA C 107 -21.86 46.58 -9.04
C ALA C 107 -21.60 47.73 -8.09
N GLY C 108 -21.16 48.85 -8.65
CA GLY C 108 -20.88 50.04 -7.87
C GLY C 108 -21.44 51.29 -8.52
N LEU C 109 -21.56 52.32 -7.70
CA LEU C 109 -22.07 53.62 -8.13
C LEU C 109 -20.96 54.49 -8.70
N ILE C 110 -21.28 55.22 -9.77
CA ILE C 110 -20.35 56.15 -10.39
C ILE C 110 -21.13 57.42 -10.74
N ARG C 111 -20.94 58.47 -9.93
CA ARG C 111 -21.65 59.72 -10.14
C ARG C 111 -20.90 60.61 -11.13
N ASP C 112 -21.68 61.38 -11.91
CA ASP C 112 -21.09 62.28 -12.90
C ASP C 112 -20.37 63.45 -12.25
N GLU C 113 -21.03 64.11 -11.31
CA GLU C 113 -20.56 65.27 -10.56
C GLU C 113 -21.30 65.27 -9.24
N ALA C 114 -21.21 66.38 -8.51
CA ALA C 114 -21.90 66.49 -7.24
C ALA C 114 -23.42 66.37 -7.37
N GLY C 115 -23.95 66.56 -8.57
CA GLY C 115 -25.39 66.48 -8.81
C GLY C 115 -26.15 65.18 -8.57
N THR C 116 -25.87 64.14 -9.35
CA THR C 116 -26.59 62.87 -9.22
C THR C 116 -25.68 61.70 -9.58
N ALA C 117 -26.22 60.49 -9.41
CA ALA C 117 -25.53 59.24 -9.72
C ALA C 117 -26.13 58.73 -11.02
N ARG C 118 -25.38 58.89 -12.11
CA ARG C 118 -25.88 58.50 -13.43
C ARG C 118 -25.75 57.01 -13.73
N HIS C 119 -24.54 56.47 -13.71
CA HIS C 119 -24.28 55.10 -14.08
C HIS C 119 -23.99 54.17 -12.90
N LEU C 120 -24.29 52.88 -13.13
CA LEU C 120 -24.04 51.80 -12.18
C LEU C 120 -23.43 50.67 -12.98
N SER C 121 -22.15 50.36 -12.74
CA SER C 121 -21.45 49.32 -13.48
C SER C 121 -20.91 48.26 -12.54
N GLY C 122 -20.75 47.05 -13.07
CA GLY C 122 -20.26 45.94 -12.28
C GLY C 122 -19.87 44.70 -13.05
N ILE C 123 -19.94 43.56 -12.36
CA ILE C 123 -19.57 42.27 -12.95
C ILE C 123 -20.54 41.17 -12.56
N PHE C 124 -20.48 40.09 -13.32
CA PHE C 124 -21.30 38.89 -13.13
C PHE C 124 -20.31 37.78 -12.77
N LEU C 125 -20.51 37.15 -11.62
CA LEU C 125 -19.62 36.09 -11.18
C LEU C 125 -20.33 34.75 -11.22
N ASP C 126 -19.64 33.72 -11.71
CA ASP C 126 -20.20 32.37 -11.74
C ASP C 126 -19.96 31.77 -10.37
N ILE C 127 -21.04 31.42 -9.68
CA ILE C 127 -20.91 30.85 -8.34
C ILE C 127 -21.41 29.41 -8.24
N ASP C 128 -21.36 28.68 -9.35
CA ASP C 128 -21.81 27.29 -9.34
C ASP C 128 -21.03 26.45 -8.33
N GLU C 129 -19.72 26.66 -8.25
CA GLU C 129 -18.92 25.90 -7.30
C GLU C 129 -19.16 26.35 -5.87
N GLU C 130 -19.23 27.67 -5.64
CA GLU C 130 -19.46 28.18 -4.30
C GLU C 130 -20.79 27.66 -3.73
N LYS C 131 -21.85 27.67 -4.55
CA LYS C 131 -23.14 27.15 -4.09
C LYS C 131 -23.07 25.65 -3.82
N GLN C 132 -22.24 24.95 -4.59
CA GLN C 132 -22.07 23.51 -4.39
C GLN C 132 -21.46 23.22 -3.03
N VAL C 133 -20.42 23.97 -2.66
CA VAL C 133 -19.79 23.79 -1.35
C VAL C 133 -20.78 24.09 -0.24
N GLU C 134 -21.54 25.18 -0.41
CA GLU C 134 -22.55 25.59 0.55
C GLU C 134 -23.57 24.48 0.75
N GLY C 135 -24.08 23.91 -0.36
CA GLY C 135 -25.05 22.84 -0.24
C GLY C 135 -24.46 21.59 0.39
N ALA C 136 -23.19 21.32 0.10
CA ALA C 136 -22.55 20.14 0.69
C ALA C 136 -22.40 20.32 2.20
N LEU C 137 -22.07 21.54 2.64
CA LEU C 137 -21.93 21.76 4.07
C LEU C 137 -23.28 21.62 4.73
N ARG C 138 -24.33 22.11 4.07
CA ARG C 138 -25.67 22.00 4.61
C ARG C 138 -26.09 20.54 4.74
N THR C 139 -25.74 19.72 3.73
CA THR C 139 -26.06 18.29 3.78
C THR C 139 -25.40 17.63 4.98
N ARG C 140 -24.10 17.90 5.17
CA ARG C 140 -23.37 17.31 6.28
C ARG C 140 -23.92 17.81 7.61
N GLU C 141 -24.31 19.08 7.65
CA GLU C 141 -24.87 19.63 8.87
C GLU C 141 -26.19 18.94 9.21
N THR C 142 -27.09 18.82 8.22
CA THR C 142 -28.36 18.16 8.46
C THR C 142 -28.15 16.71 8.86
N HIS C 143 -27.22 16.02 8.18
CA HIS C 143 -26.95 14.62 8.49
C HIS C 143 -26.46 14.44 9.92
N LEU C 144 -25.61 15.35 10.41
CA LEU C 144 -25.14 15.25 11.79
C LEU C 144 -26.31 15.37 12.76
N ARG C 145 -27.27 16.25 12.47
CA ARG C 145 -28.44 16.39 13.33
C ARG C 145 -29.19 15.05 13.36
N SER C 146 -29.36 14.43 12.19
CA SER C 146 -30.03 13.14 12.09
C SER C 146 -29.29 12.07 12.88
N ILE C 147 -27.97 12.03 12.76
CA ILE C 147 -27.16 11.04 13.48
C ILE C 147 -27.33 11.23 14.98
N LEU C 148 -27.27 12.48 15.45
CA LEU C 148 -27.39 12.73 16.88
C LEU C 148 -28.78 12.39 17.39
N HIS C 149 -29.81 12.57 16.57
CA HIS C 149 -31.14 12.26 17.05
C HIS C 149 -31.44 10.77 17.02
N THR C 150 -30.95 10.04 16.02
CA THR C 150 -31.34 8.64 15.91
C THR C 150 -30.31 7.59 16.28
N ILE C 151 -29.09 7.94 16.65
CA ILE C 151 -28.15 6.85 16.98
C ILE C 151 -28.57 6.19 18.29
N PRO C 152 -28.63 4.86 18.37
CA PRO C 152 -29.07 4.22 19.62
C PRO C 152 -28.12 4.38 20.79
N ASP C 153 -26.81 4.40 20.55
CA ASP C 153 -25.86 4.54 21.65
C ASP C 153 -25.63 6.01 21.94
N ALA C 154 -25.32 6.31 23.19
CA ALA C 154 -25.02 7.68 23.56
C ALA C 154 -23.75 8.09 22.83
N MET C 155 -23.83 9.18 22.07
CA MET C 155 -22.69 9.67 21.30
C MET C 155 -22.30 11.02 21.87
N ILE C 156 -21.03 11.15 22.29
CA ILE C 156 -20.50 12.36 22.90
C ILE C 156 -19.23 12.77 22.18
N VAL C 157 -19.09 14.07 21.91
CA VAL C 157 -17.91 14.64 21.25
C VAL C 157 -17.29 15.69 22.17
N ILE C 158 -15.99 15.57 22.44
CA ILE C 158 -15.29 16.53 23.31
C ILE C 158 -14.08 17.13 22.58
N ASP C 159 -13.52 18.17 23.20
CA ASP C 159 -12.34 18.83 22.66
C ASP C 159 -11.10 18.35 23.41
N GLY C 160 -9.95 18.94 23.11
CA GLY C 160 -8.70 18.55 23.75
C GLY C 160 -8.66 18.73 25.25
N HIS C 161 -9.61 19.49 25.81
CA HIS C 161 -9.64 19.72 27.25
C HIS C 161 -10.80 19.04 27.95
N GLY C 162 -11.54 18.18 27.27
CA GLY C 162 -12.65 17.50 27.91
C GLY C 162 -13.96 18.23 27.85
N ILE C 163 -14.07 19.30 27.08
CA ILE C 163 -15.31 20.06 26.99
C ILE C 163 -16.28 19.44 26.00
N ILE C 164 -17.48 19.11 26.49
CA ILE C 164 -18.51 18.49 25.66
C ILE C 164 -18.92 19.44 24.55
N GLN C 165 -18.89 18.94 23.32
CA GLN C 165 -19.26 19.72 22.14
C GLN C 165 -20.59 19.27 21.54
N LEU C 166 -20.87 17.97 21.54
CA LEU C 166 -22.12 17.45 21.02
C LEU C 166 -22.61 16.40 22.02
N PHE C 167 -23.93 16.27 22.14
CA PHE C 167 -24.53 15.36 23.11
C PHE C 167 -25.80 14.82 22.46
N SER C 168 -25.74 13.59 21.97
CA SER C 168 -26.86 12.96 21.28
C SER C 168 -28.04 12.74 22.22
N THR C 169 -29.23 12.55 21.61
CA THR C 169 -30.43 12.33 22.43
C THR C 169 -30.31 11.07 23.28
N ALA C 170 -29.63 10.03 22.80
CA ALA C 170 -29.44 8.85 23.61
C ALA C 170 -28.61 9.17 24.84
N ALA C 171 -27.70 10.14 24.71
CA ALA C 171 -26.87 10.56 25.84
C ALA C 171 -27.71 11.30 26.86
N GLU C 172 -28.72 12.04 26.39
CA GLU C 172 -29.63 12.75 27.28
C GLU C 172 -30.43 11.75 28.11
N ARG C 173 -31.03 10.75 27.46
CA ARG C 173 -31.83 9.74 28.14
C ARG C 173 -31.00 8.95 29.14
N LEU C 174 -29.79 8.56 28.77
CA LEU C 174 -28.96 7.75 29.66
C LEU C 174 -28.35 8.56 30.79
N PHE C 175 -27.83 9.76 30.51
CA PHE C 175 -27.15 10.50 31.55
C PHE C 175 -28.04 11.46 32.32
N GLY C 176 -29.22 11.81 31.81
CA GLY C 176 -30.10 12.72 32.52
C GLY C 176 -29.79 14.19 32.38
N TRP C 177 -29.04 14.59 31.37
CA TRP C 177 -28.73 15.99 31.12
C TRP C 177 -29.20 16.33 29.72
N SER C 178 -29.65 17.56 29.52
CA SER C 178 -30.06 17.91 28.17
C SER C 178 -28.83 18.40 27.42
N GLU C 179 -28.96 18.52 26.10
CA GLU C 179 -27.83 19.02 25.31
C GLU C 179 -27.39 20.40 25.79
N LEU C 180 -28.34 21.31 26.03
CA LEU C 180 -28.00 22.65 26.50
C LEU C 180 -27.36 22.60 27.87
N GLU C 181 -27.80 21.69 28.72
CA GLU C 181 -27.20 21.59 30.03
C GLU C 181 -25.81 21.01 29.98
N ALA C 182 -25.53 20.14 28.99
CA ALA C 182 -24.26 19.45 28.88
C ALA C 182 -23.22 20.15 28.02
N ILE C 183 -23.63 20.68 26.85
CA ILE C 183 -22.67 21.33 25.97
C ILE C 183 -22.05 22.52 26.67
N GLY C 184 -20.74 22.45 26.87
CA GLY C 184 -19.97 23.47 27.56
C GLY C 184 -19.37 22.98 28.85
N GLN C 185 -19.93 21.94 29.45
CA GLN C 185 -19.41 21.37 30.67
C GLN C 185 -18.26 20.42 30.35
N ASN C 186 -17.50 20.08 31.38
CA ASN C 186 -16.44 19.12 31.20
C ASN C 186 -17.07 17.74 31.25
N VAL C 187 -16.58 16.84 30.40
CA VAL C 187 -17.06 15.46 30.31
C VAL C 187 -17.04 14.75 31.67
N ASN C 188 -16.23 15.27 32.62
CA ASN C 188 -16.17 14.66 33.94
C ASN C 188 -17.49 14.74 34.71
N ILE C 189 -18.45 15.56 34.28
CA ILE C 189 -19.73 15.60 34.99
C ILE C 189 -20.49 14.29 34.82
N LEU C 190 -20.13 13.48 33.84
CA LEU C 190 -20.79 12.21 33.57
C LEU C 190 -20.13 11.04 34.27
N MET C 191 -19.19 11.29 35.17
CA MET C 191 -18.52 10.18 35.82
C MET C 191 -18.32 10.42 37.30
N PRO C 192 -18.25 9.34 38.10
CA PRO C 192 -18.04 9.48 39.54
C PRO C 192 -16.57 9.56 39.90
N GLU C 193 -16.27 9.65 41.18
CA GLU C 193 -14.91 9.70 41.67
C GLU C 193 -14.36 8.28 41.82
N PRO C 194 -13.03 8.10 41.78
CA PRO C 194 -11.94 9.07 41.59
C PRO C 194 -11.76 9.48 40.14
N ASP C 195 -12.46 8.77 39.25
CA ASP C 195 -12.36 9.02 37.82
C ASP C 195 -12.66 10.48 37.48
N ARG C 196 -13.63 11.07 38.17
CA ARG C 196 -14.04 12.46 37.90
C ARG C 196 -12.89 13.45 38.03
N SER C 197 -12.12 13.36 39.10
CA SER C 197 -11.04 14.32 39.30
C SER C 197 -9.76 13.99 38.54
N ARG C 198 -9.62 12.77 38.05
CA ARG C 198 -8.41 12.39 37.33
C ARG C 198 -8.57 12.36 35.81
N HIS C 199 -9.78 12.55 35.28
CA HIS C 199 -9.99 12.46 33.83
C HIS C 199 -9.22 13.51 33.05
N ASP C 200 -9.15 14.75 33.57
CA ASP C 200 -8.42 15.79 32.87
C ASP C 200 -6.97 15.39 32.65
N SER C 201 -6.38 14.70 33.62
CA SER C 201 -5.01 14.25 33.46
C SER C 201 -4.89 13.16 32.40
N TYR C 202 -5.84 12.21 32.37
CA TYR C 202 -5.80 11.14 31.38
C TYR C 202 -5.76 11.70 29.96
N ILE C 203 -6.49 12.79 29.72
CA ILE C 203 -6.51 13.39 28.39
C ILE C 203 -5.20 14.09 28.09
N SER C 204 -4.74 14.95 29.01
CA SER C 204 -3.48 15.65 28.81
C SER C 204 -2.31 14.68 28.71
N ARG C 205 -2.32 13.62 29.53
CA ARG C 205 -1.28 12.60 29.47
C ARG C 205 -1.27 11.93 28.10
N TYR C 206 -2.45 11.62 27.57
CA TYR C 206 -2.53 11.00 26.26
C TYR C 206 -2.06 11.97 25.17
N ARG C 207 -2.39 13.25 25.30
CA ARG C 207 -1.97 14.22 24.30
C ARG C 207 -0.46 14.40 24.29
N THR C 208 0.22 14.16 25.41
CA THR C 208 1.66 14.30 25.51
C THR C 208 2.41 13.03 25.07
N THR C 209 2.09 11.87 25.66
CA THR C 209 2.77 10.64 25.29
C THR C 209 2.43 10.18 23.88
N SER C 210 1.19 10.44 23.43
CA SER C 210 0.71 10.08 22.09
C SER C 210 0.89 8.61 21.73
N ASP C 211 0.46 7.74 22.63
CA ASP C 211 0.53 6.30 22.44
C ASP C 211 -0.85 5.71 22.68
N PRO C 212 -1.13 4.50 22.14
CA PRO C 212 -2.48 3.90 22.32
C PRO C 212 -2.80 3.34 23.71
N HIS C 213 -3.21 4.21 24.64
CA HIS C 213 -3.52 3.77 26.00
C HIS C 213 -4.87 3.06 26.09
N ILE C 214 -5.96 3.77 25.76
CA ILE C 214 -7.30 3.19 25.84
C ILE C 214 -8.08 3.39 24.54
N ILE C 215 -7.58 4.26 23.64
CA ILE C 215 -8.27 4.47 22.36
C ILE C 215 -8.15 3.19 21.54
N GLY C 216 -9.24 2.81 20.86
CA GLY C 216 -9.19 1.57 20.10
C GLY C 216 -9.61 0.42 20.98
N ILE C 217 -8.92 0.25 22.10
CA ILE C 217 -9.19 -0.81 23.07
C ILE C 217 -10.35 -0.36 23.95
N GLY C 218 -11.57 -0.70 23.56
CA GLY C 218 -12.72 -0.34 24.36
C GLY C 218 -12.63 -0.99 25.72
N ARG C 219 -12.74 -0.19 26.78
CA ARG C 219 -12.66 -0.70 28.14
C ARG C 219 -13.99 -0.45 28.83
N ILE C 220 -14.31 -1.28 29.82
CA ILE C 220 -15.55 -1.10 30.57
C ILE C 220 -15.25 -0.26 31.82
N VAL C 221 -15.94 0.87 31.92
CA VAL C 221 -15.77 1.80 33.00
C VAL C 221 -17.15 2.07 33.61
N THR C 222 -17.20 2.87 34.67
CA THR C 222 -18.48 3.19 35.32
C THR C 222 -18.79 4.67 35.18
N GLY C 223 -20.01 4.98 34.73
CA GLY C 223 -20.48 6.33 34.55
C GLY C 223 -21.51 6.71 35.61
N LYS C 224 -21.82 8.01 35.67
CA LYS C 224 -22.76 8.53 36.66
C LYS C 224 -23.78 9.44 36.03
N ARG C 225 -25.06 9.19 36.33
CA ARG C 225 -26.13 10.01 35.80
C ARG C 225 -26.26 11.28 36.63
N ARG C 226 -26.95 12.29 36.06
CA ARG C 226 -27.17 13.53 36.78
C ARG C 226 -27.90 13.24 38.08
N ASP C 227 -28.90 12.37 38.00
CA ASP C 227 -29.68 11.88 39.14
C ASP C 227 -28.75 11.42 40.28
N GLY C 228 -27.63 10.81 39.93
CA GLY C 228 -26.67 10.34 40.91
C GLY C 228 -26.35 8.87 40.85
N THR C 229 -27.18 8.07 40.20
CA THR C 229 -26.90 6.65 40.11
C THR C 229 -25.71 6.40 39.20
N THR C 230 -25.13 5.21 39.33
CA THR C 230 -23.97 4.81 38.55
C THR C 230 -24.29 3.51 37.82
N PHE C 231 -23.66 3.33 36.67
CA PHE C 231 -23.91 2.14 35.86
C PHE C 231 -22.65 1.73 35.12
N PRO C 232 -22.52 0.45 34.75
CA PRO C 232 -21.35 0.01 33.99
C PRO C 232 -21.54 0.33 32.51
N MET C 233 -20.46 0.76 31.85
CA MET C 233 -20.57 1.11 30.44
C MET C 233 -19.27 0.82 29.69
N HIS C 234 -19.43 0.62 28.38
CA HIS C 234 -18.32 0.40 27.46
C HIS C 234 -18.21 1.64 26.58
N LEU C 235 -16.99 1.99 26.20
CA LEU C 235 -16.80 3.20 25.40
C LEU C 235 -15.83 2.96 24.27
N SER C 236 -16.15 3.54 23.12
CA SER C 236 -15.33 3.48 21.92
C SER C 236 -15.03 4.93 21.56
N ILE C 237 -13.76 5.25 21.35
CA ILE C 237 -13.34 6.62 21.07
C ILE C 237 -12.69 6.72 19.70
N GLY C 238 -12.98 7.79 18.99
CA GLY C 238 -12.39 8.05 17.70
C GLY C 238 -11.80 9.45 17.75
N GLU C 239 -10.55 9.62 17.34
CA GLU C 239 -9.91 10.92 17.37
C GLU C 239 -9.88 11.54 15.98
N MET C 240 -9.91 12.87 15.94
CA MET C 240 -9.86 13.60 14.69
C MET C 240 -9.14 14.93 14.97
N GLN C 241 -8.67 15.58 13.90
CA GLN C 241 -7.96 16.85 14.02
C GLN C 241 -8.66 17.93 13.21
N SER C 242 -8.75 19.12 13.79
CA SER C 242 -9.33 20.24 13.07
C SER C 242 -8.75 21.54 13.63
N GLY C 243 -8.28 22.41 12.74
CA GLY C 243 -7.72 23.70 13.07
C GLY C 243 -6.76 23.77 14.24
N GLY C 244 -5.87 22.80 14.36
CA GLY C 244 -4.91 22.77 15.44
C GLY C 244 -5.36 22.08 16.70
N GLU C 245 -6.62 21.71 16.80
CA GLU C 245 -7.10 21.07 18.01
C GLU C 245 -7.62 19.67 17.74
N PRO C 246 -7.43 18.75 18.68
CA PRO C 246 -7.97 17.39 18.51
C PRO C 246 -9.36 17.30 19.11
N TYR C 247 -10.15 16.39 18.57
CA TYR C 247 -11.50 16.15 19.06
C TYR C 247 -11.71 14.64 19.16
N PHE C 248 -12.44 14.22 20.19
CA PHE C 248 -12.70 12.81 20.40
C PHE C 248 -14.19 12.54 20.36
N THR C 249 -14.59 11.52 19.61
CA THR C 249 -15.99 11.14 19.51
C THR C 249 -16.16 9.82 20.27
N GLY C 250 -17.02 9.82 21.27
CA GLY C 250 -17.25 8.64 22.09
C GLY C 250 -18.60 7.99 21.84
N PHE C 251 -18.64 6.67 21.88
CA PHE C 251 -19.86 5.90 21.70
C PHE C 251 -20.01 5.09 22.98
N VAL C 252 -21.05 5.39 23.74
CA VAL C 252 -21.30 4.77 25.03
C VAL C 252 -22.38 3.71 24.91
N ARG C 253 -22.08 2.51 25.43
CA ARG C 253 -23.02 1.41 25.45
C ARG C 253 -23.29 1.09 26.92
N ASP C 254 -24.56 1.24 27.34
CA ASP C 254 -24.96 0.93 28.71
C ASP C 254 -24.91 -0.58 28.91
N LEU C 255 -24.23 -1.03 29.97
CA LEU C 255 -24.08 -2.46 30.24
C LEU C 255 -24.87 -2.97 31.44
N THR C 256 -25.84 -2.20 31.95
CA THR C 256 -26.62 -2.64 33.11
C THR C 256 -27.34 -3.96 32.83
N GLU C 257 -28.19 -3.98 31.80
CA GLU C 257 -28.94 -5.20 31.52
C GLU C 257 -28.02 -6.30 31.00
N HIS C 258 -26.93 -5.96 30.33
CA HIS C 258 -26.04 -6.99 29.83
C HIS C 258 -25.36 -7.74 30.98
N GLN C 259 -25.01 -7.03 32.04
CA GLN C 259 -24.35 -7.69 33.16
C GLN C 259 -25.34 -8.39 34.06
N GLN C 260 -26.61 -7.96 34.07
CA GLN C 260 -27.59 -8.64 34.90
C GLN C 260 -27.89 -10.03 34.37
N THR C 261 -28.04 -10.17 33.05
CA THR C 261 -28.30 -11.49 32.49
C THR C 261 -27.07 -12.38 32.64
N GLN C 262 -25.87 -11.81 32.48
CA GLN C 262 -24.66 -12.61 32.66
C GLN C 262 -24.51 -13.02 34.12
N ALA C 263 -25.05 -12.23 35.04
CA ALA C 263 -24.98 -12.57 36.45
C ALA C 263 -25.90 -13.75 36.77
N ARG C 264 -27.09 -13.78 36.17
CA ARG C 264 -28.01 -14.88 36.37
C ARG C 264 -27.43 -16.18 35.84
N LEU C 265 -26.96 -16.15 34.58
CA LEU C 265 -26.32 -17.31 33.97
C LEU C 265 -25.10 -17.77 34.74
N GLN C 266 -24.45 -16.86 35.47
CA GLN C 266 -23.26 -17.20 36.25
C GLN C 266 -23.58 -18.17 37.38
N GLU C 267 -24.73 -18.02 38.02
CA GLU C 267 -25.07 -18.90 39.14
C GLU C 267 -25.95 -20.07 38.74
N LEU C 268 -26.84 -19.90 37.76
CA LEU C 268 -27.67 -21.01 37.32
C LEU C 268 -26.82 -22.09 36.64
N GLN C 269 -25.86 -21.68 35.84
CA GLN C 269 -24.91 -22.55 35.13
C GLN C 269 -23.59 -22.20 35.82
N SER C 270 -23.28 -22.89 36.91
CA SER C 270 -22.09 -22.57 37.69
C SER C 270 -21.22 -23.77 38.02
N GLU C 271 -19.96 -23.43 38.27
CA GLU C 271 -18.89 -24.32 38.70
C GLU C 271 -17.97 -23.35 39.43
N LEU C 272 -18.03 -23.34 40.77
CA LEU C 272 -17.25 -22.39 41.57
C LEU C 272 -15.75 -22.46 41.30
N VAL C 273 -15.13 -23.59 41.59
CA VAL C 273 -13.68 -23.75 41.37
C VAL C 273 -13.29 -25.23 41.34
N GLY D 23 -17.46 51.66 -2.41
CA GLY D 23 -18.84 51.18 -2.39
C GLY D 23 -19.06 49.92 -3.22
N PHE D 24 -18.16 49.71 -4.19
CA PHE D 24 -18.25 48.53 -5.06
C PHE D 24 -18.03 47.24 -4.27
N GLY D 25 -17.12 47.26 -3.30
CA GLY D 25 -16.83 46.07 -2.52
C GLY D 25 -15.85 45.13 -3.19
N VAL D 26 -15.49 45.41 -4.44
CA VAL D 26 -14.57 44.63 -5.24
C VAL D 26 -13.46 45.59 -5.67
N GLY D 27 -12.24 45.07 -5.79
CA GLY D 27 -11.12 45.87 -6.22
C GLY D 27 -10.79 45.61 -7.68
N THR D 28 -10.10 46.56 -8.30
CA THR D 28 -9.71 46.47 -9.71
C THR D 28 -8.21 46.72 -9.82
N TRP D 29 -7.61 46.20 -10.89
CA TRP D 29 -6.17 46.39 -11.12
C TRP D 29 -5.85 46.21 -12.59
N ASP D 30 -4.74 46.82 -13.02
CA ASP D 30 -4.27 46.75 -14.40
C ASP D 30 -2.75 46.65 -14.39
N LEU D 31 -2.22 45.64 -15.07
CA LEU D 31 -0.78 45.41 -15.14
C LEU D 31 -0.29 45.43 -16.58
N ASP D 32 0.71 46.29 -16.87
CA ASP D 32 1.33 46.39 -18.19
C ASP D 32 2.38 45.29 -18.29
N LEU D 33 2.24 44.40 -19.27
CA LEU D 33 3.15 43.26 -19.43
C LEU D 33 4.56 43.61 -19.90
N LYS D 34 4.80 44.81 -20.42
CA LYS D 34 6.15 45.15 -20.86
C LYS D 34 6.67 46.42 -20.19
N THR D 35 6.00 46.89 -19.16
CA THR D 35 6.39 48.05 -18.39
C THR D 35 6.38 47.77 -16.92
N TRP D 36 5.64 46.73 -16.48
CA TRP D 36 5.49 46.31 -15.09
C TRP D 36 4.80 47.38 -14.27
N ALA D 37 4.07 48.28 -14.93
CA ALA D 37 3.35 49.33 -14.25
C ALA D 37 2.04 48.73 -13.77
N LEU D 38 1.70 48.97 -12.52
CA LEU D 38 0.48 48.43 -11.94
C LEU D 38 -0.30 49.55 -11.29
N ASP D 39 -1.57 49.66 -11.65
CA ASP D 39 -2.48 50.63 -11.07
C ASP D 39 -3.66 49.86 -10.53
N TRP D 40 -4.16 50.28 -9.36
CA TRP D 40 -5.30 49.61 -8.75
C TRP D 40 -6.25 50.63 -8.16
N SER D 41 -7.49 50.21 -7.93
CA SER D 41 -8.50 51.07 -7.35
C SER D 41 -8.26 51.28 -5.86
N ASP D 42 -8.96 52.25 -5.29
CA ASP D 42 -8.82 52.51 -3.86
C ASP D 42 -9.36 51.36 -3.03
N THR D 43 -10.46 50.73 -3.49
CA THR D 43 -11.01 49.59 -2.77
C THR D 43 -10.03 48.43 -2.78
N ALA D 44 -9.33 48.23 -3.90
CA ALA D 44 -8.33 47.17 -4.00
C ALA D 44 -7.18 47.45 -3.06
N ARG D 45 -6.83 48.72 -2.90
CA ARG D 45 -5.75 49.12 -2.01
C ARG D 45 -6.06 48.75 -0.57
N THR D 46 -7.30 49.00 -0.13
CA THR D 46 -7.70 48.67 1.24
C THR D 46 -7.73 47.16 1.47
N LEU D 47 -8.09 46.39 0.44
CA LEU D 47 -8.14 44.93 0.55
C LEU D 47 -6.77 44.34 0.87
N LEU D 48 -5.71 44.89 0.27
CA LEU D 48 -4.38 44.39 0.51
C LEU D 48 -3.74 44.98 1.75
N GLY D 49 -4.50 45.78 2.50
CA GLY D 49 -4.04 46.41 3.72
C GLY D 49 -2.81 47.26 3.55
N ILE D 50 -2.78 48.06 2.51
CA ILE D 50 -1.64 48.93 2.22
C ILE D 50 -2.17 50.16 1.50
N GLY D 51 -1.33 51.16 1.37
CA GLY D 51 -1.70 52.32 0.59
C GLY D 51 -2.49 53.37 1.31
N GLN D 52 -2.01 53.94 2.43
CA GLN D 52 -2.74 55.07 3.01
C GLN D 52 -2.70 56.18 1.98
N ASP D 53 -1.50 56.47 1.49
CA ASP D 53 -1.17 57.27 0.32
C ASP D 53 0.17 56.65 -0.05
N GLN D 54 0.17 55.73 -1.00
CA GLN D 54 1.40 55.04 -1.38
C GLN D 54 1.36 54.70 -2.86
N PRO D 55 2.49 54.73 -3.55
CA PRO D 55 2.49 54.40 -4.98
C PRO D 55 2.20 52.93 -5.23
N ALA D 56 1.38 52.69 -6.24
CA ALA D 56 1.06 51.32 -6.62
C ALA D 56 2.25 50.79 -7.41
N SER D 57 2.61 49.53 -7.16
CA SER D 57 3.76 48.97 -7.84
C SER D 57 3.63 47.46 -7.84
N TYR D 58 4.09 46.84 -8.94
CA TYR D 58 4.04 45.39 -9.02
C TYR D 58 4.95 44.76 -7.97
N ASP D 59 6.09 45.41 -7.71
CA ASP D 59 7.02 44.93 -6.70
C ASP D 59 6.38 45.01 -5.32
N LEU D 60 5.63 46.08 -5.06
CA LEU D 60 4.94 46.24 -3.79
C LEU D 60 3.86 45.19 -3.63
N PHE D 61 3.14 44.90 -4.71
CA PHE D 61 2.07 43.91 -4.71
C PHE D 61 2.58 42.55 -4.28
N LEU D 62 3.72 42.12 -4.83
CA LEU D 62 4.25 40.81 -4.46
C LEU D 62 4.75 40.78 -3.02
N SER D 63 5.10 41.94 -2.45
CA SER D 63 5.58 41.99 -1.07
C SER D 63 4.49 41.57 -0.10
N ARG D 64 3.25 41.94 -0.39
CA ARG D 64 2.12 41.61 0.48
C ARG D 64 1.86 40.10 0.55
N LEU D 65 2.24 39.36 -0.48
CA LEU D 65 2.04 37.92 -0.52
C LEU D 65 3.19 37.17 0.16
N GLU D 66 2.92 35.94 0.53
CA GLU D 66 3.91 35.07 1.15
C GLU D 66 4.82 34.53 0.04
N PRO D 67 6.01 34.00 0.39
CA PRO D 67 6.88 33.47 -0.68
C PRO D 67 6.25 32.33 -1.45
N ASP D 68 5.49 31.47 -0.75
CA ASP D 68 4.82 30.36 -1.41
C ASP D 68 3.81 30.88 -2.44
N ASP D 69 3.05 31.91 -2.07
CA ASP D 69 2.03 32.50 -2.96
C ASP D 69 2.66 33.37 -4.03
N ARG D 70 3.69 34.15 -3.67
CA ARG D 70 4.40 35.00 -4.62
C ARG D 70 4.88 34.21 -5.83
N GLU D 71 5.34 32.98 -5.60
CA GLU D 71 5.79 32.12 -6.70
C GLU D 71 4.62 31.72 -7.58
N ARG D 72 3.48 31.39 -6.97
CA ARG D 72 2.29 31.00 -7.73
C ARG D 72 1.79 32.13 -8.61
N VAL D 73 1.73 33.35 -8.06
CA VAL D 73 1.28 34.51 -8.82
C VAL D 73 2.21 34.79 -9.98
N GLU D 74 3.53 34.72 -9.73
CA GLU D 74 4.51 34.94 -10.79
C GLU D 74 4.39 33.86 -11.86
N SER D 75 4.21 32.61 -11.45
CA SER D 75 4.04 31.53 -12.43
C SER D 75 2.79 31.76 -13.25
N ALA D 76 1.73 32.24 -12.59
CA ALA D 76 0.46 32.50 -13.25
C ALA D 76 0.58 33.62 -14.29
N ILE D 77 1.23 34.73 -13.94
CA ILE D 77 1.38 35.82 -14.91
C ILE D 77 2.21 35.37 -16.11
N LYS D 78 3.22 34.53 -15.88
CA LYS D 78 4.03 34.02 -16.97
C LYS D 78 3.24 33.06 -17.84
N ARG D 79 2.49 32.14 -17.23
CA ARG D 79 1.68 31.18 -17.98
C ARG D 79 0.59 31.86 -18.78
N VAL D 80 0.18 33.08 -18.38
CA VAL D 80 -0.83 33.82 -19.13
C VAL D 80 -0.17 34.67 -20.20
N SER D 81 1.11 34.98 -20.06
CA SER D 81 1.82 35.74 -21.08
C SER D 81 2.20 34.83 -22.24
N GLU D 82 2.74 33.65 -21.91
CA GLU D 82 3.14 32.63 -22.88
C GLU D 82 1.93 31.71 -22.99
N ARG D 83 1.04 32.02 -23.94
CA ARG D 83 -0.21 31.32 -24.17
C ARG D 83 -1.06 31.50 -22.91
N GLY D 84 -2.03 30.64 -22.66
CA GLY D 84 -2.81 30.79 -21.45
C GLY D 84 -3.98 31.75 -21.57
N GLY D 85 -5.15 31.31 -21.14
CA GLY D 85 -6.33 32.14 -21.21
C GLY D 85 -6.86 32.39 -19.82
N GLY D 86 -6.83 33.64 -19.38
CA GLY D 86 -7.31 33.95 -18.05
C GLY D 86 -6.28 33.73 -16.96
N PHE D 87 -6.45 34.47 -15.87
CA PHE D 87 -5.59 34.43 -14.70
C PHE D 87 -6.54 34.34 -13.52
N ASP D 88 -6.31 33.36 -12.64
CA ASP D 88 -7.19 33.14 -11.49
C ASP D 88 -6.37 32.47 -10.40
N VAL D 89 -6.01 33.22 -9.36
CA VAL D 89 -5.25 32.68 -8.25
C VAL D 89 -5.78 33.30 -6.96
N SER D 90 -5.82 32.50 -5.90
CA SER D 90 -6.30 32.94 -4.59
C SER D 90 -5.17 32.83 -3.58
N PHE D 91 -5.10 33.78 -2.65
CA PHE D 91 -4.02 33.77 -1.68
C PHE D 91 -4.46 34.45 -0.39
N ARG D 92 -3.68 34.22 0.67
CA ARG D 92 -3.91 34.85 1.96
C ARG D 92 -2.94 36.01 2.13
N VAL D 93 -3.40 37.08 2.80
CA VAL D 93 -2.62 38.27 3.04
C VAL D 93 -2.43 38.43 4.55
N ALA D 94 -1.38 39.16 4.94
CA ALA D 94 -1.02 39.36 6.34
C ALA D 94 -1.61 40.63 6.95
N GLY D 95 -2.76 41.10 6.45
CA GLY D 95 -3.48 42.28 6.91
C GLY D 95 -3.56 42.54 8.41
N THR D 96 -4.05 41.57 9.16
CA THR D 96 -4.20 41.68 10.61
C THR D 96 -3.43 40.54 11.28
N SER D 97 -2.80 40.87 12.41
CA SER D 97 -1.97 39.95 13.20
C SER D 97 -2.50 38.53 13.36
N ASN D 98 -3.77 38.38 13.77
CA ASN D 98 -4.35 37.06 13.97
C ASN D 98 -5.54 36.79 13.06
N ALA D 99 -5.66 37.52 11.95
CA ALA D 99 -6.77 37.29 11.03
C ALA D 99 -6.31 37.75 9.64
N GLY D 100 -5.95 36.79 8.79
CA GLY D 100 -5.51 37.14 7.46
C GLY D 100 -6.68 37.39 6.52
N GLN D 101 -6.43 38.19 5.50
CA GLN D 101 -7.44 38.51 4.50
C GLN D 101 -7.26 37.59 3.30
N TRP D 102 -8.31 36.85 2.96
CA TRP D 102 -8.27 35.94 1.82
C TRP D 102 -8.75 36.73 0.62
N ILE D 103 -8.01 36.63 -0.48
CA ILE D 103 -8.30 37.37 -1.69
C ILE D 103 -8.17 36.45 -2.89
N ARG D 104 -9.12 36.55 -3.81
CA ARG D 104 -9.10 35.79 -5.06
C ARG D 104 -8.93 36.80 -6.18
N ALA D 105 -7.85 36.68 -6.93
CA ALA D 105 -7.55 37.60 -8.03
C ALA D 105 -7.84 36.92 -9.36
N ARG D 106 -8.64 37.58 -10.19
CA ARG D 106 -9.04 37.09 -11.50
C ARG D 106 -8.78 38.18 -12.53
N ALA D 107 -8.23 37.81 -13.69
CA ALA D 107 -7.91 38.81 -14.70
C ALA D 107 -7.88 38.22 -16.10
N GLY D 108 -8.02 39.11 -17.08
CA GLY D 108 -7.98 38.77 -18.48
C GLY D 108 -6.90 39.59 -19.17
N LEU D 109 -6.36 39.10 -20.28
CA LEU D 109 -5.30 39.80 -20.99
C LEU D 109 -5.83 40.56 -22.21
N ILE D 110 -5.64 41.87 -22.19
CA ILE D 110 -6.06 42.77 -23.28
C ILE D 110 -4.92 42.82 -24.30
N ARG D 111 -5.24 42.58 -25.57
CA ARG D 111 -4.23 42.61 -26.62
C ARG D 111 -4.27 43.92 -27.40
N ASP D 112 -3.28 44.08 -28.28
CA ASP D 112 -3.13 45.25 -29.14
C ASP D 112 -3.39 44.90 -30.59
N GLU D 113 -3.21 45.90 -31.47
CA GLU D 113 -3.43 45.74 -32.91
C GLU D 113 -2.62 44.58 -33.50
N ALA D 114 -1.37 44.42 -33.07
CA ALA D 114 -0.49 43.38 -33.58
C ALA D 114 -0.62 42.06 -32.82
N GLY D 115 -1.72 41.86 -32.08
CA GLY D 115 -1.98 40.66 -31.33
C GLY D 115 -0.89 40.14 -30.42
N THR D 116 -0.48 40.95 -29.44
CA THR D 116 0.53 40.57 -28.48
C THR D 116 0.03 40.95 -27.09
N ALA D 117 0.37 40.13 -26.10
CA ALA D 117 -0.04 40.39 -24.73
C ALA D 117 0.53 41.72 -24.24
N ARG D 118 -0.35 42.70 -23.98
CA ARG D 118 0.05 44.03 -23.54
C ARG D 118 -0.45 44.41 -22.16
N HIS D 119 -1.70 44.08 -21.81
CA HIS D 119 -2.22 44.43 -20.51
C HIS D 119 -2.97 43.25 -19.91
N LEU D 120 -2.92 43.17 -18.59
CA LEU D 120 -3.62 42.16 -17.82
C LEU D 120 -4.51 42.93 -16.87
N SER D 121 -5.81 42.95 -17.14
CA SER D 121 -6.75 43.69 -16.30
C SER D 121 -7.67 42.71 -15.58
N GLY D 122 -8.05 43.07 -14.36
CA GLY D 122 -8.91 42.18 -13.61
C GLY D 122 -9.41 42.77 -12.31
N ILE D 123 -9.79 41.87 -11.39
CA ILE D 123 -10.37 42.28 -10.12
C ILE D 123 -9.78 41.52 -8.94
N PHE D 124 -10.02 42.09 -7.75
CA PHE D 124 -9.62 41.51 -6.46
C PHE D 124 -10.91 41.23 -5.71
N LEU D 125 -11.12 39.98 -5.32
CA LEU D 125 -12.32 39.57 -4.59
C LEU D 125 -12.03 39.15 -3.17
N ASP D 126 -12.87 39.60 -2.24
CA ASP D 126 -12.76 39.21 -0.84
C ASP D 126 -13.46 37.85 -0.73
N ILE D 127 -12.71 36.82 -0.35
CA ILE D 127 -13.26 35.48 -0.24
C ILE D 127 -13.17 34.97 1.20
N ASP D 128 -13.18 35.90 2.17
CA ASP D 128 -13.13 35.51 3.58
C ASP D 128 -14.28 34.59 3.95
N GLU D 129 -15.48 34.88 3.45
CA GLU D 129 -16.62 34.03 3.76
C GLU D 129 -16.55 32.70 3.03
N GLU D 130 -16.17 32.72 1.75
CA GLU D 130 -16.08 31.48 0.98
C GLU D 130 -15.07 30.52 1.59
N LYS D 131 -13.93 31.04 2.06
CA LYS D 131 -12.95 30.16 2.69
C LYS D 131 -13.45 29.67 4.04
N GLN D 132 -14.35 30.42 4.68
CA GLN D 132 -14.88 29.98 5.96
C GLN D 132 -15.80 28.78 5.77
N VAL D 133 -16.58 28.79 4.69
CA VAL D 133 -17.47 27.67 4.40
C VAL D 133 -16.66 26.42 4.10
N GLU D 134 -15.60 26.57 3.30
CA GLU D 134 -14.74 25.44 2.96
C GLU D 134 -14.19 24.77 4.20
N GLY D 135 -13.73 25.58 5.16
CA GLY D 135 -13.19 25.03 6.39
C GLY D 135 -14.24 24.28 7.20
N ALA D 136 -15.47 24.79 7.20
CA ALA D 136 -16.53 24.11 7.93
C ALA D 136 -16.86 22.78 7.29
N LEU D 137 -16.90 22.74 5.96
CA LEU D 137 -17.19 21.49 5.26
C LEU D 137 -16.08 20.49 5.51
N ARG D 138 -14.84 20.96 5.54
CA ARG D 138 -13.71 20.07 5.78
C ARG D 138 -13.81 19.42 7.16
N THR D 139 -14.21 20.20 8.17
CA THR D 139 -14.35 19.65 9.51
C THR D 139 -15.43 18.58 9.54
N ARG D 140 -16.59 18.87 8.90
CA ARG D 140 -17.68 17.91 8.87
C ARG D 140 -17.27 16.65 8.12
N GLU D 141 -16.50 16.82 7.04
CA GLU D 141 -16.07 15.63 6.32
C GLU D 141 -15.07 14.81 7.14
N THR D 142 -14.22 15.48 7.90
CA THR D 142 -13.29 14.73 8.74
C THR D 142 -14.03 14.01 9.85
N HIS D 143 -15.04 14.66 10.43
CA HIS D 143 -15.78 14.02 11.51
C HIS D 143 -16.58 12.83 10.99
N LEU D 144 -17.14 12.95 9.77
CA LEU D 144 -17.89 11.84 9.18
C LEU D 144 -17.03 10.60 9.05
N ARG D 145 -15.78 10.78 8.60
CA ARG D 145 -14.89 9.63 8.48
C ARG D 145 -14.60 9.04 9.85
N SER D 146 -14.38 9.89 10.86
CA SER D 146 -14.11 9.37 12.19
C SER D 146 -15.28 8.55 12.69
N ILE D 147 -16.51 9.05 12.49
CA ILE D 147 -17.70 8.32 12.90
C ILE D 147 -17.78 6.97 12.20
N LEU D 148 -17.67 6.96 10.87
CA LEU D 148 -17.76 5.72 10.11
C LEU D 148 -16.70 4.71 10.53
N HIS D 149 -15.51 5.19 10.88
CA HIS D 149 -14.46 4.28 11.29
CA HIS D 149 -14.42 4.32 11.31
C HIS D 149 -14.60 3.84 12.73
N THR D 150 -15.19 4.66 13.60
CA THR D 150 -15.30 4.35 15.03
C THR D 150 -16.60 3.78 15.52
N ILE D 151 -17.75 4.11 14.92
CA ILE D 151 -19.02 3.61 15.48
C ILE D 151 -19.02 2.07 15.55
N PRO D 152 -19.30 1.49 16.72
CA PRO D 152 -19.30 0.02 16.84
C PRO D 152 -20.49 -0.64 16.14
N ASP D 153 -21.62 0.03 16.01
CA ASP D 153 -22.72 -0.60 15.31
C ASP D 153 -22.52 -0.34 13.84
N ALA D 154 -23.01 -1.25 13.01
CA ALA D 154 -22.91 -1.08 11.56
C ALA D 154 -23.77 0.12 11.17
N MET D 155 -23.18 1.10 10.49
CA MET D 155 -23.92 2.28 10.07
C MET D 155 -23.99 2.30 8.56
N ILE D 156 -25.21 2.38 8.02
CA ILE D 156 -25.43 2.37 6.58
C ILE D 156 -26.31 3.55 6.22
N VAL D 157 -26.02 4.19 5.08
CA VAL D 157 -26.82 5.32 4.62
C VAL D 157 -27.25 5.02 3.18
N ILE D 158 -28.56 5.11 2.92
CA ILE D 158 -29.13 4.86 1.61
C ILE D 158 -29.89 6.10 1.12
N ASP D 159 -30.13 6.14 -0.20
CA ASP D 159 -30.91 7.22 -0.80
C ASP D 159 -32.38 6.78 -0.84
N GLY D 160 -33.24 7.57 -1.48
CA GLY D 160 -34.65 7.23 -1.53
C GLY D 160 -34.99 6.11 -2.50
N HIS D 161 -33.98 5.32 -2.85
CA HIS D 161 -34.15 4.19 -3.75
C HIS D 161 -33.43 2.95 -3.22
N GLY D 162 -32.90 3.00 -2.00
CA GLY D 162 -32.21 1.86 -1.44
C GLY D 162 -30.77 1.71 -1.85
N ILE D 163 -30.18 2.72 -2.50
CA ILE D 163 -28.78 2.65 -2.94
C ILE D 163 -27.88 3.09 -1.80
N ILE D 164 -26.93 2.23 -1.44
CA ILE D 164 -26.00 2.53 -0.35
C ILE D 164 -25.10 3.70 -0.73
N GLN D 165 -25.08 4.72 0.13
CA GLN D 165 -24.24 5.91 -0.07
C GLN D 165 -23.04 5.92 0.85
N LEU D 166 -23.16 5.33 2.04
CA LEU D 166 -22.10 5.27 3.02
C LEU D 166 -22.25 3.93 3.73
N PHE D 167 -21.12 3.26 3.96
CA PHE D 167 -21.09 1.94 4.57
C PHE D 167 -19.91 1.96 5.54
N SER D 168 -20.21 1.90 6.84
CA SER D 168 -19.26 2.00 7.93
C SER D 168 -18.37 0.77 8.08
N THR D 169 -17.27 0.96 8.81
CA THR D 169 -16.30 -0.09 9.07
C THR D 169 -16.97 -1.30 9.74
N ALA D 170 -17.79 -1.07 10.76
CA ALA D 170 -18.48 -2.16 11.44
C ALA D 170 -19.38 -2.89 10.47
N ALA D 171 -19.96 -2.17 9.49
CA ALA D 171 -20.80 -2.78 8.49
C ALA D 171 -19.98 -3.71 7.60
N GLU D 172 -18.75 -3.29 7.27
CA GLU D 172 -17.87 -4.11 6.48
C GLU D 172 -17.55 -5.42 7.19
N ARG D 173 -17.20 -5.31 8.48
CA ARG D 173 -16.87 -6.51 9.26
C ARG D 173 -18.09 -7.40 9.47
N LEU D 174 -19.29 -6.85 9.43
CA LEU D 174 -20.48 -7.65 9.66
C LEU D 174 -21.02 -8.32 8.41
N PHE D 175 -21.25 -7.55 7.34
CA PHE D 175 -21.83 -8.11 6.13
C PHE D 175 -20.83 -8.68 5.14
N GLY D 176 -19.53 -8.54 5.39
CA GLY D 176 -18.53 -9.08 4.50
C GLY D 176 -18.29 -8.35 3.21
N TRP D 177 -18.79 -7.14 3.05
CA TRP D 177 -18.54 -6.35 1.86
C TRP D 177 -17.65 -5.19 2.26
N SER D 178 -16.98 -4.60 1.30
CA SER D 178 -16.15 -3.45 1.61
C SER D 178 -16.92 -2.21 1.17
N GLU D 179 -16.52 -1.07 1.72
CA GLU D 179 -17.17 0.19 1.38
C GLU D 179 -17.21 0.41 -0.13
N LEU D 180 -16.08 0.17 -0.82
CA LEU D 180 -16.04 0.34 -2.27
C LEU D 180 -16.92 -0.68 -2.98
N GLU D 181 -17.00 -1.90 -2.45
CA GLU D 181 -17.84 -2.93 -3.05
C GLU D 181 -19.32 -2.63 -2.85
N ALA D 182 -19.70 -2.16 -1.66
CA ALA D 182 -21.10 -1.92 -1.32
C ALA D 182 -21.66 -0.58 -1.80
N ILE D 183 -20.87 0.50 -1.78
CA ILE D 183 -21.39 1.79 -2.21
C ILE D 183 -21.85 1.73 -3.67
N GLY D 184 -23.11 2.10 -3.91
CA GLY D 184 -23.68 2.06 -5.24
C GLY D 184 -24.63 0.90 -5.47
N GLN D 185 -24.58 -0.13 -4.63
CA GLN D 185 -25.44 -1.29 -4.69
C GLN D 185 -26.74 -1.01 -3.94
N ASN D 186 -27.74 -1.82 -4.21
CA ASN D 186 -28.99 -1.67 -3.49
C ASN D 186 -28.80 -2.30 -2.12
N VAL D 187 -29.46 -1.72 -1.12
CA VAL D 187 -29.37 -2.24 0.24
C VAL D 187 -29.91 -3.66 0.34
N ASN D 188 -30.69 -4.10 -0.65
CA ASN D 188 -31.25 -5.45 -0.65
C ASN D 188 -30.17 -6.54 -0.70
N ILE D 189 -28.96 -6.23 -1.12
CA ILE D 189 -27.91 -7.25 -1.15
C ILE D 189 -27.51 -7.71 0.25
N LEU D 190 -28.05 -7.10 1.31
CA LEU D 190 -27.71 -7.47 2.67
C LEU D 190 -28.84 -8.23 3.35
N MET D 191 -29.80 -8.73 2.59
CA MET D 191 -30.96 -9.39 3.17
C MET D 191 -31.32 -10.67 2.44
N PRO D 192 -31.95 -11.63 3.13
CA PRO D 192 -32.37 -12.87 2.49
C PRO D 192 -33.76 -12.71 1.88
N GLU D 193 -34.28 -13.76 1.25
CA GLU D 193 -35.61 -13.68 0.70
C GLU D 193 -36.64 -13.94 1.81
N PRO D 194 -37.86 -13.43 1.67
CA PRO D 194 -38.45 -12.64 0.58
C PRO D 194 -38.19 -11.15 0.72
N ASP D 195 -37.62 -10.74 1.85
CA ASP D 195 -37.33 -9.32 2.07
C ASP D 195 -36.52 -8.73 0.92
N ARG D 196 -35.54 -9.50 0.43
CA ARG D 196 -34.66 -9.07 -0.65
C ARG D 196 -35.39 -8.49 -1.85
N SER D 197 -36.46 -9.13 -2.30
CA SER D 197 -37.14 -8.67 -3.50
C SER D 197 -38.26 -7.71 -3.21
N ARG D 198 -38.68 -7.60 -1.97
CA ARG D 198 -39.75 -6.67 -1.62
C ARG D 198 -39.25 -5.35 -1.04
N HIS D 199 -37.95 -5.24 -0.71
CA HIS D 199 -37.45 -4.03 -0.06
C HIS D 199 -37.69 -2.74 -0.84
N ASP D 200 -37.53 -2.76 -2.16
CA ASP D 200 -37.78 -1.54 -2.92
C ASP D 200 -39.22 -1.09 -2.74
N SER D 201 -40.16 -2.04 -2.68
CA SER D 201 -41.55 -1.69 -2.48
C SER D 201 -41.76 -1.11 -1.08
N TYR D 202 -41.05 -1.65 -0.08
CA TYR D 202 -41.17 -1.11 1.28
C TYR D 202 -40.76 0.36 1.32
N ILE D 203 -39.68 0.71 0.63
CA ILE D 203 -39.22 2.10 0.61
C ILE D 203 -40.17 2.98 -0.18
N SER D 204 -40.62 2.53 -1.35
CA SER D 204 -41.53 3.37 -2.15
C SER D 204 -42.89 3.51 -1.49
N ARG D 205 -43.32 2.51 -0.73
CA ARG D 205 -44.61 2.61 -0.04
C ARG D 205 -44.53 3.64 1.07
N TYR D 206 -43.42 3.66 1.80
CA TYR D 206 -43.26 4.62 2.89
C TYR D 206 -43.17 6.05 2.37
N ARG D 207 -42.56 6.26 1.21
CA ARG D 207 -42.42 7.60 0.65
C ARG D 207 -43.73 8.18 0.15
N THR D 208 -44.80 7.37 0.07
CA THR D 208 -46.10 7.84 -0.38
C THR D 208 -47.10 8.02 0.75
N THR D 209 -47.20 7.05 1.67
CA THR D 209 -48.14 7.17 2.79
C THR D 209 -47.79 8.32 3.71
N SER D 210 -46.50 8.63 3.86
CA SER D 210 -46.01 9.70 4.73
C SER D 210 -46.51 9.54 6.16
N ASP D 211 -46.31 8.35 6.72
CA ASP D 211 -46.72 8.02 8.08
C ASP D 211 -45.65 7.13 8.69
N PRO D 212 -45.52 7.14 10.03
CA PRO D 212 -44.48 6.33 10.66
C PRO D 212 -44.74 4.82 10.65
N HIS D 213 -44.60 4.20 9.47
CA HIS D 213 -44.82 2.76 9.36
C HIS D 213 -43.81 1.99 10.22
N ILE D 214 -42.52 2.10 9.90
CA ILE D 214 -41.49 1.41 10.66
C ILE D 214 -40.42 2.37 11.18
N ILE D 215 -40.20 3.53 10.55
CA ILE D 215 -39.21 4.50 11.02
C ILE D 215 -39.59 5.01 12.41
N GLY D 216 -38.58 5.11 13.28
CA GLY D 216 -38.82 5.53 14.64
C GLY D 216 -39.17 4.38 15.55
N ILE D 217 -39.12 3.15 15.03
CA ILE D 217 -39.42 1.94 15.77
C ILE D 217 -38.34 0.93 15.40
N GLY D 218 -37.74 0.30 16.39
CA GLY D 218 -36.72 -0.67 16.10
C GLY D 218 -37.27 -2.07 16.15
N ARG D 219 -37.39 -2.71 15.00
CA ARG D 219 -37.90 -4.08 14.89
C ARG D 219 -36.74 -5.03 14.67
N ILE D 220 -36.98 -6.31 14.94
CA ILE D 220 -35.96 -7.34 14.75
C ILE D 220 -36.16 -7.96 13.37
N VAL D 221 -35.12 -7.94 12.56
CA VAL D 221 -35.17 -8.43 11.18
C VAL D 221 -33.99 -9.38 10.94
N THR D 222 -33.95 -10.01 9.78
CA THR D 222 -32.88 -10.95 9.47
C THR D 222 -31.99 -10.40 8.37
N GLY D 223 -30.67 -10.40 8.62
CA GLY D 223 -29.71 -9.93 7.64
C GLY D 223 -28.93 -11.08 7.05
N LYS D 224 -28.37 -10.90 5.86
CA LYS D 224 -27.59 -11.93 5.17
C LYS D 224 -26.22 -11.38 4.83
N ARG D 225 -25.17 -12.07 5.30
CA ARG D 225 -23.80 -11.67 5.00
C ARG D 225 -23.45 -12.04 3.55
N ARG D 226 -22.25 -11.67 3.12
CA ARG D 226 -21.84 -12.00 1.76
C ARG D 226 -21.71 -13.50 1.56
N ASP D 227 -21.26 -14.24 2.58
CA ASP D 227 -21.13 -15.70 2.49
C ASP D 227 -22.47 -16.35 2.19
N GLY D 228 -23.56 -15.72 2.56
CA GLY D 228 -24.89 -16.25 2.40
C GLY D 228 -25.51 -16.60 3.73
N THR D 229 -24.67 -16.70 4.75
CA THR D 229 -25.11 -16.99 6.11
C THR D 229 -26.00 -15.83 6.61
N THR D 230 -26.90 -16.13 7.53
CA THR D 230 -27.82 -15.13 8.06
C THR D 230 -27.63 -14.94 9.56
N PHE D 231 -28.29 -13.91 10.09
CA PHE D 231 -28.20 -13.56 11.51
C PHE D 231 -29.32 -12.58 11.88
N PRO D 232 -29.75 -12.54 13.15
CA PRO D 232 -30.82 -11.61 13.54
C PRO D 232 -30.24 -10.26 13.89
N MET D 233 -31.02 -9.22 13.63
CA MET D 233 -30.55 -7.87 13.87
C MET D 233 -31.71 -6.91 14.11
N HIS D 234 -31.42 -5.91 14.92
CA HIS D 234 -32.33 -4.83 15.27
C HIS D 234 -31.80 -3.62 14.53
N LEU D 235 -32.69 -2.83 13.93
CA LEU D 235 -32.21 -1.69 13.18
C LEU D 235 -33.00 -0.42 13.47
N SER D 236 -32.28 0.67 13.70
CA SER D 236 -32.88 1.99 13.91
C SER D 236 -32.66 2.81 12.65
N ILE D 237 -33.68 3.51 12.19
CA ILE D 237 -33.62 4.31 10.98
C ILE D 237 -33.88 5.76 11.33
N GLY D 238 -33.25 6.66 10.57
CA GLY D 238 -33.40 8.09 10.72
C GLY D 238 -33.48 8.70 9.33
N GLU D 239 -34.52 9.47 9.05
CA GLU D 239 -34.70 10.11 7.75
C GLU D 239 -34.21 11.55 7.76
N MET D 240 -33.76 12.02 6.60
CA MET D 240 -33.29 13.38 6.42
C MET D 240 -33.58 13.79 4.99
N GLN D 241 -33.56 15.10 4.74
CA GLN D 241 -33.81 15.63 3.40
C GLN D 241 -32.64 16.51 2.98
N SER D 242 -32.29 16.46 1.69
CA SER D 242 -31.21 17.28 1.18
C SER D 242 -31.30 17.32 -0.33
N GLY D 243 -31.25 18.53 -0.88
CA GLY D 243 -31.32 18.73 -2.33
C GLY D 243 -32.53 18.12 -3.01
N GLY D 244 -33.65 18.03 -2.31
CA GLY D 244 -34.85 17.48 -2.91
C GLY D 244 -34.97 15.98 -2.83
N GLU D 245 -34.00 15.30 -2.23
CA GLU D 245 -34.01 13.86 -2.12
C GLU D 245 -33.89 13.45 -0.66
N PRO D 246 -34.57 12.39 -0.24
CA PRO D 246 -34.47 11.92 1.14
C PRO D 246 -33.33 10.90 1.29
N TYR D 247 -32.85 10.77 2.51
CA TYR D 247 -31.78 9.83 2.85
C TYR D 247 -32.11 9.17 4.18
N PHE D 248 -31.71 7.91 4.31
CA PHE D 248 -31.97 7.14 5.52
C PHE D 248 -30.65 6.63 6.09
N THR D 249 -30.49 6.77 7.40
CA THR D 249 -29.27 6.34 8.07
C THR D 249 -29.68 5.23 9.03
N GLY D 250 -29.18 4.02 8.80
CA GLY D 250 -29.51 2.89 9.64
C GLY D 250 -28.38 2.52 10.58
N PHE D 251 -28.75 2.09 11.78
CA PHE D 251 -27.80 1.61 12.79
C PHE D 251 -28.19 0.17 13.07
N VAL D 252 -27.28 -0.76 12.77
CA VAL D 252 -27.52 -2.19 12.89
C VAL D 252 -26.90 -2.74 14.15
N ARG D 253 -27.69 -3.50 14.92
CA ARG D 253 -27.23 -4.18 16.14
C ARG D 253 -27.36 -5.69 15.92
N ASP D 254 -26.21 -6.37 15.88
CA ASP D 254 -26.20 -7.83 15.71
C ASP D 254 -26.76 -8.46 16.98
N LEU D 255 -27.81 -9.26 16.84
CA LEU D 255 -28.47 -9.90 17.98
C LEU D 255 -28.11 -11.37 18.13
N THR D 256 -27.13 -11.86 17.38
CA THR D 256 -26.74 -13.26 17.50
C THR D 256 -26.34 -13.61 18.93
N GLU D 257 -25.38 -12.85 19.49
CA GLU D 257 -24.92 -13.10 20.84
C GLU D 257 -26.02 -12.94 21.87
N HIS D 258 -26.90 -11.94 21.67
CA HIS D 258 -27.99 -11.70 22.61
C HIS D 258 -28.98 -12.85 22.63
N GLN D 259 -29.34 -13.37 21.46
CA GLN D 259 -30.29 -14.47 21.41
C GLN D 259 -29.68 -15.76 21.93
N GLN D 260 -28.39 -16.00 21.67
CA GLN D 260 -27.76 -17.22 22.15
C GLN D 260 -27.77 -17.28 23.67
N THR D 261 -27.42 -16.18 24.34
CA THR D 261 -27.43 -16.21 25.79
C THR D 261 -28.85 -16.18 26.33
N GLN D 262 -29.79 -15.57 25.59
CA GLN D 262 -31.17 -15.56 26.01
C GLN D 262 -31.80 -16.94 25.83
N ALA D 263 -31.33 -17.68 24.82
CA ALA D 263 -31.85 -19.03 24.59
C ALA D 263 -31.40 -19.98 25.68
N ARG D 264 -30.13 -19.89 26.09
CA ARG D 264 -29.64 -20.76 27.14
C ARG D 264 -30.15 -20.35 28.51
N LEU D 265 -30.53 -19.07 28.68
CA LEU D 265 -31.09 -18.64 29.95
C LEU D 265 -32.44 -19.31 30.17
N GLN D 266 -33.33 -19.23 29.18
CA GLN D 266 -34.64 -19.85 29.29
C GLN D 266 -34.57 -21.37 29.15
N GLU D 267 -33.46 -21.89 28.60
CA GLU D 267 -33.34 -23.34 28.46
C GLU D 267 -33.00 -24.00 29.78
N LEU D 268 -32.33 -23.29 30.69
CA LEU D 268 -32.01 -23.86 31.99
C LEU D 268 -32.74 -23.16 33.13
N GLN D 269 -33.66 -22.25 32.82
CA GLN D 269 -34.45 -21.59 33.85
C GLN D 269 -35.75 -22.35 34.08
N SER D 270 -36.09 -23.24 33.14
CA SER D 270 -37.28 -24.08 33.22
C SER D 270 -36.95 -25.54 33.44
N GLU D 271 -35.71 -25.95 33.20
CA GLU D 271 -35.28 -27.33 33.38
C GLU D 271 -34.48 -27.55 34.66
N LEU D 272 -33.99 -26.47 35.28
CA LEU D 272 -33.24 -26.55 36.53
C LEU D 272 -34.07 -26.15 37.74
N VAL D 273 -35.35 -25.84 37.54
CA VAL D 273 -36.23 -25.45 38.65
C VAL D 273 -37.42 -26.41 38.73
N GLY E 23 -9.17 -40.67 -10.89
CA GLY E 23 -8.16 -39.79 -11.45
C GLY E 23 -6.94 -40.54 -11.93
N PHE E 24 -5.87 -40.55 -11.14
CA PHE E 24 -4.63 -41.27 -11.49
C PHE E 24 -4.10 -40.81 -12.85
N GLY E 25 -3.69 -39.55 -12.89
CA GLY E 25 -3.21 -38.98 -14.14
C GLY E 25 -1.86 -39.46 -14.63
N VAL E 26 -1.41 -40.60 -14.12
CA VAL E 26 -0.16 -41.23 -14.52
C VAL E 26 -0.54 -42.44 -15.37
N GLY E 27 0.11 -42.60 -16.53
CA GLY E 27 -0.19 -43.71 -17.41
C GLY E 27 0.59 -44.97 -17.03
N THR E 28 0.12 -46.12 -17.54
CA THR E 28 0.77 -47.39 -17.27
C THR E 28 0.95 -48.19 -18.55
N TRP E 29 2.01 -48.99 -18.60
CA TRP E 29 2.32 -49.81 -19.76
C TRP E 29 3.03 -51.08 -19.32
N ASP E 30 2.98 -52.10 -20.17
CA ASP E 30 3.61 -53.37 -19.88
C ASP E 30 3.93 -54.08 -21.19
N LEU E 31 5.16 -54.59 -21.32
CA LEU E 31 5.57 -55.34 -22.50
C LEU E 31 6.32 -56.60 -22.08
N ASP E 32 6.31 -57.59 -22.96
CA ASP E 32 6.99 -58.85 -22.73
C ASP E 32 8.26 -58.90 -23.57
N LEU E 33 9.36 -59.38 -22.96
CA LEU E 33 10.62 -59.48 -23.68
C LEU E 33 10.49 -60.45 -24.84
N LYS E 34 9.76 -61.55 -24.62
CA LYS E 34 9.48 -62.53 -25.65
C LYS E 34 8.09 -62.18 -26.19
N THR E 35 7.97 -62.17 -27.52
CA THR E 35 6.83 -61.83 -28.39
C THR E 35 6.59 -60.33 -28.58
N TRP E 36 7.37 -59.46 -27.91
CA TRP E 36 7.30 -58.00 -28.04
C TRP E 36 5.91 -57.38 -28.09
N ALA E 37 4.99 -57.83 -27.24
CA ALA E 37 3.64 -57.30 -27.22
C ALA E 37 3.51 -56.34 -26.05
N LEU E 38 2.83 -55.22 -26.28
CA LEU E 38 2.66 -54.20 -25.25
C LEU E 38 1.19 -53.82 -25.10
N ASP E 39 0.80 -53.55 -23.86
CA ASP E 39 -0.55 -53.11 -23.51
C ASP E 39 -0.39 -51.89 -22.63
N TRP E 40 -0.88 -50.74 -23.11
CA TRP E 40 -0.78 -49.51 -22.35
C TRP E 40 -2.15 -49.05 -21.87
N SER E 41 -2.13 -48.25 -20.80
CA SER E 41 -3.35 -47.71 -20.21
C SER E 41 -3.98 -46.66 -21.11
N ASP E 42 -5.28 -46.44 -20.89
CA ASP E 42 -5.99 -45.41 -21.63
C ASP E 42 -5.36 -44.05 -21.36
N THR E 43 -5.00 -43.81 -20.10
CA THR E 43 -4.33 -42.59 -19.70
C THR E 43 -2.96 -42.46 -20.36
N ALA E 44 -2.36 -43.58 -20.76
CA ALA E 44 -1.06 -43.55 -21.41
C ALA E 44 -1.19 -43.19 -22.89
N ARG E 45 -2.30 -43.57 -23.52
CA ARG E 45 -2.51 -43.23 -24.93
C ARG E 45 -2.54 -41.72 -25.13
N THR E 46 -3.23 -41.01 -24.25
CA THR E 46 -3.34 -39.56 -24.35
C THR E 46 -1.98 -38.89 -24.20
N LEU E 47 -1.13 -39.41 -23.31
CA LEU E 47 0.21 -38.85 -23.11
C LEU E 47 1.05 -38.91 -24.39
N LEU E 48 0.91 -39.99 -25.16
CA LEU E 48 1.68 -40.11 -26.38
C LEU E 48 1.13 -39.28 -27.54
N GLY E 49 -0.02 -38.63 -27.35
CA GLY E 49 -0.61 -37.80 -28.39
C GLY E 49 -1.20 -38.55 -29.54
N ILE E 50 -1.46 -39.85 -29.38
CA ILE E 50 -2.06 -40.67 -30.42
C ILE E 50 -2.68 -41.88 -29.74
N GLY E 51 -3.63 -42.52 -30.41
CA GLY E 51 -4.24 -43.68 -29.80
C GLY E 51 -5.73 -43.62 -29.49
N GLN E 52 -6.49 -42.82 -30.24
CA GLN E 52 -7.93 -42.76 -29.99
C GLN E 52 -8.58 -44.12 -30.27
N ASP E 53 -8.21 -44.76 -31.39
CA ASP E 53 -8.74 -46.07 -31.74
C ASP E 53 -7.70 -47.09 -32.17
N GLN E 54 -6.46 -46.67 -32.46
CA GLN E 54 -5.44 -47.62 -32.86
C GLN E 54 -5.05 -48.48 -31.65
N PRO E 55 -4.73 -49.75 -31.88
CA PRO E 55 -4.37 -50.62 -30.76
C PRO E 55 -2.94 -50.42 -30.32
N ALA E 56 -2.67 -50.85 -29.09
CA ALA E 56 -1.33 -50.75 -28.53
C ALA E 56 -0.36 -51.60 -29.34
N SER E 57 0.81 -51.05 -29.62
CA SER E 57 1.82 -51.75 -30.39
C SER E 57 3.18 -51.14 -30.09
N TYR E 58 4.19 -51.99 -29.99
CA TYR E 58 5.54 -51.52 -29.73
C TYR E 58 6.03 -50.64 -30.88
N ASP E 59 5.67 -51.01 -32.12
CA ASP E 59 6.07 -50.25 -33.29
C ASP E 59 5.47 -48.84 -33.25
N LEU E 60 4.18 -48.74 -32.92
CA LEU E 60 3.52 -47.45 -32.83
C LEU E 60 4.16 -46.58 -31.77
N PHE E 61 4.59 -47.20 -30.66
CA PHE E 61 5.24 -46.47 -29.58
C PHE E 61 6.50 -45.78 -30.05
N LEU E 62 7.38 -46.52 -30.74
CA LEU E 62 8.61 -45.92 -31.24
C LEU E 62 8.35 -44.96 -32.39
N SER E 63 7.15 -44.95 -32.96
CA SER E 63 6.85 -44.04 -34.05
C SER E 63 6.48 -42.66 -33.55
N ARG E 64 6.17 -42.53 -32.27
CA ARG E 64 5.83 -41.25 -31.69
C ARG E 64 7.06 -40.48 -31.21
N LEU E 65 8.10 -41.19 -30.80
CA LEU E 65 9.32 -40.55 -30.33
C LEU E 65 10.16 -40.08 -31.52
N GLU E 66 11.12 -39.22 -31.22
CA GLU E 66 12.06 -38.71 -32.22
C GLU E 66 13.21 -39.72 -32.36
N PRO E 67 14.03 -39.61 -33.42
CA PRO E 67 15.11 -40.60 -33.58
C PRO E 67 16.15 -40.66 -32.47
N ASP E 68 16.54 -39.52 -31.89
CA ASP E 68 17.54 -39.51 -30.82
C ASP E 68 17.08 -40.29 -29.59
N ASP E 69 15.81 -40.16 -29.21
CA ASP E 69 15.32 -40.83 -28.01
C ASP E 69 14.98 -42.29 -28.25
N ARG E 70 14.36 -42.63 -29.38
CA ARG E 70 14.03 -44.03 -29.67
C ARG E 70 15.27 -44.91 -29.61
N GLU E 71 16.41 -44.40 -30.07
CA GLU E 71 17.66 -45.15 -30.00
C GLU E 71 18.05 -45.32 -28.53
N ARG E 72 17.86 -44.26 -27.74
CA ARG E 72 18.18 -44.30 -26.32
C ARG E 72 17.30 -45.31 -25.58
N VAL E 73 16.03 -45.38 -25.95
CA VAL E 73 15.13 -46.35 -25.31
C VAL E 73 15.55 -47.76 -25.66
N GLU E 74 15.95 -47.98 -26.92
CA GLU E 74 16.39 -49.30 -27.36
C GLU E 74 17.61 -49.77 -26.56
N SER E 75 18.59 -48.88 -26.36
CA SER E 75 19.77 -49.25 -25.58
C SER E 75 19.38 -49.52 -24.13
N ALA E 76 18.42 -48.74 -23.62
CA ALA E 76 17.93 -48.91 -22.25
C ALA E 76 17.26 -50.26 -22.06
N ILE E 77 16.35 -50.65 -22.96
CA ILE E 77 15.68 -51.94 -22.82
C ILE E 77 16.67 -53.07 -22.94
N LYS E 78 17.68 -52.92 -23.81
CA LYS E 78 18.71 -53.95 -23.94
C LYS E 78 19.46 -54.08 -22.63
N ARG E 79 19.72 -52.94 -21.97
CA ARG E 79 20.41 -52.94 -20.67
C ARG E 79 19.62 -53.72 -19.63
N VAL E 80 18.30 -53.55 -19.61
CA VAL E 80 17.48 -54.29 -18.65
C VAL E 80 17.32 -55.75 -19.05
N SER E 81 17.56 -56.10 -20.32
CA SER E 81 17.44 -57.48 -20.76
C SER E 81 18.55 -58.34 -20.15
N GLU E 82 19.76 -57.78 -20.06
CA GLU E 82 20.93 -58.45 -19.48
C GLU E 82 21.23 -57.66 -18.21
N ARG E 83 20.81 -58.20 -17.06
CA ARG E 83 20.88 -57.62 -15.72
C ARG E 83 19.84 -56.51 -15.66
N GLY E 84 20.24 -55.32 -15.24
CA GLY E 84 19.31 -54.22 -15.20
C GLY E 84 18.67 -53.89 -13.87
N GLY E 85 19.11 -52.80 -13.26
CA GLY E 85 18.57 -52.34 -12.00
C GLY E 85 17.46 -51.36 -12.30
N GLY E 86 16.40 -51.85 -12.94
CA GLY E 86 15.28 -51.01 -13.33
C GLY E 86 15.55 -50.36 -14.67
N PHE E 87 14.62 -49.50 -15.08
CA PHE E 87 14.75 -48.81 -16.37
C PHE E 87 13.95 -47.52 -16.31
N ASP E 88 14.64 -46.39 -16.43
CA ASP E 88 13.96 -45.10 -16.45
C ASP E 88 14.67 -44.15 -17.41
N VAL E 89 13.94 -43.67 -18.41
CA VAL E 89 14.45 -42.75 -19.41
C VAL E 89 13.36 -41.71 -19.68
N SER E 90 13.80 -40.53 -20.10
CA SER E 90 12.86 -39.45 -20.38
C SER E 90 12.97 -39.03 -21.85
N PHE E 91 11.85 -38.58 -22.40
CA PHE E 91 11.81 -38.17 -23.80
C PHE E 91 10.67 -37.18 -24.02
N ARG E 92 10.73 -36.50 -25.16
CA ARG E 92 9.73 -35.51 -25.55
C ARG E 92 9.03 -35.99 -26.83
N VAL E 93 7.71 -35.85 -26.86
CA VAL E 93 6.90 -36.27 -28.00
C VAL E 93 6.44 -35.02 -28.74
N ALA E 94 5.97 -35.21 -29.98
CA ALA E 94 5.52 -34.12 -30.83
C ALA E 94 4.00 -33.96 -30.86
N GLY E 95 3.33 -34.25 -29.73
CA GLY E 95 1.88 -34.15 -29.57
C GLY E 95 1.18 -32.95 -30.19
N THR E 96 1.77 -31.77 -30.01
CA THR E 96 1.20 -30.54 -30.54
C THR E 96 2.22 -29.82 -31.41
N SER E 97 1.71 -28.94 -32.28
CA SER E 97 2.53 -28.16 -33.20
C SER E 97 3.64 -27.36 -32.50
N ASN E 98 3.27 -26.52 -31.54
CA ASN E 98 4.24 -25.65 -30.85
C ASN E 98 4.55 -26.10 -29.43
N ALA E 99 4.29 -27.35 -29.08
CA ALA E 99 4.59 -27.83 -27.74
C ALA E 99 4.81 -29.33 -27.79
N GLY E 100 5.54 -29.83 -26.80
CA GLY E 100 5.84 -31.24 -26.72
C GLY E 100 5.47 -31.83 -25.38
N GLN E 101 5.13 -33.11 -25.41
CA GLN E 101 4.76 -33.83 -24.20
C GLN E 101 5.99 -34.47 -23.59
N TRP E 102 6.43 -33.95 -22.45
CA TRP E 102 7.57 -34.53 -21.78
C TRP E 102 7.07 -35.70 -20.93
N ILE E 103 7.69 -36.87 -21.09
CA ILE E 103 7.30 -38.08 -20.39
C ILE E 103 8.52 -38.76 -19.79
N ARG E 104 8.39 -39.22 -18.55
CA ARG E 104 9.44 -39.97 -17.86
C ARG E 104 8.90 -41.38 -17.71
N ALA E 105 9.46 -42.32 -18.47
CA ALA E 105 9.04 -43.71 -18.45
C ALA E 105 9.93 -44.51 -17.50
N ARG E 106 9.34 -45.08 -16.46
CA ARG E 106 10.05 -45.88 -15.47
C ARG E 106 9.43 -47.26 -15.40
N ALA E 107 10.26 -48.29 -15.18
CA ALA E 107 9.77 -49.66 -15.13
C ALA E 107 10.61 -50.53 -14.21
N GLY E 108 10.05 -51.69 -13.88
CA GLY E 108 10.71 -52.65 -13.02
C GLY E 108 10.62 -54.04 -13.61
N LEU E 109 11.67 -54.83 -13.35
CA LEU E 109 11.76 -56.18 -13.86
C LEU E 109 11.03 -57.19 -12.96
N ILE E 110 10.32 -58.12 -13.60
CA ILE E 110 9.60 -59.19 -12.92
C ILE E 110 9.79 -60.49 -13.73
N ARG E 111 10.55 -61.43 -13.18
CA ARG E 111 10.83 -62.69 -13.85
C ARG E 111 9.75 -63.73 -13.61
N ASP E 112 9.56 -64.63 -14.58
CA ASP E 112 8.54 -65.67 -14.47
C ASP E 112 8.86 -66.66 -13.36
N GLU E 113 10.10 -67.13 -13.31
CA GLU E 113 10.63 -68.07 -12.34
C GLU E 113 12.14 -67.84 -12.32
N ALA E 114 12.88 -68.74 -11.68
CA ALA E 114 14.33 -68.63 -11.65
C ALA E 114 14.95 -68.67 -13.04
N GLY E 115 14.23 -69.22 -14.02
CA GLY E 115 14.70 -69.36 -15.38
C GLY E 115 15.04 -68.13 -16.21
N THR E 116 14.08 -67.24 -16.46
CA THR E 116 14.33 -66.07 -17.30
C THR E 116 13.44 -64.90 -16.88
N ALA E 117 13.67 -63.77 -17.54
CA ALA E 117 12.92 -62.54 -17.36
C ALA E 117 12.02 -62.43 -18.59
N ARG E 118 10.71 -62.53 -18.39
CA ARG E 118 9.80 -62.52 -19.53
C ARG E 118 9.05 -61.21 -19.79
N HIS E 119 8.89 -60.33 -18.80
CA HIS E 119 8.13 -59.10 -19.09
C HIS E 119 8.48 -57.97 -18.13
N LEU E 120 8.93 -56.84 -18.69
CA LEU E 120 9.25 -55.64 -17.93
C LEU E 120 8.02 -54.74 -17.93
N SER E 121 7.55 -54.36 -16.75
CA SER E 121 6.36 -53.52 -16.62
C SER E 121 6.68 -52.22 -15.89
N GLY E 122 5.96 -51.16 -16.25
CA GLY E 122 6.18 -49.87 -15.63
C GLY E 122 5.06 -48.86 -15.82
N ILE E 123 5.42 -47.57 -15.75
CA ILE E 123 4.48 -46.47 -15.85
C ILE E 123 5.04 -45.34 -16.72
N PHE E 124 4.16 -44.38 -17.02
CA PHE E 124 4.48 -43.20 -17.81
C PHE E 124 4.07 -42.00 -16.95
N LEU E 125 5.03 -41.15 -16.64
CA LEU E 125 4.78 -39.98 -15.81
C LEU E 125 4.92 -38.71 -16.64
N ASP E 126 4.04 -37.74 -16.38
CA ASP E 126 4.13 -36.48 -17.09
C ASP E 126 5.17 -35.63 -16.37
N ILE E 127 6.12 -35.09 -17.14
CA ILE E 127 7.17 -34.27 -16.55
C ILE E 127 7.23 -32.91 -17.20
N ASP E 128 6.12 -32.43 -17.74
CA ASP E 128 6.11 -31.10 -18.35
C ASP E 128 6.41 -30.02 -17.30
N GLU E 129 5.89 -30.18 -16.09
CA GLU E 129 6.17 -29.22 -15.04
C GLU E 129 7.60 -29.40 -14.54
N GLU E 130 8.02 -30.65 -14.36
CA GLU E 130 9.38 -30.93 -13.90
C GLU E 130 10.42 -30.36 -14.85
N LYS E 131 10.15 -30.40 -16.15
CA LYS E 131 11.13 -29.86 -17.09
C LYS E 131 11.03 -28.35 -17.24
N GLN E 132 9.87 -27.76 -16.94
CA GLN E 132 9.77 -26.31 -17.02
C GLN E 132 10.64 -25.67 -15.95
N VAL E 133 10.69 -26.30 -14.77
CA VAL E 133 11.53 -25.82 -13.68
C VAL E 133 13.00 -25.94 -14.05
N GLU E 134 13.37 -27.07 -14.67
CA GLU E 134 14.75 -27.30 -15.10
C GLU E 134 15.20 -26.20 -16.05
N GLY E 135 14.36 -25.89 -17.04
CA GLY E 135 14.69 -24.84 -17.99
C GLY E 135 14.81 -23.49 -17.32
N ALA E 136 13.91 -23.20 -16.38
CA ALA E 136 13.95 -21.93 -15.68
C ALA E 136 15.24 -21.79 -14.87
N LEU E 137 15.62 -22.85 -14.16
CA LEU E 137 16.87 -22.84 -13.38
C LEU E 137 18.06 -22.64 -14.28
N ARG E 138 18.07 -23.32 -15.43
CA ARG E 138 19.18 -23.20 -16.38
C ARG E 138 19.34 -21.78 -16.88
N THR E 139 18.22 -21.11 -17.20
CA THR E 139 18.30 -19.72 -17.67
C THR E 139 18.88 -18.82 -16.59
N ARG E 140 18.39 -18.97 -15.35
CA ARG E 140 18.88 -18.15 -14.25
C ARG E 140 20.36 -18.40 -13.98
N GLU E 141 20.80 -19.66 -14.00
CA GLU E 141 22.21 -19.94 -13.78
C GLU E 141 23.05 -19.40 -14.93
N THR E 142 22.52 -19.45 -16.15
CA THR E 142 23.26 -18.89 -17.28
C THR E 142 23.35 -17.37 -17.13
N HIS E 143 22.24 -16.74 -16.75
CA HIS E 143 22.24 -15.28 -16.58
C HIS E 143 23.20 -14.86 -15.47
N LEU E 144 23.25 -15.64 -14.37
CA LEU E 144 24.15 -15.31 -13.27
C LEU E 144 25.59 -15.27 -13.77
N ARG E 145 25.97 -16.25 -14.58
CA ARG E 145 27.32 -16.26 -15.13
C ARG E 145 27.56 -15.02 -15.98
N SER E 146 26.58 -14.66 -16.82
CA SER E 146 26.70 -13.48 -17.67
C SER E 146 26.89 -12.22 -16.85
N ILE E 147 26.17 -12.09 -15.72
CA ILE E 147 26.32 -10.90 -14.89
C ILE E 147 27.70 -10.87 -14.28
N LEU E 148 28.15 -12.00 -13.72
CA LEU E 148 29.46 -12.06 -13.10
C LEU E 148 30.60 -11.71 -14.06
N HIS E 149 30.45 -12.02 -15.34
CA HIS E 149 31.50 -11.75 -16.31
CA HIS E 149 31.52 -11.74 -16.30
C HIS E 149 31.42 -10.37 -16.94
N THR E 150 30.23 -9.77 -16.98
CA THR E 150 30.03 -8.47 -17.62
C THR E 150 29.96 -7.27 -16.69
N ILE E 151 29.51 -7.44 -15.45
CA ILE E 151 29.36 -6.31 -14.52
C ILE E 151 30.63 -5.48 -14.35
N PRO E 152 30.56 -4.18 -14.69
CA PRO E 152 31.74 -3.30 -14.53
C PRO E 152 32.28 -3.24 -13.11
N ASP E 153 31.43 -3.03 -12.12
CA ASP E 153 31.96 -2.95 -10.77
C ASP E 153 32.14 -4.36 -10.20
N ALA E 154 33.03 -4.46 -9.21
CA ALA E 154 33.28 -5.74 -8.57
C ALA E 154 32.04 -6.18 -7.79
N MET E 155 31.59 -7.41 -8.03
CA MET E 155 30.43 -7.96 -7.35
C MET E 155 30.88 -9.17 -6.52
N ILE E 156 30.53 -9.19 -5.24
CA ILE E 156 30.93 -10.25 -4.32
C ILE E 156 29.72 -10.70 -3.53
N VAL E 157 29.62 -12.00 -3.27
CA VAL E 157 28.52 -12.54 -2.51
C VAL E 157 29.08 -13.38 -1.37
N ILE E 158 28.66 -13.07 -0.15
CA ILE E 158 29.10 -13.78 1.05
C ILE E 158 27.89 -14.38 1.74
N ASP E 159 28.16 -15.36 2.60
CA ASP E 159 27.14 -16.01 3.40
C ASP E 159 27.07 -15.29 4.75
N GLY E 160 26.21 -15.80 5.66
CA GLY E 160 26.05 -15.19 6.97
C GLY E 160 27.27 -15.24 7.86
N HIS E 161 28.35 -15.88 7.42
CA HIS E 161 29.57 -15.97 8.21
C HIS E 161 30.73 -15.30 7.50
N GLY E 162 30.46 -14.50 6.48
CA GLY E 162 31.52 -13.80 5.77
C GLY E 162 32.30 -14.62 4.78
N ILE E 163 31.91 -15.87 4.51
CA ILE E 163 32.63 -16.70 3.55
C ILE E 163 32.16 -16.39 2.13
N ILE E 164 33.11 -16.04 1.26
CA ILE E 164 32.81 -15.68 -0.13
C ILE E 164 32.19 -16.84 -0.89
N GLN E 165 31.09 -16.55 -1.60
CA GLN E 165 30.39 -17.53 -2.41
C GLN E 165 30.50 -17.27 -3.90
N LEU E 166 30.54 -16.01 -4.32
CA LEU E 166 30.65 -15.63 -5.71
C LEU E 166 31.66 -14.50 -5.80
N PHE E 167 32.41 -14.45 -6.90
CA PHE E 167 33.44 -13.42 -7.09
C PHE E 167 33.50 -13.11 -8.58
N SER E 168 32.94 -11.96 -8.97
CA SER E 168 32.86 -11.58 -10.38
C SER E 168 34.25 -11.33 -10.96
N THR E 169 34.31 -11.20 -12.30
CA THR E 169 35.59 -10.98 -12.96
C THR E 169 36.20 -9.63 -12.61
N ALA E 170 35.36 -8.60 -12.43
CA ALA E 170 35.87 -7.29 -12.03
C ALA E 170 36.51 -7.36 -10.66
N ALA E 171 35.98 -8.24 -9.77
CA ALA E 171 36.55 -8.43 -8.45
C ALA E 171 37.93 -9.07 -8.55
N GLU E 172 38.14 -9.88 -9.59
CA GLU E 172 39.43 -10.51 -9.82
C GLU E 172 40.45 -9.48 -10.27
N ARG E 173 40.07 -8.62 -11.23
CA ARG E 173 40.97 -7.59 -11.73
C ARG E 173 41.24 -6.48 -10.71
N LEU E 174 40.45 -6.40 -9.63
CA LEU E 174 40.64 -5.36 -8.63
C LEU E 174 41.37 -5.87 -7.40
N PHE E 175 40.89 -6.94 -6.79
CA PHE E 175 41.52 -7.47 -5.60
C PHE E 175 42.71 -8.38 -5.90
N GLY E 176 42.92 -8.76 -7.16
CA GLY E 176 44.02 -9.62 -7.51
C GLY E 176 43.90 -11.08 -7.12
N TRP E 177 42.69 -11.56 -6.87
CA TRP E 177 42.43 -12.95 -6.50
C TRP E 177 41.54 -13.58 -7.55
N SER E 178 41.85 -14.82 -7.92
CA SER E 178 40.97 -15.47 -8.88
C SER E 178 39.74 -15.99 -8.15
N GLU E 179 38.67 -16.21 -8.92
CA GLU E 179 37.42 -16.71 -8.33
C GLU E 179 37.64 -18.02 -7.58
N LEU E 180 38.46 -18.92 -8.12
CA LEU E 180 38.70 -20.19 -7.45
C LEU E 180 39.53 -20.00 -6.20
N GLU E 181 40.41 -19.00 -6.21
CA GLU E 181 41.25 -18.71 -5.04
C GLU E 181 40.46 -18.03 -3.95
N ALA E 182 39.55 -17.13 -4.34
CA ALA E 182 38.76 -16.35 -3.39
C ALA E 182 37.59 -17.12 -2.79
N ILE E 183 36.81 -17.85 -3.61
CA ILE E 183 35.64 -18.58 -3.11
C ILE E 183 36.03 -19.56 -2.00
N GLY E 184 35.31 -19.47 -0.88
CA GLY E 184 35.55 -20.29 0.28
C GLY E 184 36.35 -19.60 1.36
N GLN E 185 37.01 -18.50 1.03
CA GLN E 185 37.77 -17.73 1.99
C GLN E 185 36.86 -16.68 2.62
N ASN E 186 37.30 -16.14 3.75
CA ASN E 186 36.52 -15.09 4.42
C ASN E 186 36.75 -13.80 3.65
N VAL E 187 35.68 -13.00 3.54
CA VAL E 187 35.76 -11.72 2.84
C VAL E 187 36.80 -10.79 3.46
N ASN E 188 37.17 -11.03 4.73
CA ASN E 188 38.17 -10.20 5.41
C ASN E 188 39.53 -10.19 4.70
N ILE E 189 39.80 -11.15 3.83
CA ILE E 189 41.07 -11.17 3.12
C ILE E 189 41.22 -10.02 2.14
N LEU E 190 40.14 -9.27 1.90
CA LEU E 190 40.15 -8.12 1.01
C LEU E 190 40.28 -6.79 1.73
N MET E 191 40.47 -6.80 3.05
CA MET E 191 40.55 -5.54 3.78
C MET E 191 41.76 -5.50 4.69
N PRO E 192 42.27 -4.29 4.98
CA PRO E 192 43.41 -4.14 5.88
C PRO E 192 42.97 -4.13 7.34
N GLU E 193 43.95 -3.91 8.24
CA GLU E 193 43.55 -3.88 9.64
C GLU E 193 43.10 -2.47 10.01
N PRO E 194 42.25 -2.30 11.03
CA PRO E 194 41.63 -3.28 11.93
C PRO E 194 40.32 -3.90 11.40
N ASP E 195 39.84 -3.43 10.24
CA ASP E 195 38.60 -3.95 9.67
C ASP E 195 38.66 -5.46 9.46
N ARG E 196 39.81 -5.97 9.02
CA ARG E 196 39.99 -7.40 8.78
C ARG E 196 39.67 -8.23 10.01
N SER E 197 40.21 -7.87 11.17
CA SER E 197 39.95 -8.65 12.37
C SER E 197 38.60 -8.34 13.00
N ARG E 198 38.03 -7.18 12.70
CA ARG E 198 36.73 -6.80 13.25
C ARG E 198 35.56 -7.12 12.33
N HIS E 199 35.80 -7.49 11.07
CA HIS E 199 34.70 -7.74 10.14
C HIS E 199 33.75 -8.86 10.58
N ASP E 200 34.27 -9.93 11.18
CA ASP E 200 33.39 -11.01 11.62
C ASP E 200 32.44 -10.52 12.70
N SER E 201 32.89 -9.60 13.54
CA SER E 201 32.01 -9.07 14.58
C SER E 201 30.98 -8.13 13.98
N TYR E 202 31.36 -7.34 12.97
CA TYR E 202 30.43 -6.43 12.33
C TYR E 202 29.22 -7.18 11.79
N ILE E 203 29.47 -8.30 11.10
CA ILE E 203 28.38 -9.10 10.53
C ILE E 203 27.53 -9.71 11.65
N SER E 204 28.18 -10.30 12.66
CA SER E 204 27.44 -10.91 13.75
C SER E 204 26.62 -9.89 14.55
N ARG E 205 27.12 -8.67 14.68
CA ARG E 205 26.37 -7.64 15.39
C ARG E 205 25.09 -7.31 14.64
N TYR E 206 25.19 -7.13 13.32
CA TYR E 206 24.01 -6.82 12.52
C TYR E 206 23.04 -8.00 12.51
N ARG E 207 23.56 -9.21 12.33
CA ARG E 207 22.71 -10.41 12.29
C ARG E 207 21.91 -10.60 13.57
N THR E 208 22.57 -10.52 14.74
CA THR E 208 21.87 -10.75 16.01
C THR E 208 20.92 -9.60 16.36
N THR E 209 21.45 -8.38 16.44
CA THR E 209 20.62 -7.24 16.81
C THR E 209 19.50 -6.96 15.81
N SER E 210 19.69 -7.35 14.54
CA SER E 210 18.70 -7.12 13.48
C SER E 210 18.46 -5.63 13.24
N ASP E 211 19.47 -4.81 13.50
CA ASP E 211 19.38 -3.38 13.32
C ASP E 211 20.49 -2.95 12.36
N PRO E 212 20.18 -2.18 11.32
CA PRO E 212 21.19 -1.84 10.31
C PRO E 212 22.21 -0.81 10.75
N HIS E 213 23.45 -1.02 10.32
CA HIS E 213 24.57 -0.13 10.54
C HIS E 213 25.18 0.37 9.23
N ILE E 214 25.36 -0.53 8.25
CA ILE E 214 25.95 -0.15 6.96
C ILE E 214 25.22 -0.67 5.73
N ILE E 215 24.29 -1.61 5.90
CA ILE E 215 23.57 -2.17 4.74
C ILE E 215 22.78 -1.09 4.02
N GLY E 216 22.91 -1.06 2.70
CA GLY E 216 22.22 -0.06 1.88
C GLY E 216 22.59 1.36 2.24
N ILE E 217 23.86 1.60 2.52
CA ILE E 217 24.37 2.91 2.92
C ILE E 217 25.65 3.19 2.15
N GLY E 218 25.70 4.34 1.49
CA GLY E 218 26.87 4.71 0.73
C GLY E 218 28.01 5.31 1.53
N ARG E 219 28.68 4.48 2.33
CA ARG E 219 29.81 4.90 3.15
C ARG E 219 31.08 4.33 2.52
N ILE E 220 32.10 5.19 2.36
CA ILE E 220 33.36 4.74 1.75
C ILE E 220 34.26 4.10 2.80
N VAL E 221 34.87 2.98 2.42
CA VAL E 221 35.74 2.22 3.27
C VAL E 221 37.04 1.94 2.53
N THR E 222 37.98 1.22 3.17
CA THR E 222 39.28 0.95 2.58
C THR E 222 39.44 -0.54 2.27
N GLY E 223 39.75 -0.85 0.99
CA GLY E 223 39.97 -2.21 0.56
C GLY E 223 41.44 -2.49 0.37
N LYS E 224 41.80 -3.78 0.44
CA LYS E 224 43.19 -4.21 0.29
C LYS E 224 43.30 -5.31 -0.76
N ARG E 225 44.21 -5.14 -1.72
CA ARG E 225 44.42 -6.14 -2.75
C ARG E 225 45.35 -7.23 -2.21
N ARG E 226 45.39 -8.37 -2.91
CA ARG E 226 46.30 -9.42 -2.45
C ARG E 226 47.74 -8.99 -2.59
N ASP E 227 47.95 -8.05 -3.53
CA ASP E 227 49.21 -7.40 -3.80
C ASP E 227 49.73 -6.64 -2.57
N GLY E 228 48.84 -6.30 -1.62
CA GLY E 228 49.17 -5.61 -0.41
C GLY E 228 48.77 -4.15 -0.41
N THR E 229 48.66 -3.54 -1.59
CA THR E 229 48.25 -2.15 -1.71
C THR E 229 46.82 -1.97 -1.21
N THR E 230 46.49 -0.72 -0.87
CA THR E 230 45.16 -0.37 -0.40
C THR E 230 44.57 0.71 -1.30
N PHE E 231 43.25 0.77 -1.34
CA PHE E 231 42.56 1.75 -2.17
C PHE E 231 41.25 2.14 -1.52
N PRO E 232 40.71 3.33 -1.83
CA PRO E 232 39.42 3.74 -1.25
C PRO E 232 38.28 3.17 -2.07
N MET E 233 37.29 2.57 -1.42
CA MET E 233 36.16 1.99 -2.15
C MET E 233 34.86 2.31 -1.45
N HIS E 234 33.83 2.40 -2.25
CA HIS E 234 32.46 2.64 -1.85
C HIS E 234 31.72 1.36 -2.17
N LEU E 235 30.80 0.93 -1.32
CA LEU E 235 30.09 -0.29 -1.68
C LEU E 235 28.65 -0.30 -1.20
N SER E 236 27.84 -1.09 -1.90
CA SER E 236 26.43 -1.26 -1.62
C SER E 236 26.18 -2.73 -1.34
N ILE E 237 25.37 -3.00 -0.32
CA ILE E 237 25.04 -4.35 0.13
C ILE E 237 23.55 -4.58 0.00
N GLY E 238 23.19 -5.81 -0.36
CA GLY E 238 21.82 -6.25 -0.47
C GLY E 238 21.67 -7.54 0.31
N GLU E 239 20.66 -7.68 1.15
CA GLU E 239 20.49 -8.90 1.91
C GLU E 239 19.42 -9.76 1.26
N MET E 240 19.52 -11.07 1.49
CA MET E 240 18.55 -12.03 0.98
C MET E 240 18.59 -13.24 1.89
N GLN E 241 17.53 -14.04 1.84
CA GLN E 241 17.42 -15.23 2.66
C GLN E 241 17.14 -16.42 1.76
N SER E 242 17.68 -17.57 2.17
CA SER E 242 17.49 -18.81 1.43
C SER E 242 17.85 -19.94 2.37
N GLY E 243 16.93 -20.90 2.52
CA GLY E 243 17.11 -22.05 3.38
C GLY E 243 17.66 -21.77 4.77
N GLY E 244 17.05 -20.82 5.49
CA GLY E 244 17.52 -20.50 6.82
C GLY E 244 18.83 -19.77 6.90
N GLU E 245 19.40 -19.38 5.77
CA GLU E 245 20.68 -18.72 5.77
C GLU E 245 20.58 -17.37 5.05
N PRO E 246 21.20 -16.33 5.60
CA PRO E 246 21.20 -15.03 4.94
C PRO E 246 22.40 -14.94 3.99
N TYR E 247 22.26 -14.10 2.97
CA TYR E 247 23.31 -13.91 1.99
C TYR E 247 23.41 -12.42 1.65
N PHE E 248 24.63 -11.94 1.45
CA PHE E 248 24.83 -10.53 1.12
C PHE E 248 25.51 -10.39 -0.23
N THR E 249 25.06 -9.42 -1.02
CA THR E 249 25.62 -9.17 -2.35
C THR E 249 26.20 -7.75 -2.34
N GLY E 250 27.53 -7.66 -2.45
CA GLY E 250 28.22 -6.38 -2.46
C GLY E 250 28.60 -5.91 -3.85
N PHE E 251 28.51 -4.61 -4.08
CA PHE E 251 28.87 -3.98 -5.34
C PHE E 251 29.93 -2.95 -4.99
N VAL E 252 31.17 -3.23 -5.39
CA VAL E 252 32.35 -2.42 -5.05
C VAL E 252 32.69 -1.45 -6.16
N ARG E 253 32.82 -0.17 -5.83
CA ARG E 253 33.25 0.84 -6.80
C ARG E 253 34.60 1.40 -6.38
N ASP E 254 35.59 1.25 -7.25
CA ASP E 254 36.94 1.75 -6.99
C ASP E 254 36.93 3.27 -7.08
N LEU E 255 37.34 3.94 -6.01
CA LEU E 255 37.36 5.39 -5.96
C LEU E 255 38.72 6.02 -6.28
N THR E 256 39.76 5.23 -6.56
CA THR E 256 41.08 5.78 -6.85
C THR E 256 41.05 6.79 -7.98
N GLU E 257 40.42 6.41 -9.11
CA GLU E 257 40.34 7.33 -10.26
C GLU E 257 39.62 8.61 -9.89
N HIS E 258 38.53 8.52 -9.12
CA HIS E 258 37.80 9.72 -8.74
C HIS E 258 38.60 10.55 -7.73
N GLN E 259 39.31 9.89 -6.81
CA GLN E 259 40.11 10.63 -5.85
C GLN E 259 41.28 11.32 -6.54
N GLN E 260 41.88 10.64 -7.52
CA GLN E 260 42.98 11.23 -8.29
C GLN E 260 42.50 12.42 -9.11
N THR E 261 41.24 12.41 -9.57
CA THR E 261 40.71 13.54 -10.33
C THR E 261 40.40 14.72 -9.42
N GLN E 262 39.95 14.44 -8.20
CA GLN E 262 39.67 15.53 -7.27
C GLN E 262 40.97 16.08 -6.72
N ALA E 263 42.01 15.23 -6.65
CA ALA E 263 43.32 15.69 -6.21
C ALA E 263 43.93 16.60 -7.25
N ARG E 264 43.57 16.39 -8.53
CA ARG E 264 44.05 17.21 -9.62
C ARG E 264 43.34 18.56 -9.64
N LEU E 265 42.25 18.70 -8.88
CA LEU E 265 41.53 19.97 -8.77
C LEU E 265 42.12 20.80 -7.64
N GLN E 266 42.41 20.15 -6.51
CA GLN E 266 43.03 20.84 -5.39
C GLN E 266 44.51 21.12 -5.64
N GLU E 267 45.10 20.50 -6.66
CA GLU E 267 46.50 20.74 -6.98
C GLU E 267 46.65 21.97 -7.87
N LEU E 268 45.55 22.44 -8.45
CA LEU E 268 45.54 23.65 -9.27
C LEU E 268 44.74 24.75 -8.60
N GLN E 269 44.44 24.58 -7.31
CA GLN E 269 43.73 25.55 -6.49
C GLN E 269 44.72 26.52 -5.84
N SER E 270 45.99 26.44 -6.22
CA SER E 270 47.04 27.29 -5.69
C SER E 270 47.55 28.28 -6.72
N GLU E 271 46.90 28.35 -7.88
CA GLU E 271 47.33 29.28 -8.92
C GLU E 271 46.77 30.68 -8.67
N LEU E 272 45.61 30.78 -8.02
CA LEU E 272 45.00 32.06 -7.72
C LEU E 272 45.12 32.48 -6.27
N VAL E 273 45.42 31.54 -5.36
CA VAL E 273 45.56 31.86 -3.94
C VAL E 273 46.83 32.67 -3.67
N GLY F 25 12.32 -49.47 -8.97
CA GLY F 25 12.88 -48.30 -8.31
C GLY F 25 11.85 -47.37 -7.70
N VAL F 26 10.57 -47.63 -8.00
CA VAL F 26 9.45 -46.84 -7.51
C VAL F 26 8.56 -47.75 -6.69
N GLY F 27 8.10 -47.25 -5.53
CA GLY F 27 7.25 -48.05 -4.68
C GLY F 27 5.79 -48.02 -5.09
N THR F 28 5.02 -48.95 -4.52
CA THR F 28 3.60 -49.07 -4.78
C THR F 28 2.88 -49.30 -3.46
N TRP F 29 1.56 -49.07 -3.48
CA TRP F 29 0.75 -49.23 -2.28
C TRP F 29 -0.71 -49.40 -2.70
N ASP F 30 -1.50 -49.93 -1.78
CA ASP F 30 -2.92 -50.17 -2.01
C ASP F 30 -3.60 -50.18 -0.66
N LEU F 31 -4.84 -49.69 -0.62
CA LEU F 31 -5.59 -49.67 0.62
C LEU F 31 -7.06 -49.46 0.30
N ASP F 32 -7.92 -50.05 1.13
CA ASP F 32 -9.36 -49.94 0.97
C ASP F 32 -9.94 -48.94 1.96
N LEU F 33 -10.81 -48.05 1.45
CA LEU F 33 -11.46 -47.05 2.29
C LEU F 33 -12.12 -47.70 3.49
N LYS F 34 -12.93 -48.73 3.24
CA LYS F 34 -13.57 -49.46 4.31
C LYS F 34 -12.52 -50.34 5.00
N THR F 35 -12.48 -50.26 6.34
CA THR F 35 -11.61 -50.94 7.32
C THR F 35 -10.19 -50.39 7.44
N TRP F 36 -9.80 -49.40 6.64
CA TRP F 36 -8.47 -48.76 6.68
C TRP F 36 -7.29 -49.72 6.51
N ALA F 37 -7.49 -50.93 5.98
CA ALA F 37 -6.39 -51.86 5.82
C ALA F 37 -5.42 -51.35 4.75
N LEU F 38 -4.12 -51.44 5.03
CA LEU F 38 -3.09 -50.97 4.12
C LEU F 38 -2.02 -52.04 3.89
N ASP F 39 -1.44 -51.99 2.69
CA ASP F 39 -0.37 -52.88 2.24
C ASP F 39 0.38 -52.16 1.14
N TRP F 40 1.67 -52.43 1.02
CA TRP F 40 2.50 -51.74 0.03
C TRP F 40 3.60 -52.68 -0.47
N SER F 41 4.58 -52.10 -1.17
CA SER F 41 5.70 -52.80 -1.75
C SER F 41 6.94 -52.66 -0.88
N ASP F 42 7.92 -53.54 -1.13
CA ASP F 42 9.16 -53.49 -0.37
C ASP F 42 9.94 -52.22 -0.69
N THR F 43 9.86 -51.73 -1.93
CA THR F 43 10.52 -50.49 -2.29
C THR F 43 9.91 -49.34 -1.50
N ALA F 44 8.58 -49.38 -1.30
CA ALA F 44 7.87 -48.36 -0.54
C ALA F 44 8.30 -48.36 0.92
N ARG F 45 8.58 -49.55 1.47
CA ARG F 45 9.02 -49.66 2.86
C ARG F 45 10.30 -48.85 3.10
N THR F 46 11.29 -49.04 2.22
CA THR F 46 12.55 -48.31 2.33
C THR F 46 12.34 -46.82 2.09
N LEU F 47 11.46 -46.48 1.14
CA LEU F 47 11.17 -45.07 0.84
C LEU F 47 10.62 -44.33 2.05
N LEU F 48 9.92 -45.02 2.94
CA LEU F 48 9.38 -44.39 4.13
C LEU F 48 10.33 -44.44 5.30
N GLY F 49 11.54 -44.97 5.10
CA GLY F 49 12.55 -45.03 6.14
C GLY F 49 12.40 -46.21 7.09
N ILE F 50 11.97 -45.91 8.32
CA ILE F 50 11.79 -46.93 9.34
C ILE F 50 10.79 -47.99 8.86
N GLY F 51 11.08 -49.25 9.20
CA GLY F 51 10.22 -50.34 8.80
C GLY F 51 10.56 -51.05 7.51
N GLN F 52 11.83 -51.49 7.37
CA GLN F 52 12.22 -52.24 6.18
C GLN F 52 11.39 -53.52 6.07
N ASP F 53 11.05 -54.11 7.20
CA ASP F 53 10.18 -55.29 7.30
C ASP F 53 9.25 -55.01 8.47
N GLN F 54 7.99 -54.70 8.18
CA GLN F 54 7.02 -54.36 9.22
C GLN F 54 5.64 -54.62 8.67
N PRO F 55 4.62 -54.77 9.53
CA PRO F 55 3.27 -54.99 9.01
C PRO F 55 2.69 -53.65 8.56
N ALA F 56 2.27 -53.60 7.31
CA ALA F 56 1.72 -52.37 6.75
C ALA F 56 0.39 -52.00 7.39
N SER F 57 0.30 -50.76 7.87
CA SER F 57 -0.91 -50.27 8.50
C SER F 57 -1.02 -48.77 8.25
N TYR F 58 -2.26 -48.31 8.09
CA TYR F 58 -2.53 -46.88 7.85
C TYR F 58 -2.03 -46.04 9.03
N ASP F 59 -2.21 -46.52 10.25
CA ASP F 59 -1.77 -45.79 11.43
C ASP F 59 -0.26 -45.58 11.42
N LEU F 60 0.51 -46.61 11.05
CA LEU F 60 1.96 -46.50 10.98
C LEU F 60 2.41 -45.47 9.95
N PHE F 61 1.67 -45.40 8.83
CA PHE F 61 2.01 -44.46 7.77
C PHE F 61 1.96 -43.01 8.24
N LEU F 62 0.88 -42.65 8.96
CA LEU F 62 0.76 -41.28 9.46
C LEU F 62 1.72 -40.99 10.60
N SER F 63 2.38 -42.01 11.15
CA SER F 63 3.34 -41.80 12.24
C SER F 63 4.71 -41.40 11.71
N ARG F 64 4.93 -41.55 10.40
CA ARG F 64 6.18 -41.17 9.78
C ARG F 64 6.18 -39.71 9.35
N LEU F 65 5.01 -39.20 8.98
CA LEU F 65 4.85 -37.83 8.54
C LEU F 65 4.80 -36.86 9.71
N GLU F 66 5.20 -35.63 9.45
CA GLU F 66 5.17 -34.58 10.46
C GLU F 66 3.72 -34.12 10.64
N PRO F 67 3.40 -33.44 11.78
CA PRO F 67 2.02 -32.99 12.03
C PRO F 67 1.25 -32.32 10.89
N ASP F 68 1.78 -31.26 10.28
CA ASP F 68 1.04 -30.63 9.19
C ASP F 68 0.98 -31.52 7.95
N ASP F 69 2.04 -32.31 7.72
CA ASP F 69 2.06 -33.21 6.56
C ASP F 69 0.99 -34.29 6.69
N ARG F 70 0.94 -34.97 7.84
CA ARG F 70 -0.07 -36.01 8.03
C ARG F 70 -1.49 -35.45 7.98
N GLU F 71 -1.66 -34.20 8.45
CA GLU F 71 -2.97 -33.57 8.42
C GLU F 71 -3.45 -33.38 6.98
N ARG F 72 -2.55 -32.95 6.09
CA ARG F 72 -2.90 -32.73 4.69
C ARG F 72 -3.28 -34.04 4.01
N VAL F 73 -2.56 -35.13 4.33
CA VAL F 73 -2.86 -36.44 3.76
C VAL F 73 -4.28 -36.85 4.13
N GLU F 74 -4.64 -36.65 5.41
CA GLU F 74 -5.98 -36.98 5.88
C GLU F 74 -7.04 -36.13 5.17
N SER F 75 -6.75 -34.84 4.95
CA SER F 75 -7.70 -33.99 4.25
C SER F 75 -7.93 -34.50 2.82
N ALA F 76 -6.86 -34.91 2.15
CA ALA F 76 -6.98 -35.42 0.79
C ALA F 76 -7.75 -36.73 0.72
N ILE F 77 -7.49 -37.66 1.65
CA ILE F 77 -8.21 -38.94 1.63
C ILE F 77 -9.70 -38.73 1.87
N LYS F 78 -10.06 -37.77 2.73
CA LYS F 78 -11.47 -37.52 2.96
C LYS F 78 -12.12 -36.94 1.71
N ARG F 79 -11.41 -36.02 1.03
CA ARG F 79 -11.94 -35.44 -0.20
C ARG F 79 -12.01 -36.47 -1.33
N VAL F 80 -11.08 -37.44 -1.35
CA VAL F 80 -11.10 -38.45 -2.40
C VAL F 80 -12.26 -39.43 -2.25
N SER F 81 -12.65 -39.77 -1.02
CA SER F 81 -13.76 -40.71 -0.81
C SER F 81 -15.10 -40.17 -1.31
N GLU F 82 -15.22 -38.85 -1.44
CA GLU F 82 -16.42 -38.20 -1.95
C GLU F 82 -16.02 -37.74 -3.35
N ARG F 83 -16.54 -38.43 -4.38
CA ARG F 83 -16.18 -38.17 -5.77
C ARG F 83 -14.69 -38.51 -5.87
N GLY F 84 -13.83 -37.52 -5.68
CA GLY F 84 -12.40 -37.75 -5.64
C GLY F 84 -11.79 -38.25 -6.94
N GLY F 85 -11.79 -37.43 -7.97
CA GLY F 85 -11.19 -37.89 -9.21
C GLY F 85 -9.68 -37.76 -9.16
N GLY F 86 -9.02 -38.61 -8.36
CA GLY F 86 -7.57 -38.57 -8.24
C GLY F 86 -6.99 -38.24 -6.88
N PHE F 87 -5.75 -38.66 -6.65
CA PHE F 87 -5.03 -38.41 -5.40
C PHE F 87 -3.61 -38.02 -5.76
N ASP F 88 -3.16 -36.83 -5.32
CA ASP F 88 -1.80 -36.39 -5.61
C ASP F 88 -1.35 -35.45 -4.49
N VAL F 89 -0.55 -35.98 -3.55
CA VAL F 89 -0.03 -35.18 -2.45
C VAL F 89 1.46 -35.48 -2.30
N SER F 90 2.17 -34.52 -1.70
CA SER F 90 3.59 -34.66 -1.46
C SER F 90 3.88 -34.33 0.00
N PHE F 91 4.95 -34.92 0.52
CA PHE F 91 5.31 -34.71 1.91
C PHE F 91 6.76 -35.13 2.13
N ARG F 92 7.25 -34.82 3.32
CA ARG F 92 8.60 -35.14 3.75
C ARG F 92 8.50 -36.11 4.92
N VAL F 93 9.50 -36.98 5.07
CA VAL F 93 9.54 -37.97 6.13
C VAL F 93 10.89 -37.87 6.84
N ALA F 94 10.86 -37.95 8.17
CA ALA F 94 12.09 -37.89 8.96
C ALA F 94 12.64 -39.29 9.24
N GLY F 95 13.03 -39.96 8.15
CA GLY F 95 13.59 -41.31 8.28
C GLY F 95 14.91 -41.30 9.02
N THR F 96 15.73 -40.29 8.76
CA THR F 96 17.03 -40.10 9.39
C THR F 96 16.99 -38.77 10.14
N SER F 97 17.93 -38.59 11.08
CA SER F 97 17.96 -37.38 11.88
C SER F 97 18.33 -36.13 11.08
N ASN F 98 19.42 -36.19 10.30
CA ASN F 98 19.90 -35.05 9.53
C ASN F 98 19.55 -35.10 8.05
N ALA F 99 18.43 -35.72 7.69
CA ALA F 99 18.02 -35.79 6.29
C ALA F 99 16.53 -36.05 6.21
N GLY F 100 15.93 -35.62 5.12
CA GLY F 100 14.51 -35.82 4.89
C GLY F 100 14.27 -36.43 3.53
N GLN F 101 13.32 -37.36 3.48
CA GLN F 101 12.97 -38.05 2.24
C GLN F 101 11.70 -37.43 1.69
N TRP F 102 11.81 -36.79 0.52
CA TRP F 102 10.66 -36.16 -0.13
C TRP F 102 9.97 -37.23 -0.96
N ILE F 103 8.66 -37.38 -0.74
CA ILE F 103 7.87 -38.40 -1.42
C ILE F 103 6.62 -37.77 -2.01
N ARG F 104 6.33 -38.10 -3.27
CA ARG F 104 5.14 -37.67 -3.97
C ARG F 104 4.27 -38.92 -4.14
N ALA F 105 3.09 -38.92 -3.51
CA ALA F 105 2.18 -40.06 -3.55
C ALA F 105 1.05 -39.78 -4.52
N ARG F 106 0.98 -40.55 -5.60
CA ARG F 106 -0.05 -40.43 -6.61
C ARG F 106 -0.89 -41.70 -6.58
N ALA F 107 -2.21 -41.56 -6.57
CA ALA F 107 -3.11 -42.71 -6.50
C ALA F 107 -4.33 -42.50 -7.38
N GLY F 108 -5.09 -43.59 -7.54
CA GLY F 108 -6.29 -43.57 -8.35
C GLY F 108 -7.48 -44.14 -7.61
N LEU F 109 -8.66 -43.77 -8.10
CA LEU F 109 -9.93 -44.18 -7.51
C LEU F 109 -10.50 -45.34 -8.31
N ILE F 110 -10.82 -46.44 -7.63
CA ILE F 110 -11.44 -47.59 -8.29
C ILE F 110 -12.57 -48.14 -7.44
N ARG F 111 -13.80 -47.91 -7.88
CA ARG F 111 -15.01 -48.33 -7.21
C ARG F 111 -15.31 -49.80 -7.50
N ASP F 112 -15.98 -50.47 -6.54
CA ASP F 112 -16.32 -51.87 -6.71
C ASP F 112 -17.30 -52.09 -7.85
N GLU F 113 -18.38 -51.30 -7.86
CA GLU F 113 -19.46 -51.32 -8.83
C GLU F 113 -20.07 -49.93 -8.77
N ALA F 114 -21.24 -49.76 -9.38
CA ALA F 114 -21.90 -48.46 -9.36
C ALA F 114 -22.20 -47.98 -7.95
N GLY F 115 -22.21 -48.88 -6.96
CA GLY F 115 -22.46 -48.55 -5.58
C GLY F 115 -21.57 -47.56 -4.85
N THR F 116 -20.28 -47.87 -4.67
CA THR F 116 -19.39 -46.97 -3.93
C THR F 116 -17.94 -47.20 -4.34
N ALA F 117 -17.08 -46.36 -3.79
CA ALA F 117 -15.63 -46.42 -4.00
C ALA F 117 -15.06 -47.22 -2.84
N ARG F 118 -14.33 -48.30 -3.15
CA ARG F 118 -13.81 -49.18 -2.11
C ARG F 118 -12.31 -49.04 -1.82
N HIS F 119 -11.44 -49.14 -2.83
CA HIS F 119 -10.00 -49.11 -2.56
C HIS F 119 -9.23 -48.24 -3.55
N LEU F 120 -8.47 -47.28 -3.03
CA LEU F 120 -7.63 -46.42 -3.87
C LEU F 120 -6.22 -47.02 -3.96
N SER F 121 -5.69 -47.09 -5.19
CA SER F 121 -4.37 -47.66 -5.46
C SER F 121 -3.46 -46.63 -6.10
N GLY F 122 -2.17 -46.72 -5.79
CA GLY F 122 -1.22 -45.78 -6.36
C GLY F 122 0.23 -46.16 -6.16
N ILE F 123 1.09 -45.15 -6.26
CA ILE F 123 2.53 -45.33 -6.14
C ILE F 123 3.18 -44.21 -5.32
N PHE F 124 4.40 -44.49 -4.87
CA PHE F 124 5.23 -43.56 -4.12
C PHE F 124 6.45 -43.23 -4.97
N LEU F 125 6.68 -41.94 -5.19
CA LEU F 125 7.79 -41.49 -6.01
C LEU F 125 8.83 -40.74 -5.17
N ASP F 126 10.10 -40.90 -5.53
CA ASP F 126 11.18 -40.20 -4.85
C ASP F 126 11.36 -38.87 -5.58
N ILE F 127 11.13 -37.77 -4.87
CA ILE F 127 11.23 -36.46 -5.47
C ILE F 127 12.35 -35.63 -4.84
N ASP F 128 13.36 -36.29 -4.29
CA ASP F 128 14.46 -35.56 -3.67
C ASP F 128 15.18 -34.70 -4.71
N GLU F 129 15.39 -35.24 -5.92
CA GLU F 129 16.03 -34.46 -6.97
C GLU F 129 15.09 -33.39 -7.49
N GLU F 130 13.81 -33.73 -7.69
CA GLU F 130 12.83 -32.78 -8.19
C GLU F 130 12.71 -31.56 -7.28
N LYS F 131 12.78 -31.77 -5.96
CA LYS F 131 12.66 -30.64 -5.04
C LYS F 131 13.98 -29.90 -4.87
N GLN F 132 15.10 -30.54 -5.18
CA GLN F 132 16.37 -29.83 -5.11
C GLN F 132 16.39 -28.73 -6.17
N VAL F 133 15.85 -29.04 -7.36
CA VAL F 133 15.78 -28.06 -8.45
C VAL F 133 14.83 -26.92 -8.08
N GLU F 134 13.71 -27.25 -7.43
CA GLU F 134 12.74 -26.24 -7.02
C GLU F 134 13.40 -25.22 -6.09
N GLY F 135 14.09 -25.71 -5.06
CA GLY F 135 14.77 -24.82 -4.13
C GLY F 135 15.87 -24.01 -4.79
N ALA F 136 16.61 -24.62 -5.71
CA ALA F 136 17.68 -23.90 -6.39
C ALA F 136 17.11 -22.77 -7.24
N LEU F 137 16.00 -23.04 -7.94
CA LEU F 137 15.39 -22.00 -8.76
C LEU F 137 14.87 -20.87 -7.89
N ARG F 138 14.31 -21.22 -6.72
CA ARG F 138 13.82 -20.21 -5.80
C ARG F 138 14.94 -19.32 -5.30
N THR F 139 16.09 -19.92 -4.96
CA THR F 139 17.24 -19.16 -4.49
C THR F 139 17.72 -18.18 -5.56
N ARG F 140 17.80 -18.64 -6.82
CA ARG F 140 18.23 -17.76 -7.90
C ARG F 140 17.24 -16.63 -8.13
N GLU F 141 15.94 -16.92 -7.98
CA GLU F 141 14.95 -15.86 -8.17
C GLU F 141 15.06 -14.82 -7.07
N THR F 142 15.30 -15.26 -5.82
CA THR F 142 15.46 -14.32 -4.73
C THR F 142 16.71 -13.47 -4.94
N HIS F 143 17.80 -14.12 -5.36
CA HIS F 143 19.04 -13.39 -5.61
C HIS F 143 18.87 -12.36 -6.71
N LEU F 144 18.16 -12.73 -7.78
CA LEU F 144 17.94 -11.79 -8.87
C LEU F 144 17.21 -10.54 -8.35
N ARG F 145 16.20 -10.73 -7.50
CA ARG F 145 15.52 -9.59 -6.92
C ARG F 145 16.50 -8.73 -6.14
N SER F 146 17.33 -9.37 -5.31
CA SER F 146 18.33 -8.65 -4.53
C SER F 146 19.24 -7.85 -5.45
N ILE F 147 19.70 -8.47 -6.53
CA ILE F 147 20.57 -7.80 -7.48
C ILE F 147 19.86 -6.60 -8.09
N LEU F 148 18.66 -6.81 -8.65
CA LEU F 148 17.91 -5.74 -9.28
C LEU F 148 17.62 -4.59 -8.32
N HIS F 149 17.40 -4.87 -7.04
CA HIS F 149 17.11 -3.77 -6.14
C HIS F 149 18.35 -3.06 -5.62
N THR F 150 19.43 -3.79 -5.35
CA THR F 150 20.58 -3.11 -4.76
C THR F 150 21.72 -2.73 -5.70
N ILE F 151 21.70 -3.12 -6.97
CA ILE F 151 22.84 -2.74 -7.84
C ILE F 151 22.83 -1.24 -8.10
N PRO F 152 23.97 -0.54 -7.89
CA PRO F 152 24.00 0.93 -8.10
C PRO F 152 23.84 1.37 -9.53
N ASP F 153 24.37 0.61 -10.49
CA ASP F 153 24.26 0.98 -11.89
C ASP F 153 22.92 0.52 -12.43
N ALA F 154 22.40 1.26 -13.39
CA ALA F 154 21.12 0.92 -14.01
C ALA F 154 21.29 -0.35 -14.83
N MET F 155 20.72 -1.46 -14.36
CA MET F 155 20.80 -2.74 -15.05
C MET F 155 19.54 -2.93 -15.87
N ILE F 156 19.70 -3.26 -17.15
CA ILE F 156 18.58 -3.48 -18.08
C ILE F 156 18.84 -4.75 -18.86
N VAL F 157 17.81 -5.59 -19.00
CA VAL F 157 17.92 -6.85 -19.74
C VAL F 157 16.91 -6.84 -20.88
N ILE F 158 17.39 -6.94 -22.12
CA ILE F 158 16.52 -6.96 -23.30
C ILE F 158 16.59 -8.33 -23.98
N ASP F 159 15.65 -8.56 -24.89
CA ASP F 159 15.60 -9.80 -25.65
C ASP F 159 16.14 -9.56 -27.06
N GLY F 160 16.08 -10.60 -27.88
CA GLY F 160 16.59 -10.52 -29.24
C GLY F 160 16.01 -9.38 -30.07
N HIS F 161 14.78 -8.98 -29.76
CA HIS F 161 14.14 -7.91 -30.52
C HIS F 161 14.16 -6.54 -29.82
N GLY F 162 14.84 -6.43 -28.69
CA GLY F 162 14.92 -5.15 -28.00
C GLY F 162 13.83 -4.89 -26.99
N ILE F 163 13.06 -5.92 -26.60
CA ILE F 163 11.98 -5.76 -25.65
C ILE F 163 12.55 -5.93 -24.25
N ILE F 164 12.34 -4.89 -23.41
CA ILE F 164 12.84 -4.88 -22.04
C ILE F 164 12.23 -6.04 -21.25
N GLN F 165 13.10 -6.86 -20.66
CA GLN F 165 12.69 -8.01 -19.86
C GLN F 165 12.83 -7.71 -18.38
N LEU F 166 13.96 -7.13 -17.97
CA LEU F 166 14.22 -6.76 -16.59
C LEU F 166 14.59 -5.29 -16.57
N PHE F 167 14.33 -4.64 -15.44
CA PHE F 167 14.59 -3.21 -15.30
C PHE F 167 14.79 -2.99 -13.80
N SER F 168 16.04 -2.74 -13.39
CA SER F 168 16.40 -2.58 -11.99
C SER F 168 15.96 -1.23 -11.43
N THR F 169 15.94 -1.15 -10.09
CA THR F 169 15.52 0.08 -9.45
C THR F 169 16.44 1.24 -9.78
N ALA F 170 17.73 0.98 -9.94
CA ALA F 170 18.64 2.06 -10.34
C ALA F 170 18.21 2.62 -11.68
N ALA F 171 17.70 1.75 -12.56
CA ALA F 171 17.24 2.19 -13.86
C ALA F 171 15.97 3.00 -13.73
N GLU F 172 15.15 2.69 -12.72
CA GLU F 172 13.91 3.42 -12.49
C GLU F 172 14.18 4.89 -12.15
N ARG F 173 15.11 5.15 -11.22
CA ARG F 173 15.39 6.53 -10.87
C ARG F 173 16.09 7.28 -11.99
N LEU F 174 16.94 6.60 -12.76
CA LEU F 174 17.67 7.27 -13.83
C LEU F 174 16.79 7.60 -15.03
N PHE F 175 16.04 6.62 -15.53
CA PHE F 175 15.26 6.85 -16.74
C PHE F 175 13.87 7.44 -16.49
N GLY F 176 13.36 7.39 -15.27
CA GLY F 176 12.05 7.94 -14.97
C GLY F 176 10.88 7.03 -15.28
N TRP F 177 11.12 5.74 -15.50
CA TRP F 177 10.06 4.79 -15.79
C TRP F 177 10.07 3.74 -14.70
N SER F 178 8.91 3.21 -14.38
CA SER F 178 8.87 2.16 -13.39
C SER F 178 9.06 0.82 -14.06
N GLU F 179 9.27 -0.21 -13.24
CA GLU F 179 9.43 -1.57 -13.72
C GLU F 179 8.24 -2.00 -14.57
N LEU F 180 7.03 -1.81 -14.04
CA LEU F 180 5.83 -2.20 -14.78
C LEU F 180 5.63 -1.39 -16.04
N GLU F 181 6.09 -0.13 -16.05
CA GLU F 181 5.93 0.66 -17.26
C GLU F 181 6.99 0.36 -18.31
N ALA F 182 8.18 -0.09 -17.88
CA ALA F 182 9.27 -0.34 -18.82
C ALA F 182 9.29 -1.76 -19.39
N ILE F 183 9.02 -2.78 -18.56
CA ILE F 183 9.03 -4.15 -19.04
C ILE F 183 7.95 -4.32 -20.09
N GLY F 184 8.33 -4.87 -21.24
CA GLY F 184 7.44 -5.07 -22.35
C GLY F 184 7.58 -4.04 -23.44
N GLN F 185 8.20 -2.90 -23.14
CA GLN F 185 8.43 -1.86 -24.11
C GLN F 185 9.75 -2.12 -24.84
N ASN F 186 9.96 -1.42 -25.95
CA ASN F 186 11.21 -1.55 -26.69
C ASN F 186 12.22 -0.66 -26.00
N VAL F 187 13.46 -1.13 -25.91
CA VAL F 187 14.53 -0.36 -25.27
C VAL F 187 14.70 1.03 -25.89
N ASN F 188 14.21 1.23 -27.12
CA ASN F 188 14.33 2.52 -27.78
C ASN F 188 13.63 3.66 -27.05
N ILE F 189 12.73 3.36 -26.11
CA ILE F 189 12.07 4.44 -25.37
C ILE F 189 13.05 5.21 -24.51
N LEU F 190 14.21 4.64 -24.19
CA LEU F 190 15.22 5.27 -23.36
C LEU F 190 16.25 6.07 -24.16
N MET F 191 16.00 6.37 -25.43
CA MET F 191 16.99 7.09 -26.21
C MET F 191 16.34 8.15 -27.10
N PRO F 192 17.07 9.21 -27.43
CA PRO F 192 16.53 10.24 -28.32
C PRO F 192 16.90 9.90 -29.76
N GLU F 193 16.33 10.66 -30.68
CA GLU F 193 16.61 10.47 -32.09
C GLU F 193 18.03 10.96 -32.40
N PRO F 194 18.66 10.44 -33.47
CA PRO F 194 18.23 9.45 -34.47
C PRO F 194 18.36 8.01 -33.98
N ASP F 195 19.11 7.84 -32.88
CA ASP F 195 19.38 6.54 -32.31
C ASP F 195 18.12 5.71 -32.07
N ARG F 196 17.05 6.37 -31.63
CA ARG F 196 15.78 5.67 -31.34
C ARG F 196 15.26 4.89 -32.54
N SER F 197 15.18 5.53 -33.70
CA SER F 197 14.64 4.84 -34.87
C SER F 197 15.61 3.79 -35.43
N ARG F 198 16.91 4.00 -35.27
CA ARG F 198 17.89 3.07 -35.81
C ARG F 198 18.34 1.98 -34.83
N HIS F 199 17.80 1.93 -33.60
CA HIS F 199 18.26 0.92 -32.66
C HIS F 199 17.85 -0.50 -33.04
N ASP F 200 16.64 -0.68 -33.58
CA ASP F 200 16.22 -2.02 -33.97
C ASP F 200 17.16 -2.62 -35.01
N SER F 201 17.61 -1.79 -35.96
CA SER F 201 18.54 -2.26 -36.98
C SER F 201 19.89 -2.64 -36.38
N TYR F 202 20.39 -1.83 -35.45
CA TYR F 202 21.67 -2.10 -34.79
C TYR F 202 21.69 -3.51 -34.21
N ILE F 203 20.60 -3.93 -33.58
CA ILE F 203 20.54 -5.27 -32.99
C ILE F 203 20.51 -6.34 -34.07
N SER F 204 19.69 -6.15 -35.11
CA SER F 204 19.63 -7.15 -36.18
C SER F 204 20.94 -7.22 -36.95
N ARG F 205 21.62 -6.08 -37.11
CA ARG F 205 22.91 -6.06 -37.79
C ARG F 205 23.94 -6.86 -37.02
N TYR F 206 23.82 -6.90 -35.69
CA TYR F 206 24.74 -7.67 -34.88
C TYR F 206 24.42 -9.16 -34.91
N ARG F 207 23.14 -9.52 -35.04
CA ARG F 207 22.79 -10.93 -35.06
C ARG F 207 23.20 -11.61 -36.35
N THR F 208 23.24 -10.88 -37.46
CA THR F 208 23.65 -11.48 -38.74
C THR F 208 25.17 -11.63 -38.82
N THR F 209 25.89 -10.50 -38.71
CA THR F 209 27.35 -10.53 -38.80
C THR F 209 27.99 -11.38 -37.69
N SER F 210 27.53 -11.22 -36.44
CA SER F 210 28.04 -11.97 -35.28
C SER F 210 29.56 -11.82 -35.12
N ASP F 211 30.02 -10.57 -35.14
CA ASP F 211 31.44 -10.24 -35.02
C ASP F 211 31.70 -9.38 -33.78
N PRO F 212 32.98 -9.08 -33.43
CA PRO F 212 33.21 -8.26 -32.22
C PRO F 212 32.85 -6.80 -32.40
N HIS F 213 31.56 -6.54 -32.27
CA HIS F 213 30.93 -5.22 -32.36
C HIS F 213 31.11 -4.48 -31.05
N ILE F 214 30.37 -3.38 -30.86
CA ILE F 214 30.43 -2.53 -29.69
C ILE F 214 30.12 -3.27 -28.38
N ILE F 215 29.65 -4.53 -28.45
CA ILE F 215 29.38 -5.33 -27.25
C ILE F 215 30.68 -5.45 -26.46
N GLY F 216 30.68 -4.96 -25.23
CA GLY F 216 31.85 -4.97 -24.37
C GLY F 216 32.66 -3.69 -24.50
N ILE F 217 32.81 -3.18 -25.73
CA ILE F 217 33.53 -1.93 -25.97
C ILE F 217 32.86 -0.80 -25.20
N GLY F 218 33.67 0.00 -24.51
CA GLY F 218 33.14 1.10 -23.73
C GLY F 218 32.84 2.36 -24.50
N ARG F 219 31.78 2.35 -25.30
CA ARG F 219 31.38 3.51 -26.08
C ARG F 219 30.38 4.33 -25.28
N ILE F 220 30.52 5.66 -25.32
CA ILE F 220 29.63 6.56 -24.61
C ILE F 220 28.58 7.10 -25.58
N VAL F 221 27.31 6.96 -25.20
CA VAL F 221 26.18 7.40 -25.98
C VAL F 221 25.29 8.28 -25.08
N THR F 222 24.23 8.84 -25.64
CA THR F 222 23.34 9.70 -24.87
C THR F 222 21.96 9.06 -24.71
N GLY F 223 21.52 8.94 -23.45
CA GLY F 223 20.23 8.37 -23.13
C GLY F 223 19.21 9.47 -22.86
N LYS F 224 17.93 9.11 -22.90
CA LYS F 224 16.83 10.05 -22.70
C LYS F 224 15.84 9.53 -21.65
N ARG F 225 15.56 10.34 -20.64
CA ARG F 225 14.61 9.98 -19.60
C ARG F 225 13.18 10.20 -20.10
N ARG F 226 12.22 9.69 -19.34
CA ARG F 226 10.82 9.92 -19.69
C ARG F 226 10.53 11.40 -19.63
N ASP F 227 11.18 12.06 -18.68
CA ASP F 227 11.17 13.50 -18.46
C ASP F 227 11.45 14.28 -19.75
N GLY F 228 12.17 13.66 -20.69
CA GLY F 228 12.55 14.27 -21.94
C GLY F 228 13.99 14.76 -21.97
N THR F 229 14.60 14.94 -20.80
CA THR F 229 15.98 15.38 -20.72
C THR F 229 16.90 14.26 -21.20
N THR F 230 18.11 14.66 -21.58
CA THR F 230 19.13 13.74 -22.06
C THR F 230 20.39 13.84 -21.21
N PHE F 231 21.21 12.80 -21.26
CA PHE F 231 22.43 12.75 -20.46
C PHE F 231 23.42 11.79 -21.08
N PRO F 232 24.72 12.03 -20.93
CA PRO F 232 25.73 11.12 -21.48
C PRO F 232 25.86 9.88 -20.61
N MET F 233 25.92 8.71 -21.26
CA MET F 233 26.03 7.46 -20.52
C MET F 233 26.93 6.47 -21.23
N HIS F 234 27.59 5.63 -20.45
CA HIS F 234 28.46 4.55 -20.93
C HIS F 234 27.76 3.22 -20.65
N LEU F 235 27.82 2.29 -21.60
CA LEU F 235 27.10 1.03 -21.45
C LEU F 235 27.95 -0.21 -21.71
N SER F 236 27.84 -1.18 -20.80
CA SER F 236 28.50 -2.49 -20.90
C SER F 236 27.41 -3.51 -21.20
N ILE F 237 27.55 -4.25 -22.30
CA ILE F 237 26.58 -5.26 -22.73
C ILE F 237 27.15 -6.65 -22.50
N GLY F 238 26.27 -7.58 -22.12
CA GLY F 238 26.60 -8.98 -21.88
C GLY F 238 25.54 -9.84 -22.55
N GLU F 239 25.97 -10.73 -23.44
CA GLU F 239 25.08 -11.60 -24.19
C GLU F 239 25.03 -13.00 -23.61
N MET F 240 23.85 -13.61 -23.68
CA MET F 240 23.64 -14.97 -23.24
C MET F 240 22.63 -15.61 -24.18
N GLN F 241 22.52 -16.93 -24.11
CA GLN F 241 21.61 -17.68 -24.96
C GLN F 241 20.73 -18.55 -24.10
N SER F 242 19.43 -18.55 -24.40
CA SER F 242 18.49 -19.38 -23.67
C SER F 242 17.34 -19.73 -24.60
N GLY F 243 17.01 -21.02 -24.67
CA GLY F 243 15.93 -21.51 -25.52
C GLY F 243 15.94 -21.00 -26.95
N GLY F 244 17.12 -20.95 -27.57
CA GLY F 244 17.22 -20.49 -28.93
C GLY F 244 17.11 -19.00 -29.13
N GLU F 245 17.05 -18.22 -28.05
CA GLU F 245 16.96 -16.80 -28.18
C GLU F 245 18.11 -16.13 -27.45
N PRO F 246 18.64 -15.03 -27.96
CA PRO F 246 19.71 -14.32 -27.25
C PRO F 246 19.12 -13.28 -26.31
N TYR F 247 19.90 -12.92 -25.29
CA TYR F 247 19.48 -11.93 -24.30
C TYR F 247 20.67 -11.04 -23.99
N PHE F 248 20.42 -9.73 -23.90
CA PHE F 248 21.48 -8.77 -23.64
C PHE F 248 21.28 -8.08 -22.29
N THR F 249 22.25 -8.23 -21.40
CA THR F 249 22.22 -7.60 -20.09
C THR F 249 23.09 -6.34 -20.15
N GLY F 250 22.47 -5.17 -20.03
CA GLY F 250 23.19 -3.91 -20.05
C GLY F 250 23.40 -3.31 -18.68
N PHE F 251 24.51 -2.56 -18.52
CA PHE F 251 24.84 -1.91 -17.25
C PHE F 251 25.12 -0.45 -17.61
N VAL F 252 24.23 0.43 -17.17
CA VAL F 252 24.32 1.86 -17.50
C VAL F 252 25.07 2.64 -16.43
N ARG F 253 25.97 3.50 -16.88
CA ARG F 253 26.76 4.38 -16.02
C ARG F 253 26.45 5.81 -16.43
N ASP F 254 25.90 6.61 -15.51
CA ASP F 254 25.59 8.00 -15.78
C ASP F 254 26.89 8.80 -15.77
N LEU F 255 27.14 9.55 -16.83
CA LEU F 255 28.37 10.32 -16.95
C LEU F 255 28.18 11.82 -16.78
N THR F 256 26.98 12.28 -16.43
CA THR F 256 26.74 13.72 -16.26
C THR F 256 27.72 14.31 -15.26
N GLU F 257 27.86 13.67 -14.10
CA GLU F 257 28.78 14.17 -13.09
C GLU F 257 30.23 14.09 -13.55
N HIS F 258 30.61 12.97 -14.18
CA HIS F 258 31.99 12.83 -14.65
C HIS F 258 32.31 13.83 -15.75
N GLN F 259 31.39 14.03 -16.69
CA GLN F 259 31.64 14.99 -17.76
C GLN F 259 31.71 16.42 -17.25
N GLN F 260 30.98 16.73 -16.17
CA GLN F 260 31.02 18.10 -15.66
C GLN F 260 32.36 18.40 -15.01
N THR F 261 32.86 17.52 -14.13
CA THR F 261 34.15 17.77 -13.50
C THR F 261 35.27 17.75 -14.53
N GLN F 262 35.28 16.74 -15.40
CA GLN F 262 36.30 16.64 -16.45
C GLN F 262 36.24 17.82 -17.42
N ALA F 263 35.14 18.56 -17.46
CA ALA F 263 35.03 19.72 -18.34
C ALA F 263 35.59 20.96 -17.67
N ARG F 264 35.28 21.17 -16.38
CA ARG F 264 35.82 22.32 -15.68
C ARG F 264 37.29 22.14 -15.34
N LEU F 265 37.86 20.97 -15.64
CA LEU F 265 39.26 20.67 -15.42
C LEU F 265 40.09 21.12 -16.61
N GLN F 266 39.71 20.69 -17.83
CA GLN F 266 40.39 21.05 -19.08
C GLN F 266 40.10 22.49 -19.54
N GLU F 267 39.38 23.22 -18.68
CA GLU F 267 39.02 24.61 -18.90
C GLU F 267 39.69 25.53 -17.88
N LEU F 268 40.16 24.96 -16.78
CA LEU F 268 40.83 25.71 -15.72
C LEU F 268 42.33 25.49 -15.74
N GLN F 269 42.84 24.75 -16.73
CA GLN F 269 44.25 24.48 -16.88
C GLN F 269 44.82 25.00 -18.20
N SER F 270 43.99 25.53 -19.08
CA SER F 270 44.43 26.03 -20.38
C SER F 270 44.36 27.54 -20.49
N GLU F 271 43.93 28.24 -19.44
CA GLU F 271 43.84 29.69 -19.49
C GLU F 271 45.12 30.41 -19.06
N LEU F 272 46.12 29.68 -18.57
CA LEU F 272 47.38 30.27 -18.16
C LEU F 272 48.56 29.84 -19.02
N VAL F 273 48.57 28.60 -19.51
CA VAL F 273 49.65 28.09 -20.34
C VAL F 273 49.12 27.23 -21.49
N GLY G 25 -27.54 45.15 50.87
CA GLY G 25 -28.06 43.91 50.30
C GLY G 25 -27.02 43.09 49.52
N VAL G 26 -25.82 43.65 49.39
CA VAL G 26 -24.71 43.01 48.68
C VAL G 26 -23.56 42.83 49.68
N GLY G 27 -22.82 41.72 49.54
CA GLY G 27 -21.70 41.45 50.42
C GLY G 27 -20.41 41.90 49.77
N THR G 28 -19.35 42.02 50.59
CA THR G 28 -18.04 42.46 50.10
C THR G 28 -16.96 41.52 50.65
N TRP G 29 -15.84 41.44 49.93
CA TRP G 29 -14.75 40.58 50.33
C TRP G 29 -13.41 41.14 49.84
N ASP G 30 -12.34 40.70 50.49
CA ASP G 30 -10.98 41.12 50.19
C ASP G 30 -10.05 39.95 50.48
N LEU G 31 -9.11 39.71 49.56
CA LEU G 31 -8.14 38.63 49.70
C LEU G 31 -6.91 39.01 48.89
N ASP G 32 -5.72 38.72 49.44
CA ASP G 32 -4.47 39.05 48.78
C ASP G 32 -3.71 37.80 48.35
N LEU G 33 -3.17 37.88 47.12
CA LEU G 33 -2.41 36.76 46.57
C LEU G 33 -1.22 36.45 47.46
N LYS G 34 -0.56 37.46 47.99
CA LYS G 34 0.54 37.24 48.90
C LYS G 34 -0.08 37.30 50.30
N THR G 35 0.18 36.25 51.10
CA THR G 35 -0.27 35.90 52.45
C THR G 35 -1.68 35.28 52.55
N TRP G 36 -2.42 35.16 51.43
CA TRP G 36 -3.74 34.52 51.35
C TRP G 36 -4.72 34.80 52.49
N ALA G 37 -4.82 36.03 52.96
CA ALA G 37 -5.73 36.35 54.04
C ALA G 37 -7.01 36.88 53.44
N LEU G 38 -8.14 36.55 54.07
CA LEU G 38 -9.44 36.95 53.57
C LEU G 38 -10.27 37.67 54.62
N ASP G 39 -10.96 38.73 54.18
CA ASP G 39 -11.85 39.54 55.00
C ASP G 39 -13.14 39.74 54.22
N TRP G 40 -14.25 39.24 54.76
CA TRP G 40 -15.54 39.37 54.09
C TRP G 40 -16.53 40.14 54.97
N SER G 41 -17.53 40.72 54.31
CA SER G 41 -18.56 41.49 54.98
C SER G 41 -19.53 40.58 55.73
N ASP G 42 -20.29 41.17 56.65
CA ASP G 42 -21.27 40.41 57.42
C ASP G 42 -22.39 39.91 56.51
N THR G 43 -22.81 40.75 55.55
CA THR G 43 -23.84 40.35 54.60
C THR G 43 -23.37 39.22 53.71
N ALA G 44 -22.05 39.03 53.60
CA ALA G 44 -21.51 37.95 52.78
C ALA G 44 -21.45 36.64 53.54
N ARG G 45 -21.25 36.70 54.87
CA ARG G 45 -21.22 35.48 55.68
C ARG G 45 -22.55 34.73 55.58
N THR G 46 -23.65 35.47 55.60
CA THR G 46 -24.97 34.85 55.50
C THR G 46 -25.15 34.17 54.15
N LEU G 47 -24.68 34.81 53.07
CA LEU G 47 -24.79 34.24 51.74
C LEU G 47 -24.07 32.90 51.66
N LEU G 48 -22.94 32.77 52.34
CA LEU G 48 -22.19 31.52 52.33
C LEU G 48 -22.78 30.48 53.26
N GLY G 49 -23.81 30.83 54.05
CA GLY G 49 -24.45 29.90 54.94
C GLY G 49 -23.67 29.50 56.16
N ILE G 50 -22.64 30.25 56.53
CA ILE G 50 -21.83 29.95 57.70
C ILE G 50 -21.14 31.23 58.14
N GLY G 51 -20.71 31.27 59.39
CA GLY G 51 -20.01 32.44 59.88
C GLY G 51 -20.67 33.20 61.01
N GLN G 52 -21.44 32.50 61.86
CA GLN G 52 -22.04 33.18 63.00
C GLN G 52 -20.95 33.70 63.93
N ASP G 53 -19.94 32.86 64.20
CA ASP G 53 -18.80 33.21 65.04
C ASP G 53 -17.44 32.84 64.43
N GLN G 54 -17.39 31.92 63.46
CA GLN G 54 -16.13 31.52 62.84
C GLN G 54 -15.51 32.68 62.06
N PRO G 55 -14.22 32.96 62.25
CA PRO G 55 -13.59 34.07 61.52
C PRO G 55 -13.38 33.76 60.05
N ALA G 56 -13.25 34.83 59.27
CA ALA G 56 -13.03 34.71 57.85
C ALA G 56 -11.70 34.02 57.56
N SER G 57 -11.69 33.17 56.53
CA SER G 57 -10.49 32.45 56.13
C SER G 57 -10.67 31.95 54.71
N TYR G 58 -9.58 31.98 53.94
CA TYR G 58 -9.63 31.47 52.56
C TYR G 58 -9.98 30.00 52.54
N ASP G 59 -9.46 29.24 53.51
CA ASP G 59 -9.77 27.81 53.61
C ASP G 59 -11.26 27.59 53.81
N LEU G 60 -11.87 28.41 54.69
CA LEU G 60 -13.30 28.30 54.94
C LEU G 60 -14.11 28.60 53.67
N PHE G 61 -13.71 29.64 52.93
CA PHE G 61 -14.43 30.01 51.70
C PHE G 61 -14.44 28.87 50.68
N LEU G 62 -13.29 28.23 50.46
CA LEU G 62 -13.25 27.12 49.51
C LEU G 62 -13.93 25.87 50.04
N SER G 63 -14.30 25.84 51.32
CA SER G 63 -14.94 24.69 51.91
C SER G 63 -16.46 24.73 51.72
N ARG G 64 -16.99 25.90 51.40
CA ARG G 64 -18.43 26.03 51.19
C ARG G 64 -18.82 25.65 49.77
N LEU G 65 -17.92 25.83 48.81
CA LEU G 65 -18.18 25.51 47.41
C LEU G 65 -18.00 24.02 47.14
N GLU G 66 -18.56 23.58 46.01
CA GLU G 66 -18.46 22.22 45.54
C GLU G 66 -17.08 22.06 44.91
N PRO G 67 -16.59 20.82 44.72
CA PRO G 67 -15.24 20.67 44.14
C PRO G 67 -15.05 21.30 42.77
N ASP G 68 -16.04 21.18 41.88
CA ASP G 68 -15.89 21.78 40.57
C ASP G 68 -15.82 23.30 40.65
N ASP G 69 -16.64 23.90 41.52
CA ASP G 69 -16.64 25.35 41.66
C ASP G 69 -15.36 25.86 42.33
N ARG G 70 -14.86 25.14 43.34
CA ARG G 70 -13.62 25.59 43.97
C ARG G 70 -12.46 25.56 42.99
N GLU G 71 -12.41 24.53 42.13
CA GLU G 71 -11.37 24.46 41.11
C GLU G 71 -11.50 25.62 40.14
N ARG G 72 -12.74 26.00 39.83
CA ARG G 72 -12.99 27.13 38.95
C ARG G 72 -12.50 28.42 39.60
N VAL G 73 -12.73 28.57 40.90
CA VAL G 73 -12.26 29.75 41.63
C VAL G 73 -10.75 29.78 41.66
N GLU G 74 -10.11 28.62 41.87
CA GLU G 74 -8.66 28.53 41.90
C GLU G 74 -8.05 28.99 40.58
N SER G 75 -8.55 28.45 39.46
CA SER G 75 -8.05 28.85 38.14
C SER G 75 -8.31 30.32 37.86
N ALA G 76 -9.45 30.83 38.34
CA ALA G 76 -9.78 32.24 38.13
C ALA G 76 -8.81 33.17 38.85
N ILE G 77 -8.47 32.86 40.11
CA ILE G 77 -7.53 33.71 40.85
C ILE G 77 -6.14 33.67 40.21
N LYS G 78 -5.74 32.51 39.68
CA LYS G 78 -4.43 32.41 39.02
C LYS G 78 -4.37 33.27 37.77
N ARG G 79 -5.44 33.25 36.96
CA ARG G 79 -5.46 34.09 35.76
C ARG G 79 -5.41 35.56 36.10
N VAL G 80 -6.13 35.97 37.14
CA VAL G 80 -6.10 37.38 37.55
C VAL G 80 -4.73 37.76 38.13
N SER G 81 -3.97 36.76 38.60
CA SER G 81 -2.66 37.04 39.16
C SER G 81 -1.69 37.54 38.07
N GLU G 82 -1.68 36.89 36.91
CA GLU G 82 -0.84 37.24 35.78
C GLU G 82 -1.80 37.79 34.72
N ARG G 83 -1.85 39.12 34.64
CA ARG G 83 -2.74 39.90 33.80
C ARG G 83 -4.11 39.84 34.46
N GLY G 84 -5.16 39.58 33.70
CA GLY G 84 -6.47 39.46 34.32
C GLY G 84 -7.34 40.70 34.27
N GLY G 85 -8.37 40.64 33.43
CA GLY G 85 -9.32 41.73 33.31
C GLY G 85 -10.45 41.53 34.29
N GLY G 86 -10.14 41.63 35.58
CA GLY G 86 -11.12 41.42 36.62
C GLY G 86 -11.23 39.97 37.04
N PHE G 87 -12.24 39.70 37.85
CA PHE G 87 -12.50 38.37 38.37
C PHE G 87 -13.99 38.24 38.60
N ASP G 88 -14.64 37.30 37.92
CA ASP G 88 -16.06 37.08 38.16
C ASP G 88 -16.46 35.65 37.84
N VAL G 89 -16.92 34.93 38.87
CA VAL G 89 -17.34 33.53 38.75
C VAL G 89 -18.61 33.34 39.57
N SER G 90 -19.45 32.41 39.11
CA SER G 90 -20.70 32.13 39.79
C SER G 90 -20.72 30.69 40.26
N PHE G 91 -21.27 30.47 41.44
CA PHE G 91 -21.32 29.13 42.02
C PHE G 91 -22.50 29.05 42.98
N ARG G 92 -22.85 27.82 43.36
CA ARG G 92 -23.94 27.58 44.29
C ARG G 92 -23.40 26.87 45.53
N VAL G 93 -23.95 27.25 46.69
CA VAL G 93 -23.54 26.71 47.97
C VAL G 93 -24.63 25.77 48.49
N ALA G 94 -24.31 25.03 49.54
CA ALA G 94 -25.22 24.07 50.17
C ALA G 94 -25.93 24.64 51.39
N GLY G 95 -26.23 25.95 51.39
CA GLY G 95 -26.90 26.69 52.45
C GLY G 95 -28.06 26.00 53.14
N THR G 96 -29.02 25.49 52.35
CA THR G 96 -30.19 24.79 52.87
C THR G 96 -30.23 23.38 52.30
N SER G 97 -30.94 22.49 53.00
CA SER G 97 -31.04 21.09 52.61
C SER G 97 -31.55 20.86 51.18
N ASN G 98 -32.69 21.46 50.83
CA ASN G 98 -33.30 21.24 49.51
C ASN G 98 -33.13 22.42 48.54
N ALA G 99 -32.17 23.30 48.77
CA ALA G 99 -31.98 24.43 47.88
C ALA G 99 -30.53 24.89 47.98
N GLY G 100 -30.10 25.64 46.97
CA GLY G 100 -28.75 26.16 46.92
C GLY G 100 -28.75 27.67 46.81
N GLN G 101 -27.68 28.27 47.32
CA GLN G 101 -27.51 29.72 47.29
C GLN G 101 -26.59 30.05 46.12
N TRP G 102 -27.16 30.63 45.06
CA TRP G 102 -26.37 30.99 43.89
C TRP G 102 -25.76 32.37 44.15
N ILE G 103 -24.43 32.46 44.03
CA ILE G 103 -23.69 33.68 44.27
C ILE G 103 -22.82 33.99 43.07
N ARG G 104 -22.78 35.27 42.68
CA ARG G 104 -21.92 35.76 41.61
C ARG G 104 -20.85 36.59 42.31
N ALA G 105 -19.63 36.08 42.36
CA ALA G 105 -18.53 36.77 43.01
C ALA G 105 -17.74 37.57 41.97
N ARG G 106 -17.65 38.88 42.17
CA ARG G 106 -16.93 39.75 41.24
C ARG G 106 -15.85 40.47 42.03
N ALA G 107 -14.68 40.66 41.41
CA ALA G 107 -13.58 41.32 42.09
C ALA G 107 -12.61 41.91 41.08
N GLY G 108 -11.83 42.87 41.54
CA GLY G 108 -10.84 43.52 40.70
C GLY G 108 -9.51 43.62 41.41
N LEU G 109 -8.45 43.66 40.61
CA LEU G 109 -7.08 43.76 41.12
C LEU G 109 -6.77 45.16 41.63
N ILE G 110 -5.92 45.21 42.65
CA ILE G 110 -5.46 46.48 43.19
C ILE G 110 -3.97 46.33 43.44
N ARG G 111 -3.17 46.91 42.55
CA ARG G 111 -1.71 46.84 42.61
C ARG G 111 -1.17 47.96 43.49
N ASP G 112 -0.14 47.63 44.28
CA ASP G 112 0.47 48.61 45.19
C ASP G 112 1.23 49.69 44.43
N GLU G 113 2.10 49.28 43.52
CA GLU G 113 2.95 50.13 42.71
C GLU G 113 3.25 49.34 41.44
N ALA G 114 4.21 49.83 40.67
CA ALA G 114 4.60 49.14 39.43
C ALA G 114 5.07 47.72 39.69
N GLY G 115 5.50 47.42 40.91
CA GLY G 115 5.98 46.10 41.28
C GLY G 115 5.06 44.89 41.17
N THR G 116 3.93 44.87 41.86
CA THR G 116 3.04 43.70 41.83
C THR G 116 1.60 44.09 42.14
N ALA G 117 0.73 43.07 42.17
CA ALA G 117 -0.70 43.19 42.45
C ALA G 117 -0.91 42.59 43.83
N ARG G 118 -1.17 43.45 44.83
CA ARG G 118 -1.32 42.99 46.21
C ARG G 118 -2.58 42.18 46.45
N HIS G 119 -3.76 42.75 46.21
CA HIS G 119 -4.97 41.99 46.51
C HIS G 119 -6.07 42.16 45.48
N LEU G 120 -7.07 41.30 45.66
CA LEU G 120 -8.28 41.25 44.85
C LEU G 120 -9.38 41.75 45.78
N SER G 121 -10.09 42.78 45.34
CA SER G 121 -11.17 43.36 46.13
C SER G 121 -12.44 43.26 45.31
N GLY G 122 -13.55 42.94 45.97
CA GLY G 122 -14.77 42.81 45.23
C GLY G 122 -15.99 42.62 46.09
N ILE G 123 -17.04 42.07 45.46
CA ILE G 123 -18.33 41.87 46.10
C ILE G 123 -18.92 40.50 45.77
N PHE G 124 -19.93 40.13 46.56
CA PHE G 124 -20.69 38.89 46.41
C PHE G 124 -22.11 39.29 46.05
N LEU G 125 -22.63 38.77 44.95
CA LEU G 125 -23.98 39.09 44.51
C LEU G 125 -24.89 37.87 44.59
N ASP G 126 -26.13 38.08 45.00
CA ASP G 126 -27.12 37.01 45.07
C ASP G 126 -27.78 36.93 43.70
N ILE G 127 -27.62 35.79 43.02
CA ILE G 127 -28.17 35.61 41.69
C ILE G 127 -29.22 34.51 41.62
N ASP G 128 -29.93 34.27 42.73
CA ASP G 128 -30.96 33.23 42.73
C ASP G 128 -32.02 33.52 41.68
N GLU G 129 -32.49 34.77 41.61
CA GLU G 129 -33.51 35.12 40.62
C GLU G 129 -32.92 35.07 39.22
N GLU G 130 -31.71 35.57 39.05
CA GLU G 130 -31.08 35.55 37.74
C GLU G 130 -30.91 34.12 37.24
N LYS G 131 -30.46 33.22 38.12
CA LYS G 131 -30.29 31.83 37.71
C LYS G 131 -31.63 31.16 37.45
N GLN G 132 -32.68 31.62 38.14
CA GLN G 132 -34.00 31.04 37.96
C GLN G 132 -34.53 31.33 36.56
N VAL G 133 -34.42 32.59 36.11
CA VAL G 133 -34.87 32.97 34.78
C VAL G 133 -34.09 32.20 33.71
N GLU G 134 -32.78 32.11 33.91
CA GLU G 134 -31.90 31.39 32.98
C GLU G 134 -32.34 29.94 32.84
N GLY G 135 -32.59 29.28 33.98
CA GLY G 135 -33.04 27.90 33.92
C GLY G 135 -34.40 27.77 33.27
N ALA G 136 -35.28 28.75 33.48
CA ALA G 136 -36.60 28.71 32.87
C ALA G 136 -36.50 28.89 31.36
N LEU G 137 -35.54 29.68 30.89
CA LEU G 137 -35.39 29.85 29.45
C LEU G 137 -34.85 28.59 28.81
N ARG G 138 -33.90 27.94 29.48
CA ARG G 138 -33.31 26.70 28.97
C ARG G 138 -34.37 25.63 28.82
N THR G 139 -35.26 25.50 29.82
CA THR G 139 -36.33 24.50 29.77
C THR G 139 -37.23 24.75 28.57
N ARG G 140 -37.61 26.02 28.32
CA ARG G 140 -38.47 26.31 27.18
C ARG G 140 -37.76 26.05 25.86
N GLU G 141 -36.48 26.38 25.79
CA GLU G 141 -35.75 26.11 24.55
C GLU G 141 -35.64 24.61 24.32
N THR G 142 -35.36 23.85 25.39
CA THR G 142 -35.29 22.40 25.26
C THR G 142 -36.64 21.85 24.85
N HIS G 143 -37.71 22.33 25.50
CA HIS G 143 -39.05 21.87 25.17
C HIS G 143 -39.44 22.20 23.73
N LEU G 144 -39.09 23.40 23.26
CA LEU G 144 -39.42 23.76 21.88
C LEU G 144 -38.79 22.78 20.90
N ARG G 145 -37.53 22.40 21.14
CA ARG G 145 -36.87 21.42 20.29
C ARG G 145 -37.59 20.09 20.37
N SER G 146 -37.97 19.68 21.58
CA SER G 146 -38.70 18.42 21.74
C SER G 146 -40.01 18.43 20.96
N ILE G 147 -40.73 19.56 20.99
CA ILE G 147 -41.98 19.68 20.25
C ILE G 147 -41.74 19.52 18.76
N LEU G 148 -40.76 20.25 18.24
CA LEU G 148 -40.44 20.20 16.81
C LEU G 148 -40.11 18.78 16.35
N HIS G 149 -39.40 18.02 17.19
CA HIS G 149 -39.05 16.65 16.83
C HIS G 149 -40.27 15.72 16.85
N THR G 150 -41.06 15.81 17.93
CA THR G 150 -42.17 14.90 18.20
C THR G 150 -43.52 15.24 17.59
N ILE G 151 -43.83 16.50 17.31
CA ILE G 151 -45.17 16.82 16.78
C ILE G 151 -45.52 16.08 15.49
N PRO G 152 -46.63 15.34 15.48
CA PRO G 152 -47.01 14.59 14.27
C PRO G 152 -47.37 15.47 13.07
N ASP G 153 -48.12 16.54 13.27
CA ASP G 153 -48.47 17.42 12.18
C ASP G 153 -47.30 18.33 11.87
N ALA G 154 -47.22 18.79 10.62
CA ALA G 154 -46.15 19.69 10.22
C ALA G 154 -46.39 21.06 10.85
N MET G 155 -45.45 21.52 11.68
CA MET G 155 -45.55 22.80 12.37
C MET G 155 -44.60 23.80 11.72
N ILE G 156 -45.13 24.93 11.25
CA ILE G 156 -44.36 25.99 10.62
C ILE G 156 -44.55 27.26 11.41
N VAL G 157 -43.49 28.04 11.57
CA VAL G 157 -43.57 29.33 12.26
C VAL G 157 -42.97 30.37 11.32
N ILE G 158 -43.77 31.36 10.94
CA ILE G 158 -43.34 32.43 10.05
C ILE G 158 -43.42 33.76 10.78
N ASP G 159 -42.81 34.79 10.20
CA ASP G 159 -42.86 36.13 10.76
C ASP G 159 -43.89 36.96 10.01
N GLY G 160 -43.97 38.25 10.33
CA GLY G 160 -44.93 39.13 9.69
C GLY G 160 -44.74 39.30 8.19
N HIS G 161 -43.66 38.78 7.62
CA HIS G 161 -43.41 38.91 6.19
C HIS G 161 -43.39 37.56 5.48
N GLY G 162 -43.82 36.49 6.15
CA GLY G 162 -43.86 35.18 5.57
C GLY G 162 -42.54 34.42 5.59
N ILE G 163 -41.53 34.93 6.28
CA ILE G 163 -40.24 34.25 6.34
C ILE G 163 -40.27 33.16 7.38
N ILE G 164 -40.01 31.92 6.95
CA ILE G 164 -40.03 30.77 7.86
C ILE G 164 -38.99 30.94 8.95
N GLN G 165 -39.42 30.76 10.20
CA GLN G 165 -38.57 30.88 11.37
C GLN G 165 -38.27 29.52 11.99
N LEU G 166 -39.24 28.62 12.00
CA LEU G 166 -39.10 27.28 12.55
C LEU G 166 -39.79 26.32 11.59
N PHE G 167 -39.21 25.12 11.47
CA PHE G 167 -39.74 24.11 10.55
C PHE G 167 -39.55 22.76 11.24
N SER G 168 -40.64 22.14 11.68
CA SER G 168 -40.61 20.87 12.41
C SER G 168 -40.24 19.70 11.51
N THR G 169 -39.79 18.59 12.14
CA THR G 169 -39.38 17.41 11.38
C THR G 169 -40.53 16.85 10.56
N ALA G 170 -41.75 16.94 11.08
CA ALA G 170 -42.91 16.50 10.32
C ALA G 170 -43.05 17.31 9.04
N ALA G 171 -42.70 18.60 9.10
CA ALA G 171 -42.76 19.44 7.90
C ALA G 171 -41.69 19.03 6.90
N GLU G 172 -40.54 18.58 7.39
CA GLU G 172 -39.47 18.14 6.50
C GLU G 172 -39.93 16.94 5.68
N ARG G 173 -40.50 15.94 6.35
CA ARG G 173 -41.00 14.76 5.66
C ARG G 173 -42.12 15.10 4.69
N LEU G 174 -43.03 16.00 5.09
CA LEU G 174 -44.15 16.33 4.23
C LEU G 174 -43.74 17.16 3.02
N PHE G 175 -42.98 18.23 3.24
CA PHE G 175 -42.62 19.13 2.14
C PHE G 175 -41.33 18.78 1.43
N GLY G 176 -40.49 17.92 2.01
CA GLY G 176 -39.24 17.56 1.35
C GLY G 176 -38.16 18.62 1.40
N TRP G 177 -38.12 19.42 2.46
CA TRP G 177 -37.11 20.46 2.64
C TRP G 177 -36.57 20.30 4.04
N SER G 178 -35.25 20.36 4.19
CA SER G 178 -34.68 20.31 5.51
C SER G 178 -34.92 21.65 6.19
N GLU G 179 -34.85 21.65 7.52
CA GLU G 179 -35.06 22.90 8.24
C GLU G 179 -34.02 23.95 7.84
N LEU G 180 -32.77 23.53 7.60
CA LEU G 180 -31.73 24.47 7.17
C LEU G 180 -32.06 25.08 5.82
N GLU G 181 -32.69 24.30 4.94
CA GLU G 181 -33.05 24.81 3.62
C GLU G 181 -34.31 25.65 3.68
N ALA G 182 -35.19 25.38 4.63
CA ALA G 182 -36.46 26.11 4.73
C ALA G 182 -36.33 27.41 5.49
N ILE G 183 -35.70 27.38 6.66
CA ILE G 183 -35.55 28.58 7.47
C ILE G 183 -34.85 29.69 6.69
N GLY G 184 -35.51 30.85 6.62
CA GLY G 184 -35.03 31.99 5.90
C GLY G 184 -35.72 32.20 4.57
N GLN G 185 -36.29 31.14 4.00
CA GLN G 185 -37.04 31.23 2.76
C GLN G 185 -38.45 31.73 3.06
N ASN G 186 -39.11 32.23 2.02
CA ASN G 186 -40.49 32.67 2.18
C ASN G 186 -41.40 31.44 2.15
N VAL G 187 -42.40 31.45 3.04
CA VAL G 187 -43.39 30.36 3.17
C VAL G 187 -44.05 30.02 1.84
N ASN G 188 -44.03 30.96 0.87
CA ASN G 188 -44.64 30.71 -0.42
C ASN G 188 -43.95 29.59 -1.20
N ILE G 189 -42.73 29.20 -0.83
CA ILE G 189 -42.08 28.10 -1.52
C ILE G 189 -42.76 26.77 -1.26
N LEU G 190 -43.68 26.73 -0.30
CA LEU G 190 -44.42 25.54 0.09
C LEU G 190 -45.78 25.45 -0.60
N MET G 191 -46.07 26.31 -1.57
CA MET G 191 -47.36 26.28 -2.21
C MET G 191 -47.25 26.52 -3.70
N PRO G 192 -48.22 26.03 -4.49
CA PRO G 192 -48.18 26.25 -5.94
C PRO G 192 -48.89 27.54 -6.35
N GLU G 193 -48.87 27.84 -7.64
CA GLU G 193 -49.55 29.03 -8.14
C GLU G 193 -51.06 28.77 -8.22
N PRO G 194 -51.89 29.81 -8.12
CA PRO G 194 -51.58 31.24 -7.97
C PRO G 194 -51.35 31.67 -6.52
N ASP G 195 -51.65 30.79 -5.55
CA ASP G 195 -51.46 31.13 -4.14
C ASP G 195 -50.04 31.56 -3.82
N ARG G 196 -49.05 30.99 -4.52
CA ARG G 196 -47.65 31.33 -4.28
C ARG G 196 -47.36 32.80 -4.55
N SER G 197 -47.81 33.32 -5.69
CA SER G 197 -47.54 34.71 -6.01
C SER G 197 -48.38 35.68 -5.20
N ARG G 198 -49.55 35.25 -4.73
CA ARG G 198 -50.43 36.14 -3.98
C ARG G 198 -50.37 35.95 -2.47
N HIS G 199 -49.55 35.04 -1.95
CA HIS G 199 -49.52 34.81 -0.51
C HIS G 199 -48.98 36.00 0.26
N ASP G 200 -47.99 36.71 -0.29
CA ASP G 200 -47.43 37.85 0.44
C ASP G 200 -48.48 38.92 0.70
N SER G 201 -49.37 39.16 -0.27
CA SER G 201 -50.42 40.15 -0.07
C SER G 201 -51.45 39.66 0.93
N TYR G 202 -51.68 38.34 1.00
CA TYR G 202 -52.65 37.81 1.95
C TYR G 202 -52.25 38.13 3.39
N ILE G 203 -50.95 38.12 3.66
CA ILE G 203 -50.48 38.40 5.01
C ILE G 203 -50.54 39.89 5.32
N SER G 204 -50.16 40.74 4.36
CA SER G 204 -50.22 42.17 4.59
C SER G 204 -51.65 42.68 4.73
N ARG G 205 -52.62 41.96 4.18
CA ARG G 205 -54.01 42.36 4.32
C ARG G 205 -54.47 42.23 5.77
N TYR G 206 -54.31 41.03 6.33
CA TYR G 206 -54.71 40.80 7.72
C TYR G 206 -53.85 41.60 8.69
N ARG G 207 -52.58 41.84 8.36
CA ARG G 207 -51.72 42.60 9.25
C ARG G 207 -52.08 44.10 9.30
N THR G 208 -52.82 44.62 8.32
CA THR G 208 -53.19 46.03 8.32
C THR G 208 -54.63 46.30 8.73
N THR G 209 -55.57 45.40 8.43
CA THR G 209 -56.96 45.66 8.80
C THR G 209 -57.19 45.54 10.30
N SER G 210 -56.39 44.73 11.00
CA SER G 210 -56.51 44.53 12.45
C SER G 210 -57.88 43.96 12.85
N ASP G 211 -58.43 43.10 11.98
CA ASP G 211 -59.73 42.49 12.19
C ASP G 211 -59.62 40.99 11.93
N PRO G 212 -60.50 40.18 12.52
CA PRO G 212 -60.49 38.73 12.29
C PRO G 212 -60.49 38.34 10.81
N HIS G 213 -59.72 37.30 10.51
CA HIS G 213 -59.53 36.78 9.16
C HIS G 213 -59.50 35.25 9.25
N ILE G 214 -59.03 34.61 8.17
CA ILE G 214 -58.98 33.15 8.04
C ILE G 214 -58.23 32.44 9.18
N ILE G 215 -57.54 33.19 10.05
CA ILE G 215 -56.85 32.59 11.19
C ILE G 215 -57.88 31.84 12.03
N GLY G 216 -57.67 30.52 12.16
CA GLY G 216 -58.57 29.63 12.88
C GLY G 216 -59.60 28.95 12.00
N ILE G 217 -60.03 29.61 10.92
CA ILE G 217 -61.00 29.03 10.00
C ILE G 217 -60.50 27.72 9.42
N GLY G 218 -61.33 26.68 9.51
CA GLY G 218 -60.96 25.37 9.00
C GLY G 218 -61.16 25.25 7.51
N ARG G 219 -60.29 25.93 6.75
CA ARG G 219 -60.33 25.93 5.29
C ARG G 219 -59.21 25.05 4.76
N ILE G 220 -59.53 24.27 3.72
CA ILE G 220 -58.57 23.36 3.11
C ILE G 220 -57.95 24.02 1.87
N VAL G 221 -56.62 24.01 1.82
CA VAL G 221 -55.86 24.60 0.73
C VAL G 221 -54.92 23.53 0.18
N THR G 222 -54.27 23.84 -0.96
CA THR G 222 -53.35 22.89 -1.57
C THR G 222 -51.92 23.41 -1.50
N GLY G 223 -51.02 22.57 -0.99
CA GLY G 223 -49.62 22.89 -0.86
C GLY G 223 -48.78 22.09 -1.86
N LYS G 224 -47.52 22.50 -2.02
CA LYS G 224 -46.60 21.86 -2.95
C LYS G 224 -45.28 21.56 -2.27
N ARG G 225 -44.76 20.35 -2.50
CA ARG G 225 -43.48 19.96 -1.94
C ARG G 225 -42.35 20.38 -2.88
N ARG G 226 -41.12 20.32 -2.37
CA ARG G 226 -39.96 20.68 -3.19
C ARG G 226 -39.92 19.83 -4.45
N ASP G 227 -40.23 18.54 -4.28
CA ASP G 227 -40.30 17.58 -5.37
C ASP G 227 -41.15 18.11 -6.54
N GLY G 228 -42.20 18.86 -6.25
CA GLY G 228 -43.06 19.44 -7.26
C GLY G 228 -44.49 18.98 -7.22
N THR G 229 -44.78 17.89 -6.52
CA THR G 229 -46.14 17.41 -6.43
C THR G 229 -46.97 18.32 -5.51
N THR G 230 -48.28 18.11 -5.53
CA THR G 230 -49.22 18.88 -4.74
C THR G 230 -50.12 17.93 -3.97
N PHE G 231 -50.73 18.44 -2.89
CA PHE G 231 -51.59 17.61 -2.06
C PHE G 231 -52.54 18.50 -1.29
N PRO G 232 -53.73 18.02 -0.94
CA PRO G 232 -54.67 18.84 -0.18
C PRO G 232 -54.30 18.83 1.30
N MET G 233 -54.40 20.00 1.92
CA MET G 233 -54.05 20.11 3.33
C MET G 233 -54.96 21.12 4.02
N HIS G 234 -55.17 20.90 5.31
CA HIS G 234 -55.93 21.79 6.16
C HIS G 234 -54.95 22.33 7.20
N LEU G 235 -55.07 23.61 7.55
CA LEU G 235 -54.16 24.12 8.57
C LEU G 235 -54.84 25.18 9.41
N SER G 236 -54.33 25.33 10.63
CA SER G 236 -54.83 26.29 11.60
C SER G 236 -53.67 27.16 12.05
N ILE G 237 -53.92 28.46 12.13
CA ILE G 237 -52.93 29.45 12.52
C ILE G 237 -53.23 29.97 13.91
N GLY G 238 -52.19 30.45 14.58
CA GLY G 238 -52.23 31.06 15.89
C GLY G 238 -51.33 32.28 15.83
N GLU G 239 -51.79 33.44 16.28
CA GLU G 239 -50.97 34.63 16.24
C GLU G 239 -50.29 34.86 17.58
N MET G 240 -49.20 35.64 17.53
CA MET G 240 -48.47 36.00 18.74
C MET G 240 -47.74 37.30 18.45
N GLN G 241 -47.34 37.98 19.53
CA GLN G 241 -46.63 39.25 19.41
C GLN G 241 -45.37 39.20 20.25
N SER G 242 -44.27 39.68 19.68
CA SER G 242 -43.01 39.73 20.39
C SER G 242 -42.19 40.86 19.78
N GLY G 243 -41.59 41.69 20.65
CA GLY G 243 -40.75 42.79 20.24
C GLY G 243 -41.28 43.70 19.15
N GLY G 244 -42.59 43.81 19.02
CA GLY G 244 -43.15 44.67 18.01
C GLY G 244 -43.45 43.99 16.70
N GLU G 245 -43.24 42.69 16.59
CA GLU G 245 -43.54 41.99 15.35
C GLU G 245 -44.44 40.81 15.65
N PRO G 246 -45.34 40.48 14.72
CA PRO G 246 -46.20 39.31 14.90
C PRO G 246 -45.58 38.06 14.30
N TYR G 247 -45.95 36.92 14.85
CA TYR G 247 -45.51 35.63 14.37
C TYR G 247 -46.72 34.72 14.26
N PHE G 248 -46.75 33.91 13.22
CA PHE G 248 -47.85 32.98 12.99
C PHE G 248 -47.31 31.56 13.08
N THR G 249 -47.92 30.75 13.96
CA THR G 249 -47.57 29.35 14.14
C THR G 249 -48.68 28.51 13.49
N GLY G 250 -48.36 27.85 12.37
CA GLY G 250 -49.34 27.02 11.67
C GLY G 250 -49.12 25.54 11.90
N PHE G 251 -50.22 24.78 11.89
CA PHE G 251 -50.19 23.33 12.05
C PHE G 251 -50.86 22.74 10.82
N VAL G 252 -50.08 22.04 10.00
CA VAL G 252 -50.53 21.47 8.73
C VAL G 252 -50.95 20.01 8.92
N ARG G 253 -52.10 19.66 8.33
CA ARG G 253 -52.64 18.30 8.37
C ARG G 253 -52.82 17.85 6.93
N ASP G 254 -52.15 16.75 6.56
CA ASP G 254 -52.21 16.21 5.21
C ASP G 254 -53.55 15.51 5.02
N LEU G 255 -54.30 15.93 4.00
CA LEU G 255 -55.61 15.36 3.70
C LEU G 255 -55.59 14.36 2.56
N THR G 256 -54.41 13.93 2.11
CA THR G 256 -54.33 12.98 1.00
C THR G 256 -55.08 11.69 1.34
N GLU G 257 -54.71 11.06 2.46
CA GLU G 257 -55.39 9.82 2.86
C GLU G 257 -56.83 10.07 3.25
N HIS G 258 -57.15 11.23 3.81
CA HIS G 258 -58.53 11.51 4.17
C HIS G 258 -59.43 11.62 2.96
N GLN G 259 -58.93 12.25 1.89
CA GLN G 259 -59.73 12.39 0.68
C GLN G 259 -59.73 11.13 -0.18
N GLN G 260 -58.70 10.28 -0.06
CA GLN G 260 -58.67 9.05 -0.83
C GLN G 260 -59.74 8.09 -0.33
N THR G 261 -59.81 7.86 0.97
CA THR G 261 -60.82 6.96 1.51
C THR G 261 -62.22 7.52 1.35
N GLN G 262 -62.35 8.86 1.39
CA GLN G 262 -63.66 9.46 1.18
C GLN G 262 -64.10 9.32 -0.27
N ALA G 263 -63.13 9.35 -1.21
CA ALA G 263 -63.45 9.19 -2.62
C ALA G 263 -64.00 7.81 -2.91
N ARG G 264 -63.51 6.79 -2.21
CA ARG G 264 -64.00 5.44 -2.43
C ARG G 264 -65.22 5.14 -1.59
N LEU G 265 -65.70 6.12 -0.80
CA LEU G 265 -66.90 6.00 -0.02
C LEU G 265 -68.11 6.48 -0.82
N GLN G 266 -67.85 7.35 -1.79
CA GLN G 266 -68.87 7.87 -2.70
C GLN G 266 -68.99 6.99 -3.92
N GLU G 267 -67.94 6.20 -4.18
CA GLU G 267 -67.88 5.26 -5.28
C GLU G 267 -68.53 3.94 -4.89
N LEU G 268 -68.40 3.53 -3.63
CA LEU G 268 -68.96 2.28 -3.15
C LEU G 268 -70.29 2.47 -2.44
N GLN G 269 -70.90 3.64 -2.54
CA GLN G 269 -72.20 3.88 -1.91
C GLN G 269 -73.18 4.60 -2.82
N SER G 270 -72.78 4.96 -4.04
CA SER G 270 -73.68 5.63 -4.98
C SER G 270 -73.57 5.11 -6.40
N GLU G 271 -72.76 4.07 -6.65
CA GLU G 271 -72.61 3.54 -7.99
C GLU G 271 -73.68 2.52 -8.36
N LEU G 272 -74.31 1.88 -7.37
CA LEU G 272 -75.34 0.88 -7.64
C LEU G 272 -76.67 1.36 -7.06
N VAL G 273 -77.75 1.00 -7.75
CA VAL G 273 -79.09 1.38 -7.34
C VAL G 273 -80.13 0.38 -7.86
N ILE H 21 -9.79 48.49 41.88
CA ILE H 21 -9.52 49.05 40.56
C ILE H 21 -9.31 47.94 39.53
N GLU H 22 -8.47 48.23 38.52
CA GLU H 22 -8.14 47.30 37.43
C GLU H 22 -9.38 46.76 36.73
N GLY H 23 -10.27 47.69 36.36
CA GLY H 23 -11.51 47.40 35.66
C GLY H 23 -12.63 46.96 36.57
N PHE H 24 -12.55 45.71 37.04
CA PHE H 24 -13.48 45.07 37.96
C PHE H 24 -14.85 44.83 37.33
N GLY H 25 -15.06 45.30 36.10
CA GLY H 25 -16.30 45.10 35.39
C GLY H 25 -17.51 45.86 35.91
N VAL H 26 -17.45 46.40 37.12
CA VAL H 26 -18.57 47.12 37.72
C VAL H 26 -18.06 48.42 38.31
N GLY H 27 -18.75 49.52 38.02
CA GLY H 27 -18.36 50.80 38.58
C GLY H 27 -18.93 51.00 39.98
N THR H 28 -18.44 52.04 40.65
CA THR H 28 -18.87 52.37 42.00
C THR H 28 -19.32 53.83 42.02
N TRP H 29 -20.19 54.16 42.97
CA TRP H 29 -20.69 55.52 43.09
C TRP H 29 -21.04 55.81 44.53
N ASP H 30 -21.00 57.10 44.87
CA ASP H 30 -21.27 57.59 46.21
C ASP H 30 -21.88 58.98 46.12
N LEU H 31 -22.94 59.20 46.90
CA LEU H 31 -23.56 60.51 46.95
C LEU H 31 -24.10 60.77 48.35
N ASP H 32 -23.99 62.02 48.79
CA ASP H 32 -24.46 62.43 50.11
C ASP H 32 -25.71 63.28 49.99
N LEU H 33 -26.70 63.00 50.85
CA LEU H 33 -27.94 63.75 50.84
C LEU H 33 -27.66 65.23 51.09
N LYS H 34 -26.73 65.53 51.98
CA LYS H 34 -26.33 66.90 52.25
C LYS H 34 -25.23 67.25 51.25
N THR H 35 -25.39 68.38 50.57
CA THR H 35 -24.56 69.02 49.53
C THR H 35 -24.71 68.41 48.12
N TRP H 36 -25.51 67.34 47.97
CA TRP H 36 -25.80 66.69 46.69
C TRP H 36 -24.59 66.48 45.78
N ALA H 37 -23.50 65.97 46.35
CA ALA H 37 -22.28 65.71 45.58
C ALA H 37 -22.26 64.26 45.14
N LEU H 38 -21.69 64.00 43.97
CA LEU H 38 -21.64 62.63 43.44
C LEU H 38 -20.23 62.28 42.95
N ASP H 39 -19.65 61.25 43.55
CA ASP H 39 -18.35 60.72 43.18
C ASP H 39 -18.58 59.36 42.55
N TRP H 40 -17.87 59.05 41.48
CA TRP H 40 -18.04 57.74 40.85
C TRP H 40 -16.71 57.21 40.29
N SER H 41 -16.71 55.92 40.00
CA SER H 41 -15.55 55.21 39.49
C SER H 41 -15.38 55.41 37.99
N ASP H 42 -14.17 55.09 37.51
CA ASP H 42 -13.88 55.18 36.08
C ASP H 42 -14.72 54.18 35.30
N THR H 43 -14.84 52.96 35.82
CA THR H 43 -15.67 51.95 35.16
C THR H 43 -17.14 52.34 35.18
N ALA H 44 -17.55 53.20 36.12
CA ALA H 44 -18.94 53.66 36.17
C ALA H 44 -19.20 54.70 35.09
N ARG H 45 -18.19 55.51 34.77
CA ARG H 45 -18.31 56.52 33.73
C ARG H 45 -18.59 55.88 32.38
N THR H 46 -17.86 54.79 32.06
CA THR H 46 -18.06 54.10 30.79
C THR H 46 -19.46 53.51 30.68
N LEU H 47 -19.97 52.93 31.77
CA LEU H 47 -21.32 52.35 31.74
C LEU H 47 -22.38 53.41 31.47
N LEU H 48 -22.20 54.61 32.03
CA LEU H 48 -23.15 55.70 31.82
C LEU H 48 -23.23 56.17 30.38
N GLY H 49 -22.17 55.97 29.58
CA GLY H 49 -22.18 56.34 28.18
C GLY H 49 -21.53 57.67 27.83
N ILE H 50 -21.16 58.47 28.82
CA ILE H 50 -20.56 59.78 28.58
C ILE H 50 -19.75 60.16 29.81
N GLY H 51 -18.85 61.12 29.64
CA GLY H 51 -18.02 61.53 30.76
C GLY H 51 -16.54 61.45 30.51
N GLN H 52 -16.15 61.51 29.23
CA GLN H 52 -14.74 61.50 28.84
C GLN H 52 -13.96 62.54 29.62
N ASP H 53 -14.48 63.77 29.69
CA ASP H 53 -13.81 64.83 30.43
C ASP H 53 -14.75 65.62 31.35
N GLN H 54 -16.06 65.51 31.21
CA GLN H 54 -16.95 66.24 32.10
C GLN H 54 -16.88 65.63 33.50
N PRO H 55 -16.87 66.45 34.54
CA PRO H 55 -16.76 65.92 35.91
C PRO H 55 -18.05 65.28 36.37
N ALA H 56 -17.89 64.38 37.35
CA ALA H 56 -19.04 63.69 37.92
C ALA H 56 -19.95 64.71 38.58
N SER H 57 -21.25 64.54 38.38
CA SER H 57 -22.21 65.47 38.94
C SER H 57 -23.57 64.79 39.02
N TYR H 58 -24.31 65.11 40.08
CA TYR H 58 -25.64 64.53 40.24
C TYR H 58 -26.55 64.93 39.09
N ASP H 59 -26.46 66.19 38.65
CA ASP H 59 -27.26 66.67 37.53
C ASP H 59 -26.90 65.92 36.24
N LEU H 60 -25.61 65.66 36.03
CA LEU H 60 -25.15 64.93 34.85
C LEU H 60 -25.74 63.53 34.81
N PHE H 61 -25.80 62.87 35.97
CA PHE H 61 -26.36 61.52 36.05
C PHE H 61 -27.82 61.51 35.61
N LEU H 62 -28.61 62.45 36.11
CA LEU H 62 -30.02 62.51 35.73
C LEU H 62 -30.20 62.96 34.29
N SER H 63 -29.15 63.47 33.65
CA SER H 63 -29.24 63.91 32.27
C SER H 63 -29.13 62.73 31.31
N ARG H 64 -28.64 61.59 31.79
CA ARG H 64 -28.52 60.40 30.97
C ARG H 64 -29.77 59.54 31.01
N LEU H 65 -30.53 59.62 32.10
CA LEU H 65 -31.75 58.84 32.23
C LEU H 65 -32.87 59.48 31.43
N GLU H 66 -33.83 58.66 31.00
CA GLU H 66 -34.97 59.16 30.27
C GLU H 66 -35.96 59.78 31.26
N PRO H 67 -36.84 60.71 30.78
CA PRO H 67 -37.81 61.37 31.69
C PRO H 67 -38.57 60.52 32.69
N ASP H 68 -39.27 59.48 32.25
CA ASP H 68 -39.98 58.65 33.21
C ASP H 68 -39.03 57.88 34.10
N ASP H 69 -37.87 57.48 33.56
CA ASP H 69 -36.87 56.76 34.36
C ASP H 69 -36.23 57.69 35.37
N ARG H 70 -35.92 58.94 34.97
CA ARG H 70 -35.31 59.90 35.88
C ARG H 70 -36.20 60.16 37.09
N GLU H 71 -37.51 60.31 36.87
CA GLU H 71 -38.45 60.51 37.97
C GLU H 71 -38.43 59.32 38.92
N ARG H 72 -38.45 58.11 38.36
CA ARG H 72 -38.43 56.88 39.14
C ARG H 72 -37.20 56.82 40.05
N VAL H 73 -36.03 57.16 39.50
CA VAL H 73 -34.79 57.13 40.27
C VAL H 73 -34.83 58.15 41.41
N GLU H 74 -35.17 59.40 41.09
CA GLU H 74 -35.20 60.46 42.09
C GLU H 74 -36.19 60.17 43.21
N SER H 75 -37.34 59.59 42.87
CA SER H 75 -38.32 59.26 43.91
C SER H 75 -37.76 58.17 44.84
N ALA H 76 -37.03 57.21 44.26
CA ALA H 76 -36.44 56.12 45.04
C ALA H 76 -35.44 56.62 46.06
N ILE H 77 -34.65 57.66 45.73
CA ILE H 77 -33.67 58.18 46.67
C ILE H 77 -34.33 58.77 47.91
N LYS H 78 -35.48 59.43 47.75
CA LYS H 78 -36.15 60.03 48.89
C LYS H 78 -36.67 58.98 49.87
N ARG H 79 -37.20 57.86 49.37
CA ARG H 79 -37.70 56.82 50.28
C ARG H 79 -36.58 56.25 51.13
N VAL H 80 -35.44 55.92 50.51
CA VAL H 80 -34.31 55.37 51.25
C VAL H 80 -33.64 56.45 52.12
N SER H 81 -33.72 57.72 51.69
CA SER H 81 -33.13 58.83 52.43
C SER H 81 -33.56 58.86 53.89
N GLU H 82 -34.83 58.60 54.17
CA GLU H 82 -35.33 58.64 55.54
C GLU H 82 -35.27 57.26 56.19
N ARG H 83 -35.91 56.27 55.60
CA ARG H 83 -35.90 54.92 56.16
C ARG H 83 -36.07 53.94 55.02
N GLY H 84 -35.01 53.20 54.70
CA GLY H 84 -35.06 52.23 53.63
C GLY H 84 -34.11 51.07 53.81
N GLY H 85 -34.54 49.87 53.40
CA GLY H 85 -33.68 48.70 53.50
C GLY H 85 -32.51 48.78 52.55
N GLY H 86 -32.67 49.49 51.45
CA GLY H 86 -31.60 49.62 50.48
C GLY H 86 -32.09 50.47 49.33
N PHE H 87 -31.38 50.38 48.20
CA PHE H 87 -31.76 51.16 47.03
C PHE H 87 -31.33 50.43 45.77
N ASP H 88 -32.29 49.83 45.05
CA ASP H 88 -31.96 49.14 43.82
C ASP H 88 -33.00 49.45 42.75
N VAL H 89 -32.55 50.08 41.65
CA VAL H 89 -33.40 50.43 40.52
C VAL H 89 -32.64 50.15 39.24
N SER H 90 -33.37 49.76 38.19
CA SER H 90 -32.79 49.47 36.89
C SER H 90 -33.38 50.42 35.86
N PHE H 91 -32.55 50.83 34.90
CA PHE H 91 -32.98 51.78 33.88
C PHE H 91 -32.10 51.59 32.66
N ARG H 92 -32.54 52.16 31.54
CA ARG H 92 -31.79 52.10 30.29
C ARG H 92 -31.37 53.52 29.89
N VAL H 93 -30.17 53.64 29.32
CA VAL H 93 -29.62 54.91 28.90
C VAL H 93 -29.66 54.98 27.38
N ALA H 94 -29.46 56.19 26.84
CA ALA H 94 -29.45 56.44 25.40
C ALA H 94 -28.03 56.46 24.82
N GLY H 95 -27.10 55.70 25.44
CA GLY H 95 -25.71 55.59 25.03
C GLY H 95 -25.42 55.45 23.55
N THR H 96 -26.18 54.58 22.88
CA THR H 96 -26.02 54.33 21.45
C THR H 96 -27.34 54.61 20.72
N SER H 97 -27.20 54.91 19.43
CA SER H 97 -28.34 55.25 18.57
C SER H 97 -29.46 54.19 18.56
N ASN H 98 -29.12 52.93 18.28
CA ASN H 98 -30.13 51.88 18.18
C ASN H 98 -30.10 50.86 19.34
N ALA H 99 -29.50 51.22 20.47
CA ALA H 99 -29.47 50.31 21.60
C ALA H 99 -29.37 51.11 22.89
N GLY H 100 -29.81 50.49 23.97
CA GLY H 100 -29.78 51.11 25.27
C GLY H 100 -28.93 50.30 26.22
N GLN H 101 -28.29 51.00 27.14
CA GLN H 101 -27.44 50.36 28.13
C GLN H 101 -28.30 50.08 29.36
N TRP H 102 -28.47 48.81 29.71
CA TRP H 102 -29.26 48.45 30.87
C TRP H 102 -28.34 48.38 32.07
N ILE H 103 -28.65 49.18 33.09
CA ILE H 103 -27.84 49.28 34.29
C ILE H 103 -28.70 49.11 35.52
N ARG H 104 -28.23 48.30 36.47
CA ARG H 104 -28.88 48.12 37.75
C ARG H 104 -28.02 48.88 38.76
N ALA H 105 -28.64 49.74 39.55
CA ALA H 105 -27.91 50.53 40.54
C ALA H 105 -28.35 50.12 41.93
N ARG H 106 -27.46 49.46 42.66
CA ARG H 106 -27.73 49.00 44.01
C ARG H 106 -26.89 49.80 44.99
N ALA H 107 -27.43 50.07 46.18
CA ALA H 107 -26.73 50.86 47.17
C ALA H 107 -27.15 50.46 48.59
N GLY H 108 -26.55 51.12 49.57
CA GLY H 108 -26.85 50.86 50.97
C GLY H 108 -26.50 52.05 51.82
N LEU H 109 -27.24 52.21 52.93
CA LEU H 109 -27.05 53.33 53.84
C LEU H 109 -25.94 53.09 54.84
N ILE H 110 -25.18 54.16 55.11
CA ILE H 110 -24.11 54.17 56.11
C ILE H 110 -24.23 55.51 56.84
N ARG H 111 -24.78 55.50 58.04
CA ARG H 111 -24.98 56.73 58.79
C ARG H 111 -23.69 57.17 59.49
N ASP H 112 -23.60 58.49 59.69
CA ASP H 112 -22.43 59.07 60.36
C ASP H 112 -22.37 58.63 61.82
N GLU H 113 -23.45 58.85 62.56
CA GLU H 113 -23.59 58.50 63.96
C GLU H 113 -25.08 58.33 64.20
N ALA H 114 -25.48 58.24 65.48
CA ALA H 114 -26.89 58.12 65.80
C ALA H 114 -27.70 59.29 65.28
N GLY H 115 -27.05 60.42 65.00
CA GLY H 115 -27.69 61.62 64.49
C GLY H 115 -28.38 61.54 63.15
N THR H 116 -27.64 61.32 62.06
CA THR H 116 -28.25 61.28 60.73
C THR H 116 -27.49 60.35 59.80
N ALA H 117 -28.10 60.14 58.63
CA ALA H 117 -27.55 59.35 57.55
C ALA H 117 -26.99 60.36 56.57
N ARG H 118 -25.71 60.26 56.24
CA ARG H 118 -25.10 61.27 55.38
C ARG H 118 -24.87 60.87 53.92
N HIS H 119 -24.22 59.73 53.65
CA HIS H 119 -23.93 59.39 52.27
C HIS H 119 -24.20 57.92 51.95
N LEU H 120 -25.07 57.71 50.95
CA LEU H 120 -25.45 56.39 50.47
C LEU H 120 -24.40 55.89 49.48
N SER H 121 -23.89 54.68 49.69
CA SER H 121 -22.85 54.10 48.85
C SER H 121 -23.37 52.90 48.08
N GLY H 122 -22.89 52.74 46.85
CA GLY H 122 -23.34 51.61 46.05
C GLY H 122 -22.51 51.34 44.81
N ILE H 123 -23.10 50.55 43.90
CA ILE H 123 -22.45 50.14 42.65
C ILE H 123 -23.42 50.21 41.46
N PHE H 124 -22.83 50.18 40.27
CA PHE H 124 -23.55 50.19 39.00
C PHE H 124 -23.22 48.87 38.32
N LEU H 125 -24.25 48.09 37.99
CA LEU H 125 -24.08 46.79 37.36
C LEU H 125 -24.62 46.79 35.93
N ASP H 126 -23.88 46.15 35.02
CA ASP H 126 -24.31 46.03 33.64
C ASP H 126 -25.23 44.83 33.55
N ILE H 127 -26.48 45.05 33.17
CA ILE H 127 -27.45 43.95 33.11
C ILE H 127 -27.99 43.72 31.70
N ASP H 128 -27.18 44.01 30.68
CA ASP H 128 -27.61 43.79 29.31
C ASP H 128 -27.92 42.33 29.05
N GLU H 129 -27.12 41.42 29.61
CA GLU H 129 -27.38 39.99 29.43
C GLU H 129 -28.58 39.54 30.24
N GLU H 130 -28.70 40.02 31.47
CA GLU H 130 -29.84 39.66 32.32
C GLU H 130 -31.15 40.07 31.65
N LYS H 131 -31.18 41.24 31.00
CA LYS H 131 -32.38 41.69 30.30
C LYS H 131 -32.60 40.93 29.01
N GLN H 132 -31.52 40.48 28.37
CA GLN H 132 -31.65 39.71 27.13
C GLN H 132 -32.31 38.37 27.42
N VAL H 133 -31.89 37.72 28.52
CA VAL H 133 -32.47 36.44 28.92
C VAL H 133 -33.93 36.63 29.30
N GLU H 134 -34.24 37.69 30.02
CA GLU H 134 -35.62 37.99 30.42
C GLU H 134 -36.51 38.14 29.20
N GLY H 135 -36.03 38.88 28.20
CA GLY H 135 -36.80 39.08 26.98
C GLY H 135 -36.95 37.81 26.16
N ALA H 136 -35.97 36.91 26.22
CA ALA H 136 -36.08 35.68 25.45
C ALA H 136 -37.04 34.72 26.13
N LEU H 137 -37.04 34.67 27.47
CA LEU H 137 -37.96 33.79 28.16
C LEU H 137 -39.40 34.22 27.90
N ARG H 138 -39.62 35.54 27.87
CA ARG H 138 -40.95 36.07 27.59
C ARG H 138 -41.45 35.62 26.22
N THR H 139 -40.59 35.70 25.20
CA THR H 139 -40.98 35.28 23.86
C THR H 139 -41.35 33.81 23.83
N ARG H 140 -40.55 32.97 24.50
CA ARG H 140 -40.85 31.54 24.53
C ARG H 140 -42.13 31.27 25.31
N GLU H 141 -42.34 32.00 26.40
CA GLU H 141 -43.56 31.80 27.16
C GLU H 141 -44.78 32.21 26.35
N THR H 142 -44.68 33.30 25.60
CA THR H 142 -45.79 33.71 24.75
C THR H 142 -46.06 32.67 23.67
N HIS H 143 -44.99 32.16 23.06
CA HIS H 143 -45.14 31.15 22.03
C HIS H 143 -45.76 29.88 22.58
N LEU H 144 -45.35 29.47 23.79
CA LEU H 144 -45.91 28.27 24.42
C LEU H 144 -47.43 28.38 24.53
N ARG H 145 -47.90 29.53 25.03
CA ARG H 145 -49.35 29.72 25.17
C ARG H 145 -50.02 29.66 23.81
N SER H 146 -49.42 30.30 22.80
CA SER H 146 -49.98 30.28 21.46
C SER H 146 -50.10 28.84 20.95
N ILE H 147 -49.07 28.03 21.22
CA ILE H 147 -49.09 26.64 20.79
C ILE H 147 -50.23 25.88 21.46
N LEU H 148 -50.35 26.03 22.78
CA LEU H 148 -51.39 25.33 23.54
C LEU H 148 -52.80 25.71 23.09
N HIS H 149 -53.03 26.98 22.76
CA HIS H 149 -54.38 27.35 22.34
CA HIS H 149 -54.37 27.38 22.33
C HIS H 149 -54.67 27.05 20.88
N THR H 150 -53.65 26.77 20.07
CA THR H 150 -53.86 26.55 18.65
C THR H 150 -53.70 25.11 18.15
N ILE H 151 -52.91 24.29 18.82
CA ILE H 151 -52.69 22.93 18.32
C ILE H 151 -53.97 22.10 18.18
N PRO H 152 -54.28 21.61 16.97
CA PRO H 152 -55.49 20.81 16.76
C PRO H 152 -55.54 19.53 17.58
N ASP H 153 -54.41 18.87 17.78
CA ASP H 153 -54.42 17.66 18.56
C ASP H 153 -54.23 18.01 20.03
N ALA H 154 -54.72 17.14 20.89
CA ALA H 154 -54.57 17.37 22.32
C ALA H 154 -53.11 17.23 22.72
N MET H 155 -52.54 18.28 23.31
CA MET H 155 -51.16 18.24 23.77
C MET H 155 -51.16 18.19 25.30
N ILE H 156 -50.43 17.24 25.85
CA ILE H 156 -50.33 17.05 27.30
C ILE H 156 -48.87 16.89 27.66
N VAL H 157 -48.43 17.55 28.73
CA VAL H 157 -47.05 17.44 29.19
C VAL H 157 -47.07 16.97 30.64
N ILE H 158 -46.36 15.88 30.91
CA ILE H 158 -46.27 15.33 32.26
C ILE H 158 -44.82 15.32 32.71
N ASP H 159 -44.64 15.17 34.02
CA ASP H 159 -43.32 15.13 34.63
C ASP H 159 -42.91 13.66 34.77
N GLY H 160 -41.80 13.40 35.46
CA GLY H 160 -41.35 12.03 35.59
C GLY H 160 -42.20 11.15 36.48
N HIS H 161 -43.24 11.71 37.11
CA HIS H 161 -44.10 10.93 37.97
C HIS H 161 -45.53 10.86 37.43
N GLY H 162 -45.78 11.32 36.22
CA GLY H 162 -47.10 11.26 35.66
C GLY H 162 -47.99 12.44 35.95
N ILE H 163 -47.50 13.45 36.67
CA ILE H 163 -48.31 14.62 37.01
C ILE H 163 -48.38 15.57 35.83
N ILE H 164 -49.61 15.93 35.43
CA ILE H 164 -49.83 16.82 34.30
C ILE H 164 -49.26 18.21 34.61
N GLN H 165 -48.45 18.72 33.69
CA GLN H 165 -47.83 20.04 33.82
C GLN H 165 -48.40 21.05 32.85
N LEU H 166 -48.85 20.61 31.67
CA LEU H 166 -49.48 21.46 30.67
C LEU H 166 -50.64 20.68 30.10
N PHE H 167 -51.69 21.39 29.70
CA PHE H 167 -52.91 20.77 29.18
C PHE H 167 -53.47 21.77 28.19
N SER H 168 -53.34 21.47 26.90
CA SER H 168 -53.77 22.38 25.85
C SER H 168 -55.29 22.44 25.70
N THR H 169 -55.71 23.47 24.94
CA THR H 169 -57.12 23.72 24.67
C THR H 169 -57.81 22.49 24.12
N ALA H 170 -57.20 21.85 23.12
CA ALA H 170 -57.77 20.64 22.53
C ALA H 170 -57.92 19.55 23.57
N ALA H 171 -56.95 19.44 24.48
CA ALA H 171 -57.02 18.44 25.54
C ALA H 171 -58.21 18.72 26.46
N GLU H 172 -58.59 19.99 26.60
CA GLU H 172 -59.74 20.33 27.43
C GLU H 172 -61.01 19.87 26.74
N ARG H 173 -61.21 20.30 25.48
CA ARG H 173 -62.38 19.92 24.70
C ARG H 173 -62.51 18.40 24.55
N LEU H 174 -61.40 17.66 24.48
CA LEU H 174 -61.49 16.21 24.30
C LEU H 174 -61.73 15.46 25.61
N PHE H 175 -60.90 15.68 26.62
CA PHE H 175 -61.03 14.94 27.88
C PHE H 175 -62.06 15.52 28.84
N GLY H 176 -62.62 16.70 28.56
CA GLY H 176 -63.62 17.31 29.43
C GLY H 176 -63.14 17.94 30.71
N TRP H 177 -61.83 18.10 30.90
CA TRP H 177 -61.27 18.75 32.07
C TRP H 177 -60.71 20.10 31.63
N SER H 178 -60.48 21.00 32.58
CA SER H 178 -59.90 22.28 32.24
C SER H 178 -58.43 22.27 32.64
N GLU H 179 -57.65 23.22 32.11
CA GLU H 179 -56.23 23.26 32.46
C GLU H 179 -56.03 23.40 33.97
N LEU H 180 -56.82 24.28 34.60
CA LEU H 180 -56.73 24.46 36.06
C LEU H 180 -57.09 23.17 36.78
N GLU H 181 -58.14 22.49 36.32
CA GLU H 181 -58.56 21.24 36.94
C GLU H 181 -57.57 20.12 36.68
N ALA H 182 -57.02 20.05 35.46
CA ALA H 182 -56.11 18.96 35.08
C ALA H 182 -54.69 19.11 35.62
N ILE H 183 -54.10 20.30 35.49
CA ILE H 183 -52.72 20.49 35.98
C ILE H 183 -52.63 20.16 37.46
N GLY H 184 -51.67 19.30 37.81
CA GLY H 184 -51.44 18.87 39.17
C GLY H 184 -51.90 17.46 39.46
N GLN H 185 -52.73 16.88 38.60
CA GLN H 185 -53.21 15.53 38.81
C GLN H 185 -52.47 14.54 37.90
N ASN H 186 -52.51 13.26 38.30
CA ASN H 186 -51.85 12.23 37.52
C ASN H 186 -52.56 12.06 36.18
N VAL H 187 -51.76 11.80 35.12
CA VAL H 187 -52.30 11.59 33.78
C VAL H 187 -53.27 10.43 33.74
N ASN H 188 -53.23 9.54 34.74
CA ASN H 188 -54.12 8.39 34.80
C ASN H 188 -55.60 8.77 34.86
N ILE H 189 -55.93 10.02 35.23
CA ILE H 189 -57.33 10.44 35.25
C ILE H 189 -57.93 10.50 33.86
N LEU H 190 -57.10 10.37 32.82
CA LEU H 190 -57.54 10.38 31.44
C LEU H 190 -57.72 8.98 30.86
N MET H 191 -57.50 7.93 31.64
CA MET H 191 -57.60 6.58 31.08
C MET H 191 -58.42 5.64 31.94
N PRO H 192 -59.04 4.62 31.33
CA PRO H 192 -59.82 3.64 32.08
C PRO H 192 -58.90 2.55 32.64
N GLU H 193 -59.52 1.56 33.28
CA GLU H 193 -58.79 0.44 33.84
C GLU H 193 -58.60 -0.65 32.79
N PRO H 194 -57.56 -1.50 32.93
CA PRO H 194 -56.52 -1.60 33.96
C PRO H 194 -55.37 -0.61 33.77
N ASP H 195 -55.29 0.00 32.58
CA ASP H 195 -54.23 0.97 32.27
C ASP H 195 -54.11 2.05 33.33
N ARG H 196 -55.24 2.57 33.81
CA ARG H 196 -55.25 3.64 34.81
C ARG H 196 -54.50 3.26 36.09
N SER H 197 -54.71 2.05 36.60
CA SER H 197 -54.05 1.71 37.85
C SER H 197 -52.62 1.23 37.67
N ARG H 198 -52.20 0.93 36.44
CA ARG H 198 -50.85 0.46 36.18
C ARG H 198 -49.97 1.45 35.44
N HIS H 199 -50.51 2.63 35.08
CA HIS H 199 -49.72 3.61 34.32
C HIS H 199 -48.46 4.06 35.06
N ASP H 200 -48.54 4.25 36.37
CA ASP H 200 -47.36 4.67 37.13
C ASP H 200 -46.23 3.65 37.01
N SER H 201 -46.57 2.36 36.98
CA SER H 201 -45.54 1.33 36.87
C SER H 201 -44.86 1.38 35.50
N TYR H 202 -45.63 1.69 34.44
CA TYR H 202 -45.05 1.78 33.10
C TYR H 202 -43.99 2.88 33.05
N ILE H 203 -44.31 4.05 33.60
CA ILE H 203 -43.38 5.17 33.61
C ILE H 203 -42.14 4.83 34.42
N SER H 204 -42.34 4.25 35.61
CA SER H 204 -41.20 3.89 36.46
C SER H 204 -40.35 2.79 35.80
N ARG H 205 -40.97 1.96 34.97
CA ARG H 205 -40.25 0.91 34.26
C ARG H 205 -39.22 1.53 33.32
N TYR H 206 -39.69 2.43 32.45
CA TYR H 206 -38.82 3.11 31.50
C TYR H 206 -37.79 3.96 32.23
N ARG H 207 -38.20 4.62 33.31
CA ARG H 207 -37.29 5.48 34.05
C ARG H 207 -36.19 4.74 34.78
N THR H 208 -36.34 3.43 35.03
CA THR H 208 -35.30 2.68 35.73
C THR H 208 -34.46 1.81 34.79
N THR H 209 -35.07 1.18 33.79
CA THR H 209 -34.32 0.36 32.85
C THR H 209 -33.43 1.22 31.95
N SER H 210 -33.93 2.39 31.57
CA SER H 210 -33.41 3.40 30.65
C SER H 210 -33.67 2.96 29.22
N ASP H 211 -34.27 1.78 29.00
CA ASP H 211 -34.58 1.35 27.64
C ASP H 211 -36.05 1.64 27.38
N PRO H 212 -36.49 1.90 26.16
CA PRO H 212 -37.90 2.21 25.94
C PRO H 212 -38.82 1.01 25.69
N HIS H 213 -40.11 1.28 25.80
CA HIS H 213 -41.12 0.28 25.49
C HIS H 213 -42.21 0.80 24.56
N ILE H 214 -42.58 2.09 24.66
CA ILE H 214 -43.62 2.61 23.77
C ILE H 214 -43.32 3.99 23.16
N ILE H 215 -42.30 4.69 23.69
CA ILE H 215 -41.99 6.04 23.20
C ILE H 215 -41.57 6.04 21.74
N GLY H 216 -41.99 7.09 21.03
CA GLY H 216 -41.68 7.23 19.61
C GLY H 216 -42.33 6.17 18.75
N ILE H 217 -43.28 5.42 19.32
CA ILE H 217 -43.98 4.36 18.62
C ILE H 217 -45.47 4.66 18.62
N GLY H 218 -46.07 4.68 17.43
CA GLY H 218 -47.48 4.96 17.28
C GLY H 218 -48.44 3.80 17.47
N ARG H 219 -48.64 3.36 18.70
CA ARG H 219 -49.57 2.27 19.03
C ARG H 219 -50.82 2.90 19.62
N ILE H 220 -51.98 2.54 19.08
CA ILE H 220 -53.25 3.11 19.54
C ILE H 220 -53.67 2.51 20.87
N VAL H 221 -54.22 3.37 21.73
CA VAL H 221 -54.66 2.99 23.07
C VAL H 221 -56.06 3.58 23.28
N THR H 222 -56.63 3.37 24.47
CA THR H 222 -57.97 3.86 24.78
C THR H 222 -57.92 4.87 25.92
N GLY H 223 -58.57 6.03 25.73
CA GLY H 223 -58.62 7.09 26.71
C GLY H 223 -60.00 7.27 27.31
N LYS H 224 -60.09 7.92 28.48
CA LYS H 224 -61.35 8.10 29.19
C LYS H 224 -61.63 9.57 29.50
N ARG H 225 -62.78 10.07 29.01
CA ARG H 225 -63.19 11.44 29.27
C ARG H 225 -63.67 11.57 30.72
N ARG H 226 -63.80 12.81 31.20
CA ARG H 226 -64.26 13.01 32.58
C ARG H 226 -65.68 12.52 32.74
N ASP H 227 -66.50 12.73 31.71
CA ASP H 227 -67.89 12.28 31.72
C ASP H 227 -67.99 10.77 31.93
N GLY H 228 -67.03 10.01 31.41
CA GLY H 228 -66.99 8.58 31.58
C GLY H 228 -66.89 7.82 30.28
N THR H 229 -67.21 8.48 29.17
CA THR H 229 -67.13 7.82 27.87
C THR H 229 -65.68 7.54 27.48
N THR H 230 -65.47 6.46 26.75
CA THR H 230 -64.15 6.09 26.26
C THR H 230 -64.06 6.32 24.77
N PHE H 231 -62.84 6.27 24.22
CA PHE H 231 -62.61 6.48 22.80
C PHE H 231 -61.24 5.96 22.42
N PRO H 232 -61.03 5.54 21.16
CA PRO H 232 -59.72 5.05 20.75
C PRO H 232 -58.86 6.25 20.34
N MET H 233 -57.62 6.25 20.81
CA MET H 233 -56.72 7.36 20.50
C MET H 233 -55.31 6.85 20.25
N HIS H 234 -54.61 7.59 19.39
CA HIS H 234 -53.22 7.35 19.06
C HIS H 234 -52.44 8.49 19.68
N LEU H 235 -51.23 8.22 20.16
CA LEU H 235 -50.46 9.32 20.72
C LEU H 235 -48.98 9.14 20.49
N SER H 236 -48.28 10.28 20.47
CA SER H 236 -46.84 10.35 20.22
C SER H 236 -46.18 11.02 21.41
N ILE H 237 -45.24 10.33 22.04
CA ILE H 237 -44.52 10.83 23.20
C ILE H 237 -43.14 11.34 22.78
N GLY H 238 -42.70 12.41 23.41
CA GLY H 238 -41.41 13.01 23.22
C GLY H 238 -40.80 13.24 24.59
N GLU H 239 -39.57 12.78 24.81
CA GLU H 239 -38.94 12.96 26.11
C GLU H 239 -37.92 14.10 26.04
N MET H 240 -37.71 14.75 27.18
CA MET H 240 -36.78 15.86 27.33
C MET H 240 -36.28 15.85 28.76
N GLN H 241 -35.22 16.61 29.02
CA GLN H 241 -34.62 16.68 30.35
C GLN H 241 -34.42 18.13 30.77
N SER H 242 -34.61 18.38 32.07
CA SER H 242 -34.43 19.73 32.60
C SER H 242 -34.29 19.63 34.11
N GLY H 243 -33.26 20.28 34.63
CA GLY H 243 -33.02 20.29 36.07
C GLY H 243 -32.83 18.93 36.71
N GLY H 244 -32.39 17.94 35.95
CA GLY H 244 -32.19 16.65 36.58
C GLY H 244 -33.45 15.82 36.70
N GLU H 245 -34.50 16.17 35.96
CA GLU H 245 -35.76 15.48 35.97
C GLU H 245 -36.29 15.43 34.54
N PRO H 246 -36.86 14.31 34.12
CA PRO H 246 -37.38 14.19 32.76
C PRO H 246 -38.84 14.60 32.66
N TYR H 247 -39.21 15.04 31.45
CA TYR H 247 -40.56 15.44 31.13
C TYR H 247 -40.97 14.78 29.83
N PHE H 248 -42.27 14.52 29.67
CA PHE H 248 -42.80 13.89 28.46
C PHE H 248 -43.90 14.76 27.86
N THR H 249 -43.90 14.88 26.53
CA THR H 249 -44.89 15.67 25.81
C THR H 249 -45.65 14.73 24.89
N GLY H 250 -46.94 14.57 25.13
CA GLY H 250 -47.77 13.69 24.32
C GLY H 250 -48.75 14.45 23.44
N PHE H 251 -48.96 13.95 22.23
CA PHE H 251 -49.89 14.52 21.26
C PHE H 251 -50.95 13.47 21.00
N VAL H 252 -52.17 13.72 21.48
CA VAL H 252 -53.29 12.79 21.36
C VAL H 252 -54.09 13.05 20.10
N ARG H 253 -54.39 11.99 19.36
CA ARG H 253 -55.25 12.06 18.18
C ARG H 253 -56.44 11.14 18.40
N ASP H 254 -57.64 11.72 18.40
CA ASP H 254 -58.85 10.93 18.60
C ASP H 254 -59.11 10.13 17.32
N LEU H 255 -59.36 8.84 17.49
CA LEU H 255 -59.59 7.95 16.36
C LEU H 255 -61.06 7.60 16.16
N THR H 256 -61.94 8.09 17.05
CA THR H 256 -63.38 7.81 16.95
C THR H 256 -63.93 8.12 15.56
N GLU H 257 -63.62 9.30 15.03
CA GLU H 257 -64.12 9.66 13.70
C GLU H 257 -63.46 8.82 12.60
N HIS H 258 -62.20 8.45 12.77
CA HIS H 258 -61.53 7.64 11.75
C HIS H 258 -62.03 6.20 11.76
N GLN H 259 -62.21 5.62 12.95
CA GLN H 259 -62.68 4.24 13.02
C GLN H 259 -64.13 4.10 12.55
N GLN H 260 -64.97 5.09 12.83
CA GLN H 260 -66.36 5.00 12.39
C GLN H 260 -66.47 5.09 10.87
N THR H 261 -65.55 5.82 10.22
CA THR H 261 -65.57 5.90 8.77
C THR H 261 -64.99 4.63 8.15
N GLN H 262 -64.01 4.01 8.80
CA GLN H 262 -63.45 2.77 8.27
C GLN H 262 -64.45 1.63 8.41
N ALA H 263 -65.28 1.68 9.46
CA ALA H 263 -66.29 0.65 9.64
C ALA H 263 -67.40 0.83 8.63
N ARG H 264 -67.84 2.09 8.41
CA ARG H 264 -68.90 2.38 7.45
C ARG H 264 -68.54 1.88 6.05
N LEU H 265 -67.26 1.86 5.71
CA LEU H 265 -66.88 1.38 4.39
C LEU H 265 -66.75 -0.14 4.38
N GLN H 266 -66.13 -0.72 5.42
CA GLN H 266 -65.98 -2.17 5.44
C GLN H 266 -67.28 -2.90 5.75
N GLU H 267 -68.27 -2.23 6.36
CA GLU H 267 -69.54 -2.87 6.61
C GLU H 267 -70.42 -2.81 5.37
N LEU H 268 -70.09 -1.93 4.43
CA LEU H 268 -70.84 -1.79 3.19
C LEU H 268 -70.09 -2.33 1.99
N GLN H 269 -68.83 -2.74 2.15
CA GLN H 269 -68.04 -3.32 1.09
C GLN H 269 -68.25 -4.83 1.09
N SER H 270 -68.02 -5.45 2.26
CA SER H 270 -68.21 -6.88 2.43
C SER H 270 -69.67 -7.30 2.31
N GLU H 271 -70.60 -6.34 2.34
CA GLU H 271 -72.02 -6.64 2.19
C GLU H 271 -72.35 -6.99 0.75
N LEU H 272 -71.47 -6.62 -0.18
CA LEU H 272 -71.63 -6.91 -1.61
C LEU H 272 -70.79 -8.10 -2.03
N VAL H 273 -70.25 -8.86 -1.07
CA VAL H 273 -69.42 -10.03 -1.32
C VAL H 273 -68.18 -9.73 -2.15
N GLY I 25 59.66 -41.21 8.72
CA GLY I 25 59.82 -39.84 8.28
C GLY I 25 58.60 -38.96 8.50
N VAL I 26 57.78 -39.34 9.48
CA VAL I 26 56.56 -38.62 9.82
C VAL I 26 56.66 -38.24 11.29
N GLY I 27 56.00 -37.14 11.69
CA GLY I 27 56.02 -36.70 13.06
C GLY I 27 54.76 -37.13 13.81
N THR I 28 54.87 -37.17 15.13
CA THR I 28 53.75 -37.56 16.00
C THR I 28 53.59 -36.55 17.12
N TRP I 29 52.39 -36.54 17.69
CA TRP I 29 52.07 -35.64 18.79
C TRP I 29 50.98 -36.27 19.65
N ASP I 30 50.81 -35.73 20.85
CA ASP I 30 49.83 -36.24 21.80
C ASP I 30 49.41 -35.13 22.74
N LEU I 31 48.10 -34.99 22.96
CA LEU I 31 47.60 -33.96 23.86
C LEU I 31 46.33 -34.45 24.54
N ASP I 32 46.12 -33.98 25.76
CA ASP I 32 44.97 -34.32 26.56
C ASP I 32 44.06 -33.12 26.74
N LEU I 33 42.74 -33.34 26.57
CA LEU I 33 41.79 -32.26 26.77
C LEU I 33 41.88 -31.74 28.20
N LYS I 34 42.03 -32.65 29.16
CA LYS I 34 42.20 -32.32 30.55
C LYS I 34 43.70 -32.15 30.79
N THR I 35 44.09 -31.04 31.40
CA THR I 35 45.43 -30.55 31.76
C THR I 35 46.23 -29.96 30.59
N TRP I 36 45.70 -29.97 29.37
CA TRP I 36 46.30 -29.37 28.18
C TRP I 36 47.80 -29.55 27.98
N ALA I 37 48.33 -30.76 28.21
CA ALA I 37 49.75 -31.02 28.05
C ALA I 37 50.00 -31.60 26.66
N LEU I 38 51.14 -31.25 26.05
CA LEU I 38 51.47 -31.71 24.71
C LEU I 38 52.90 -32.23 24.64
N ASP I 39 53.06 -33.37 23.96
CA ASP I 39 54.35 -34.02 23.73
C ASP I 39 54.43 -34.40 22.26
N TRP I 40 55.40 -33.83 21.54
CA TRP I 40 55.57 -34.12 20.12
C TRP I 40 56.88 -34.86 19.85
N SER I 41 56.92 -35.53 18.70
CA SER I 41 58.07 -36.29 18.25
C SER I 41 59.18 -35.36 17.74
N ASP I 42 60.38 -35.94 17.60
CA ASP I 42 61.51 -35.17 17.07
C ASP I 42 61.30 -34.84 15.60
N THR I 43 60.74 -35.80 14.84
CA THR I 43 60.44 -35.57 13.43
C THR I 43 59.36 -34.50 13.28
N ALA I 44 58.58 -34.26 14.33
CA ALA I 44 57.54 -33.25 14.32
C ALA I 44 58.12 -31.88 14.67
N ARG I 45 59.15 -31.85 15.53
CA ARG I 45 59.79 -30.59 15.90
C ARG I 45 60.40 -29.90 14.70
N THR I 46 61.01 -30.69 13.80
CA THR I 46 61.63 -30.13 12.60
C THR I 46 60.59 -29.50 11.67
N LEU I 47 59.42 -30.15 11.55
CA LEU I 47 58.35 -29.64 10.69
C LEU I 47 57.89 -28.24 11.08
N LEU I 48 57.85 -27.94 12.38
CA LEU I 48 57.38 -26.64 12.84
C LEU I 48 58.44 -25.54 12.75
N GLY I 49 59.67 -25.85 12.39
CA GLY I 49 60.71 -24.85 12.24
C GLY I 49 61.26 -24.26 13.52
N ILE I 50 61.02 -24.90 14.66
CA ILE I 50 61.53 -24.43 15.95
C ILE I 50 61.56 -25.62 16.88
N GLY I 51 62.36 -25.52 17.94
CA GLY I 51 62.43 -26.61 18.89
C GLY I 51 63.77 -27.31 19.04
N GLN I 52 64.86 -26.60 18.79
CA GLN I 52 66.18 -27.20 18.96
C GLN I 52 66.39 -27.61 20.42
N ASP I 53 66.02 -26.73 21.35
CA ASP I 53 66.15 -27.00 22.77
C ASP I 53 64.89 -26.67 23.56
N GLN I 54 63.94 -25.94 22.98
CA GLN I 54 62.72 -25.60 23.68
C GLN I 54 61.86 -26.85 23.91
N PRO I 55 61.25 -26.99 25.08
CA PRO I 55 60.42 -28.17 25.35
C PRO I 55 59.05 -28.05 24.69
N ALA I 56 58.41 -29.21 24.53
CA ALA I 56 57.09 -29.28 23.92
C ALA I 56 56.06 -28.54 24.77
N SER I 57 55.53 -27.43 24.25
CA SER I 57 54.56 -26.61 24.95
C SER I 57 53.39 -26.29 24.03
N TYR I 58 52.17 -26.38 24.57
CA TYR I 58 50.98 -26.06 23.80
C TYR I 58 50.95 -24.60 23.39
N ASP I 59 51.47 -23.70 24.24
CA ASP I 59 51.51 -22.28 23.93
C ASP I 59 52.41 -22.01 22.73
N LEU I 60 53.58 -22.66 22.67
CA LEU I 60 54.51 -22.47 21.55
C LEU I 60 53.89 -22.95 20.24
N PHE I 61 53.12 -24.03 20.29
CA PHE I 61 52.48 -24.56 19.09
C PHE I 61 51.52 -23.55 18.48
N LEU I 62 50.67 -22.93 19.31
CA LEU I 62 49.75 -21.93 18.79
C LEU I 62 50.43 -20.63 18.39
N SER I 63 51.72 -20.47 18.72
CA SER I 63 52.48 -19.28 18.37
C SER I 63 53.13 -19.40 17.00
N ARG I 64 53.16 -20.60 16.43
CA ARG I 64 53.73 -20.83 15.11
C ARG I 64 52.68 -20.69 14.02
N LEU I 65 51.42 -20.95 14.35
CA LEU I 65 50.31 -20.83 13.41
C LEU I 65 49.92 -19.37 13.23
N GLU I 66 49.09 -19.14 12.22
CA GLU I 66 48.59 -17.81 11.90
C GLU I 66 47.34 -17.55 12.74
N PRO I 67 46.88 -16.28 12.82
CA PRO I 67 45.66 -16.01 13.62
C PRO I 67 44.46 -16.85 13.24
N ASP I 68 44.09 -16.89 11.96
CA ASP I 68 42.94 -17.69 11.54
C ASP I 68 43.21 -19.19 11.70
N ASP I 69 44.47 -19.62 11.51
CA ASP I 69 44.82 -21.02 11.66
C ASP I 69 44.70 -21.49 13.11
N ARG I 70 45.20 -20.68 14.06
CA ARG I 70 45.13 -21.07 15.47
C ARG I 70 43.68 -21.22 15.95
N GLU I 71 42.79 -20.30 15.55
CA GLU I 71 41.40 -20.44 15.96
C GLU I 71 40.74 -21.63 15.27
N ARG I 72 41.20 -21.95 14.06
CA ARG I 72 40.67 -23.09 13.32
C ARG I 72 40.93 -24.39 14.06
N VAL I 73 42.17 -24.60 14.51
CA VAL I 73 42.52 -25.82 15.25
C VAL I 73 41.83 -25.86 16.61
N GLU I 74 41.65 -24.71 17.26
CA GLU I 74 40.98 -24.67 18.55
C GLU I 74 39.54 -25.17 18.45
N SER I 75 38.82 -24.75 17.40
CA SER I 75 37.45 -25.20 17.20
C SER I 75 37.39 -26.72 17.06
N ALA I 76 38.38 -27.30 16.38
CA ALA I 76 38.45 -28.75 16.20
C ALA I 76 38.48 -29.49 17.52
N ILE I 77 39.27 -29.02 18.49
CA ILE I 77 39.32 -29.67 19.81
C ILE I 77 37.94 -29.63 20.47
N LYS I 78 37.24 -28.51 20.34
CA LYS I 78 35.88 -28.41 20.89
C LYS I 78 34.95 -29.32 20.10
N ARG I 79 35.12 -29.35 18.78
CA ARG I 79 34.32 -30.21 17.92
C ARG I 79 34.49 -31.68 18.30
N VAL I 80 35.73 -32.10 18.59
CA VAL I 80 36.01 -33.49 18.98
C VAL I 80 35.31 -33.83 20.28
N SER I 81 35.44 -32.96 21.30
CA SER I 81 34.82 -33.20 22.60
C SER I 81 33.31 -33.35 22.49
N GLU I 82 32.66 -32.45 21.75
CA GLU I 82 31.20 -32.48 21.58
C GLU I 82 30.82 -33.26 20.32
N ARG I 83 30.76 -34.59 20.46
CA ARG I 83 30.39 -35.51 19.37
C ARG I 83 31.32 -35.37 18.15
N GLY I 84 32.59 -35.66 18.37
CA GLY I 84 33.59 -35.60 17.31
C GLY I 84 33.97 -36.98 16.82
N GLY I 85 34.07 -37.10 15.49
CA GLY I 85 34.43 -38.35 14.85
C GLY I 85 35.80 -38.30 14.22
N GLY I 86 36.74 -37.64 14.89
CA GLY I 86 38.08 -37.46 14.41
C GLY I 86 38.31 -36.06 13.87
N PHE I 87 39.57 -35.64 13.85
CA PHE I 87 39.91 -34.30 13.38
C PHE I 87 41.17 -34.30 12.53
N ASP I 88 41.15 -33.49 11.48
CA ASP I 88 42.28 -33.31 10.58
C ASP I 88 42.22 -31.90 10.02
N VAL I 89 43.31 -31.14 10.18
CA VAL I 89 43.39 -29.77 9.72
C VAL I 89 44.70 -29.56 8.98
N SER I 90 44.71 -28.55 8.12
CA SER I 90 45.88 -28.19 7.33
C SER I 90 46.19 -26.72 7.57
N PHE I 91 47.48 -26.40 7.66
CA PHE I 91 47.91 -25.03 7.90
C PHE I 91 49.34 -24.86 7.41
N ARG I 92 49.77 -23.60 7.32
CA ARG I 92 51.11 -23.25 6.90
C ARG I 92 51.80 -22.46 8.01
N VAL I 93 53.09 -22.68 8.20
CA VAL I 93 53.87 -22.02 9.22
C VAL I 93 54.80 -20.99 8.57
N ALA I 94 55.40 -20.14 9.42
CA ALA I 94 56.33 -19.10 8.99
C ALA I 94 57.79 -19.54 9.12
N GLY I 95 58.04 -20.85 9.01
CA GLY I 95 59.36 -21.47 9.10
C GLY I 95 60.52 -20.77 8.41
N THR I 96 60.32 -20.43 7.14
CA THR I 96 61.34 -19.77 6.34
C THR I 96 60.82 -18.42 5.85
N SER I 97 61.77 -17.53 5.57
CA SER I 97 61.46 -16.17 5.11
C SER I 97 60.57 -16.13 3.85
N ASN I 98 60.95 -16.87 2.80
CA ASN I 98 60.20 -16.85 1.55
C ASN I 98 59.45 -18.15 1.24
N ALA I 99 59.21 -18.99 2.24
CA ALA I 99 58.48 -20.23 1.99
C ALA I 99 57.75 -20.64 3.26
N GLY I 100 56.69 -21.42 3.08
CA GLY I 100 55.89 -21.91 4.19
C GLY I 100 55.83 -23.42 4.19
N GLN I 101 55.80 -24.00 5.38
CA GLN I 101 55.72 -25.44 5.54
C GLN I 101 54.27 -25.84 5.74
N TRP I 102 53.69 -26.52 4.75
CA TRP I 102 52.31 -26.95 4.87
C TRP I 102 52.29 -28.27 5.63
N ILE I 103 51.51 -28.34 6.71
CA ILE I 103 51.41 -29.52 7.55
C ILE I 103 49.95 -29.88 7.73
N ARG I 104 49.63 -31.17 7.57
CA ARG I 104 48.28 -31.67 7.77
C ARG I 104 48.32 -32.50 9.05
N ALA I 105 47.70 -31.99 10.11
CA ALA I 105 47.67 -32.69 11.39
C ALA I 105 46.38 -33.49 11.48
N ARG I 106 46.52 -34.80 11.64
CA ARG I 106 45.39 -35.72 11.75
C ARG I 106 45.45 -36.35 13.13
N ALA I 107 44.29 -36.72 13.66
CA ALA I 107 44.27 -37.30 15.00
C ALA I 107 43.03 -38.16 15.22
N GLY I 108 43.11 -38.99 16.25
CA GLY I 108 42.01 -39.87 16.62
C GLY I 108 41.76 -39.80 18.11
N LEU I 109 40.51 -40.05 18.50
CA LEU I 109 40.11 -40.01 19.89
C LEU I 109 40.28 -41.37 20.57
N ILE I 110 40.77 -41.33 21.80
CA ILE I 110 40.96 -42.53 22.63
C ILE I 110 40.50 -42.22 24.05
N ARG I 111 39.31 -42.69 24.41
CA ARG I 111 38.74 -42.46 25.74
C ARG I 111 39.27 -43.45 26.76
N ASP I 112 39.35 -42.99 28.02
CA ASP I 112 39.84 -43.86 29.09
C ASP I 112 38.85 -44.98 29.39
N GLU I 113 37.58 -44.64 29.55
CA GLU I 113 36.49 -45.56 29.87
C GLU I 113 35.22 -44.93 29.31
N ALA I 114 34.07 -45.49 29.69
CA ALA I 114 32.79 -44.95 29.24
C ALA I 114 32.56 -43.52 29.70
N GLY I 115 33.27 -43.09 30.75
CA GLY I 115 33.13 -41.74 31.29
C GLY I 115 33.44 -40.55 30.41
N THR I 116 34.70 -40.37 30.00
CA THR I 116 35.09 -39.22 29.19
C THR I 116 36.27 -39.58 28.29
N ALA I 117 36.62 -38.62 27.43
CA ALA I 117 37.77 -38.71 26.52
C ALA I 117 38.85 -37.85 27.16
N ARG I 118 40.01 -38.45 27.44
CA ARG I 118 41.04 -37.66 28.11
C ARG I 118 42.40 -37.56 27.42
N HIS I 119 42.55 -38.01 26.17
CA HIS I 119 43.83 -37.85 25.46
C HIS I 119 43.65 -38.03 23.97
N LEU I 120 44.05 -37.03 23.18
CA LEU I 120 43.96 -37.05 21.73
C LEU I 120 45.33 -37.37 21.15
N SER I 121 45.38 -38.35 20.24
CA SER I 121 46.62 -38.78 19.61
C SER I 121 46.55 -38.64 18.10
N GLY I 122 47.67 -38.30 17.48
CA GLY I 122 47.71 -38.14 16.04
C GLY I 122 49.10 -38.02 15.45
N ILE I 123 49.17 -37.50 14.22
CA ILE I 123 50.42 -37.35 13.47
C ILE I 123 50.45 -36.05 12.69
N PHE I 124 51.66 -35.68 12.23
CA PHE I 124 51.93 -34.50 11.42
C PHE I 124 52.46 -34.96 10.07
N LEU I 125 51.79 -34.57 8.98
CA LEU I 125 52.21 -34.95 7.63
C LEU I 125 52.64 -33.73 6.84
N ASP I 126 53.71 -33.87 6.07
CA ASP I 126 54.17 -32.78 5.20
C ASP I 126 53.35 -32.84 3.92
N ILE I 127 52.76 -31.71 3.53
CA ILE I 127 51.93 -31.66 2.32
C ILE I 127 52.36 -30.57 1.35
N ASP I 128 53.63 -30.14 1.41
CA ASP I 128 54.12 -29.10 0.50
C ASP I 128 53.92 -29.53 -0.96
N GLU I 129 54.17 -30.80 -1.26
CA GLU I 129 53.95 -31.30 -2.60
C GLU I 129 52.46 -31.35 -2.93
N GLU I 130 51.65 -31.85 -1.99
CA GLU I 130 50.21 -31.94 -2.18
C GLU I 130 49.59 -30.58 -2.46
N LYS I 131 50.04 -29.55 -1.74
CA LYS I 131 49.50 -28.21 -1.98
C LYS I 131 50.02 -27.64 -3.29
N GLN I 132 51.23 -28.01 -3.70
CA GLN I 132 51.75 -27.52 -4.98
C GLN I 132 50.90 -28.04 -6.12
N VAL I 133 50.53 -29.33 -6.06
CA VAL I 133 49.67 -29.93 -7.08
C VAL I 133 48.29 -29.26 -7.05
N GLU I 134 47.77 -29.02 -5.86
CA GLU I 134 46.46 -28.36 -5.72
C GLU I 134 46.48 -26.99 -6.39
N GLY I 135 47.57 -26.24 -6.18
CA GLY I 135 47.71 -24.93 -6.80
C GLY I 135 47.88 -25.02 -8.30
N ALA I 136 48.64 -26.02 -8.77
CA ALA I 136 48.86 -26.20 -10.20
C ALA I 136 47.55 -26.50 -10.91
N LEU I 137 46.71 -27.35 -10.31
CA LEU I 137 45.43 -27.66 -10.91
C LEU I 137 44.55 -26.43 -10.93
N ARG I 138 44.55 -25.65 -9.84
CA ARG I 138 43.76 -24.44 -9.76
C ARG I 138 44.15 -23.46 -10.85
N THR I 139 45.46 -23.28 -11.06
CA THR I 139 45.92 -22.38 -12.10
C THR I 139 45.45 -22.84 -13.47
N ARG I 140 45.61 -24.14 -13.76
CA ARG I 140 45.19 -24.67 -15.05
C ARG I 140 43.69 -24.49 -15.24
N GLU I 141 42.92 -24.74 -14.19
CA GLU I 141 41.48 -24.58 -14.30
C GLU I 141 41.12 -23.13 -14.59
N THR I 142 41.77 -22.19 -13.90
CA THR I 142 41.51 -20.78 -14.13
C THR I 142 41.86 -20.40 -15.56
N HIS I 143 43.02 -20.87 -16.04
CA HIS I 143 43.46 -20.55 -17.39
C HIS I 143 42.49 -21.12 -18.43
N LEU I 144 41.95 -22.33 -18.17
CA LEU I 144 41.00 -22.94 -19.10
C LEU I 144 39.77 -22.06 -19.27
N ARG I 145 39.23 -21.52 -18.16
CA ARG I 145 38.07 -20.64 -18.27
C ARG I 145 38.42 -19.39 -19.08
N SER I 146 39.63 -18.85 -18.86
CA SER I 146 40.05 -17.67 -19.59
C SER I 146 40.10 -17.95 -21.09
N ILE I 147 40.60 -19.12 -21.48
CA ILE I 147 40.65 -19.49 -22.88
C ILE I 147 39.24 -19.59 -23.44
N LEU I 148 38.37 -20.28 -22.72
CA LEU I 148 36.98 -20.45 -23.15
C LEU I 148 36.27 -19.13 -23.32
N HIS I 149 36.54 -18.17 -22.42
CA HIS I 149 35.85 -16.88 -22.55
CA HIS I 149 35.90 -16.85 -22.48
C HIS I 149 36.52 -15.94 -23.53
N THR I 150 37.82 -16.06 -23.77
CA THR I 150 38.52 -15.14 -24.66
C THR I 150 38.78 -15.61 -26.09
N ILE I 151 38.92 -16.91 -26.35
CA ILE I 151 39.26 -17.33 -27.73
C ILE I 151 38.23 -16.83 -28.74
N PRO I 152 38.66 -16.15 -29.79
CA PRO I 152 37.71 -15.61 -30.78
C PRO I 152 36.99 -16.65 -31.61
N ASP I 153 37.62 -17.78 -31.88
CA ASP I 153 37.00 -18.83 -32.67
C ASP I 153 36.27 -19.78 -31.74
N ALA I 154 35.12 -20.27 -32.20
CA ALA I 154 34.32 -21.21 -31.42
C ALA I 154 35.13 -22.46 -31.12
N MET I 155 35.37 -22.71 -29.83
CA MET I 155 36.14 -23.86 -29.39
C MET I 155 35.22 -24.86 -28.71
N ILE I 156 35.14 -26.08 -29.27
CA ILE I 156 34.31 -27.15 -28.75
C ILE I 156 35.21 -28.31 -28.39
N VAL I 157 34.86 -29.03 -27.31
CA VAL I 157 35.60 -30.20 -26.86
C VAL I 157 34.62 -31.35 -26.67
N ILE I 158 34.78 -32.41 -27.47
CA ILE I 158 33.91 -33.58 -27.38
C ILE I 158 34.72 -34.76 -26.84
N ASP I 159 34.01 -35.83 -26.53
CA ASP I 159 34.62 -37.06 -26.05
C ASP I 159 34.59 -38.08 -27.17
N GLY I 160 35.04 -39.30 -26.87
CA GLY I 160 35.10 -40.38 -27.84
C GLY I 160 33.78 -40.68 -28.53
N HIS I 161 32.66 -40.31 -27.91
CA HIS I 161 31.34 -40.56 -28.46
C HIS I 161 30.66 -39.32 -29.00
N GLY I 162 31.39 -38.23 -29.22
CA GLY I 162 30.77 -37.04 -29.77
C GLY I 162 29.99 -36.19 -28.79
N ILE I 163 30.03 -36.50 -27.50
CA ILE I 163 29.28 -35.74 -26.50
C ILE I 163 30.09 -34.52 -26.07
N ILE I 164 29.50 -33.33 -26.26
CA ILE I 164 30.14 -32.06 -25.93
C ILE I 164 30.55 -32.00 -24.46
N GLN I 165 31.83 -31.77 -24.22
CA GLN I 165 32.39 -31.63 -22.88
C GLN I 165 32.65 -30.18 -22.52
N LEU I 166 33.04 -29.35 -23.48
CA LEU I 166 33.31 -27.94 -23.27
C LEU I 166 32.73 -27.15 -24.44
N PHE I 167 32.27 -25.94 -24.16
CA PHE I 167 31.64 -25.09 -25.17
C PHE I 167 32.07 -23.67 -24.82
N SER I 168 32.92 -23.08 -25.67
CA SER I 168 33.45 -21.74 -25.42
C SER I 168 32.42 -20.66 -25.68
N THR I 169 32.75 -19.45 -25.21
CA THR I 169 31.87 -18.30 -25.36
C THR I 169 31.54 -18.01 -26.82
N ALA I 170 32.56 -18.07 -27.69
CA ALA I 170 32.31 -17.81 -29.10
C ALA I 170 31.42 -18.88 -29.73
N ALA I 171 31.43 -20.09 -29.16
CA ALA I 171 30.57 -21.15 -29.67
C ALA I 171 29.12 -20.86 -29.33
N GLU I 172 28.89 -20.24 -28.16
CA GLU I 172 27.55 -19.86 -27.76
C GLU I 172 26.98 -18.82 -28.72
N ARG I 173 27.75 -17.77 -29.02
CA ARG I 173 27.28 -16.72 -29.90
C ARG I 173 27.18 -17.16 -31.35
N LEU I 174 27.86 -18.23 -31.74
CA LEU I 174 27.79 -18.69 -33.12
C LEU I 174 26.71 -19.73 -33.34
N PHE I 175 26.68 -20.77 -32.51
CA PHE I 175 25.69 -21.83 -32.68
C PHE I 175 24.37 -21.54 -32.00
N GLY I 176 24.29 -20.50 -31.19
CA GLY I 176 23.05 -20.16 -30.52
C GLY I 176 22.65 -21.07 -29.39
N TRP I 177 23.60 -21.72 -28.73
CA TRP I 177 23.32 -22.60 -27.60
C TRP I 177 24.16 -22.12 -26.43
N SER I 178 23.69 -22.35 -25.22
CA SER I 178 24.49 -21.94 -24.08
C SER I 178 25.32 -23.12 -23.62
N GLU I 179 26.38 -22.82 -22.85
CA GLU I 179 27.24 -23.90 -22.34
C GLU I 179 26.44 -24.95 -21.57
N LEU I 180 25.50 -24.52 -20.71
CA LEU I 180 24.69 -25.46 -19.96
C LEU I 180 23.80 -26.28 -20.89
N GLU I 181 23.22 -25.63 -21.90
CA GLU I 181 22.35 -26.30 -22.85
C GLU I 181 23.10 -27.27 -23.75
N ALA I 182 24.34 -26.93 -24.15
CA ALA I 182 25.11 -27.75 -25.08
C ALA I 182 25.90 -28.88 -24.43
N ILE I 183 26.50 -28.67 -23.24
CA ILE I 183 27.27 -29.73 -22.61
C ILE I 183 26.36 -30.92 -22.30
N GLY I 184 26.85 -32.13 -22.57
CA GLY I 184 26.09 -33.34 -22.36
C GLY I 184 25.35 -33.81 -23.59
N GLN I 185 25.15 -32.94 -24.57
CA GLN I 185 24.49 -33.26 -25.83
C GLN I 185 25.53 -33.78 -26.82
N ASN I 186 25.04 -34.34 -27.92
CA ASN I 186 25.93 -34.85 -28.96
C ASN I 186 26.25 -33.69 -29.89
N VAL I 187 27.50 -33.64 -30.35
CA VAL I 187 27.95 -32.58 -31.24
C VAL I 187 27.13 -32.48 -32.53
N ASN I 188 26.43 -33.57 -32.90
CA ASN I 188 25.61 -33.57 -34.11
C ASN I 188 24.49 -32.54 -34.09
N ILE I 189 24.14 -32.01 -32.92
CA ILE I 189 23.10 -30.99 -32.85
C ILE I 189 23.54 -29.67 -33.47
N LEU I 190 24.81 -29.57 -33.84
CA LEU I 190 25.39 -28.39 -34.46
C LEU I 190 25.49 -28.51 -35.98
N MET I 191 25.07 -29.62 -36.56
CA MET I 191 25.19 -29.81 -37.99
C MET I 191 23.89 -30.24 -38.65
N PRO I 192 23.68 -29.89 -39.92
CA PRO I 192 22.48 -30.27 -40.63
C PRO I 192 22.62 -31.68 -41.18
N GLU I 193 21.61 -32.13 -41.90
CA GLU I 193 21.65 -33.45 -42.52
C GLU I 193 22.36 -33.35 -43.88
N PRO I 194 22.95 -34.46 -44.38
CA PRO I 194 23.00 -35.82 -43.84
C PRO I 194 24.12 -35.99 -42.81
N ASP I 195 25.01 -34.99 -42.72
CA ASP I 195 26.14 -35.06 -41.79
C ASP I 195 25.70 -35.35 -40.35
N ARG I 196 24.57 -34.78 -39.93
CA ARG I 196 24.07 -34.99 -38.56
C ARG I 196 23.89 -36.46 -38.20
N SER I 197 23.18 -37.22 -39.03
CA SER I 197 22.94 -38.62 -38.67
C SER I 197 24.15 -39.52 -38.90
N ARG I 198 25.10 -39.09 -39.73
CA ARG I 198 26.29 -39.87 -40.00
C ARG I 198 27.50 -39.45 -39.17
N HIS I 199 27.37 -38.43 -38.32
CA HIS I 199 28.55 -37.99 -37.57
C HIS I 199 28.99 -39.01 -36.53
N ASP I 200 28.05 -39.69 -35.88
CA ASP I 200 28.41 -40.70 -34.88
C ASP I 200 29.27 -41.79 -35.52
N SER I 201 28.97 -42.14 -36.77
CA SER I 201 29.74 -43.15 -37.49
C SER I 201 31.13 -42.63 -37.86
N TYR I 202 31.22 -41.38 -38.34
CA TYR I 202 32.51 -40.79 -38.71
C TYR I 202 33.50 -40.93 -37.57
N ILE I 203 33.06 -40.63 -36.34
CA ILE I 203 33.92 -40.76 -35.18
C ILE I 203 34.29 -42.22 -34.93
N SER I 204 33.30 -43.13 -35.04
CA SER I 204 33.58 -44.55 -34.84
C SER I 204 34.55 -45.08 -35.88
N ARG I 205 34.41 -44.63 -37.13
CA ARG I 205 35.30 -45.05 -38.20
C ARG I 205 36.75 -44.67 -37.90
N TYR I 206 36.98 -43.41 -37.54
CA TYR I 206 38.33 -42.94 -37.23
C TYR I 206 38.91 -43.66 -36.03
N ARG I 207 38.10 -43.92 -35.00
CA ARG I 207 38.59 -44.62 -33.81
C ARG I 207 39.07 -46.04 -34.09
N THR I 208 38.46 -46.72 -35.06
CA THR I 208 38.86 -48.10 -35.39
C THR I 208 39.96 -48.18 -36.44
N THR I 209 39.83 -47.40 -37.54
CA THR I 209 40.83 -47.43 -38.60
C THR I 209 42.24 -47.07 -38.08
N SER I 210 42.32 -46.15 -37.12
CA SER I 210 43.58 -45.72 -36.50
C SER I 210 44.62 -45.28 -37.54
N ASP I 211 44.18 -44.48 -38.50
CA ASP I 211 45.03 -44.00 -39.57
C ASP I 211 44.73 -42.53 -39.83
N PRO I 212 45.66 -41.79 -40.45
CA PRO I 212 45.42 -40.38 -40.73
C PRO I 212 44.13 -40.13 -41.50
N HIS I 213 43.42 -39.09 -41.08
CA HIS I 213 42.13 -38.69 -41.60
C HIS I 213 42.11 -37.17 -41.69
N ILE I 214 40.91 -36.61 -41.86
CA ILE I 214 40.68 -35.17 -41.98
C ILE I 214 41.22 -34.37 -40.78
N ILE I 215 41.57 -35.05 -39.68
CA ILE I 215 42.17 -34.39 -38.53
C ILE I 215 43.50 -33.78 -38.96
N GLY I 216 43.65 -32.47 -38.73
CA GLY I 216 44.84 -31.77 -39.16
C GLY I 216 44.78 -31.29 -40.59
N ILE I 217 43.64 -31.46 -41.25
CA ILE I 217 43.42 -31.06 -42.64
C ILE I 217 42.37 -29.96 -42.65
N GLY I 218 42.61 -28.91 -43.42
CA GLY I 218 41.68 -27.81 -43.48
C GLY I 218 40.51 -28.03 -44.42
N ARG I 219 39.58 -28.89 -44.01
CA ARG I 219 38.38 -29.22 -44.78
C ARG I 219 37.24 -28.34 -44.29
N ILE I 220 36.48 -27.78 -45.23
CA ILE I 220 35.34 -26.91 -44.90
C ILE I 220 34.05 -27.70 -44.95
N VAL I 221 33.23 -27.53 -43.93
CA VAL I 221 31.96 -28.22 -43.80
C VAL I 221 30.89 -27.19 -43.45
N THR I 222 29.63 -27.63 -43.35
CA THR I 222 28.51 -26.74 -43.06
C THR I 222 27.99 -26.94 -41.64
N GLY I 223 27.81 -25.84 -40.91
CA GLY I 223 27.32 -25.88 -39.53
C GLY I 223 25.90 -25.35 -39.45
N LYS I 224 25.16 -25.80 -38.43
CA LYS I 224 23.77 -25.42 -38.23
C LYS I 224 23.53 -24.88 -36.83
N ARG I 225 23.12 -23.61 -36.74
CA ARG I 225 22.80 -23.00 -35.47
C ARG I 225 21.48 -23.57 -34.94
N ARG I 226 21.18 -23.30 -33.66
CA ARG I 226 19.91 -23.73 -33.10
C ARG I 226 18.78 -23.03 -33.82
N ASP I 227 19.08 -21.81 -34.28
CA ASP I 227 18.19 -20.95 -35.06
C ASP I 227 17.61 -21.67 -36.26
N GLY I 228 18.33 -22.67 -36.79
CA GLY I 228 17.91 -23.42 -37.96
C GLY I 228 18.74 -23.07 -39.19
N THR I 229 19.29 -21.86 -39.24
CA THR I 229 20.12 -21.41 -40.35
C THR I 229 21.39 -22.27 -40.46
N THR I 230 22.06 -22.12 -41.60
CA THR I 230 23.28 -22.84 -41.89
C THR I 230 24.35 -21.84 -42.31
N PHE I 231 25.61 -22.22 -42.11
CA PHE I 231 26.72 -21.35 -42.45
C PHE I 231 27.92 -22.21 -42.81
N PRO I 232 28.85 -21.69 -43.63
CA PRO I 232 30.05 -22.47 -43.97
C PRO I 232 31.17 -22.26 -42.96
N MET I 233 31.73 -23.33 -42.44
CA MET I 233 32.79 -23.21 -41.46
C MET I 233 33.91 -24.20 -41.75
N HIS I 234 35.11 -23.84 -41.32
CA HIS I 234 36.29 -24.68 -41.45
C HIS I 234 36.78 -24.92 -40.03
N LEU I 235 37.01 -26.17 -39.67
CA LEU I 235 37.49 -26.42 -38.32
C LEU I 235 38.75 -27.27 -38.30
N SER I 236 39.43 -27.20 -37.16
CA SER I 236 40.67 -27.90 -36.89
C SER I 236 40.48 -28.74 -35.63
N ILE I 237 40.82 -30.02 -35.72
CA ILE I 237 40.67 -30.96 -34.63
C ILE I 237 42.02 -31.34 -34.05
N GLY I 238 42.07 -31.51 -32.74
CA GLY I 238 43.25 -31.96 -32.03
C GLY I 238 42.80 -33.08 -31.11
N GLU I 239 43.49 -34.22 -31.13
CA GLU I 239 43.11 -35.36 -30.31
C GLU I 239 44.04 -35.48 -29.10
N MET I 240 43.47 -35.92 -27.97
CA MET I 240 44.22 -36.11 -26.74
C MET I 240 43.69 -37.36 -26.09
N GLN I 241 44.41 -37.84 -25.07
CA GLN I 241 44.00 -39.04 -24.35
C GLN I 241 44.09 -38.80 -22.86
N SER I 242 43.16 -39.42 -22.12
CA SER I 242 43.14 -39.30 -20.67
C SER I 242 42.20 -40.33 -20.10
N GLY I 243 42.64 -41.01 -19.04
CA GLY I 243 41.82 -41.98 -18.34
C GLY I 243 41.43 -43.25 -19.08
N GLY I 244 41.76 -43.34 -20.37
CA GLY I 244 41.40 -44.49 -21.18
C GLY I 244 40.49 -44.16 -22.34
N GLU I 245 40.20 -42.90 -22.58
CA GLU I 245 39.33 -42.51 -23.67
C GLU I 245 39.89 -41.24 -24.32
N PRO I 246 39.67 -41.07 -25.63
CA PRO I 246 40.17 -39.87 -26.31
C PRO I 246 39.18 -38.71 -26.23
N TYR I 247 39.72 -37.53 -26.47
CA TYR I 247 38.95 -36.29 -26.51
C TYR I 247 39.41 -35.50 -27.73
N PHE I 248 38.51 -34.72 -28.31
CA PHE I 248 38.82 -33.95 -29.49
C PHE I 248 38.48 -32.48 -29.27
N THR I 249 39.46 -31.61 -29.48
CA THR I 249 39.27 -30.18 -29.33
C THR I 249 39.16 -29.59 -30.72
N GLY I 250 38.01 -29.00 -31.03
CA GLY I 250 37.77 -28.40 -32.34
C GLY I 250 37.77 -26.88 -32.25
N PHE I 251 38.32 -26.24 -33.28
CA PHE I 251 38.36 -24.79 -33.37
C PHE I 251 37.63 -24.42 -34.66
N VAL I 252 36.44 -23.89 -34.53
CA VAL I 252 35.58 -23.53 -35.65
C VAL I 252 35.86 -22.10 -36.10
N ARG I 253 35.97 -21.90 -37.41
CA ARG I 253 36.13 -20.55 -37.95
C ARG I 253 34.99 -20.32 -38.94
N ASP I 254 34.12 -19.38 -38.61
CA ASP I 254 33.00 -19.03 -39.47
C ASP I 254 33.55 -18.28 -40.68
N LEU I 255 33.14 -18.69 -41.88
CA LEU I 255 33.64 -18.04 -43.09
C LEU I 255 32.54 -17.50 -43.99
N THR I 256 31.42 -17.09 -43.39
CA THR I 256 30.35 -16.48 -44.18
C THR I 256 30.85 -15.20 -44.83
N GLU I 257 31.59 -14.38 -44.07
CA GLU I 257 32.11 -13.13 -44.61
C GLU I 257 33.25 -13.39 -45.59
N HIS I 258 34.08 -14.40 -45.33
CA HIS I 258 35.15 -14.70 -46.27
C HIS I 258 34.60 -15.17 -47.62
N GLN I 259 33.47 -15.88 -47.59
CA GLN I 259 32.87 -16.33 -48.84
C GLN I 259 32.12 -15.19 -49.53
N GLN I 260 31.59 -14.24 -48.75
CA GLN I 260 30.93 -13.10 -49.37
C GLN I 260 31.95 -12.19 -50.03
N THR I 261 33.16 -12.11 -49.46
CA THR I 261 34.21 -11.31 -50.07
C THR I 261 34.65 -11.95 -51.39
N GLN I 262 34.88 -13.27 -51.39
CA GLN I 262 35.25 -13.97 -52.61
C GLN I 262 34.11 -13.90 -53.62
N ALA I 263 32.87 -13.80 -53.13
CA ALA I 263 31.73 -13.67 -54.04
C ALA I 263 31.70 -12.29 -54.65
N ARG I 264 32.39 -11.32 -54.03
CA ARG I 264 32.47 -9.97 -54.57
C ARG I 264 33.66 -9.86 -55.52
N LEU I 265 34.51 -10.87 -55.57
CA LEU I 265 35.61 -10.92 -56.52
C LEU I 265 35.06 -11.44 -57.83
N GLN I 266 34.07 -12.33 -57.75
CA GLN I 266 33.38 -12.84 -58.92
C GLN I 266 32.36 -11.81 -59.39
N GLU I 267 32.09 -10.79 -58.56
CA GLU I 267 31.22 -9.69 -58.92
C GLU I 267 31.99 -8.71 -59.78
N LEU I 268 33.31 -8.85 -59.76
CA LEU I 268 34.24 -8.10 -60.58
C LEU I 268 34.55 -8.91 -61.84
N GLN I 269 34.31 -10.22 -61.77
CA GLN I 269 34.49 -11.13 -62.88
C GLN I 269 33.17 -11.44 -63.59
N SER I 270 32.11 -10.72 -63.22
CA SER I 270 30.77 -10.85 -63.81
C SER I 270 30.26 -9.53 -64.37
N GLU I 271 30.55 -8.42 -63.69
CA GLU I 271 30.14 -7.09 -64.14
C GLU I 271 31.16 -6.46 -65.07
N LEU I 272 32.44 -6.77 -64.89
CA LEU I 272 33.53 -6.24 -65.71
C LEU I 272 34.20 -7.44 -66.38
N VAL I 273 33.70 -7.83 -67.55
CA VAL I 273 34.22 -8.97 -68.30
C VAL I 273 34.71 -8.52 -69.68
N GLY J 25 40.81 -41.68 11.82
CA GLY J 25 40.50 -41.98 10.43
C GLY J 25 41.66 -42.54 9.61
N VAL J 26 42.77 -42.82 10.29
CA VAL J 26 43.98 -43.35 9.67
C VAL J 26 44.24 -44.73 10.25
N GLY J 27 44.82 -45.62 9.44
CA GLY J 27 45.15 -46.96 9.89
C GLY J 27 46.61 -47.05 10.28
N THR J 28 46.93 -48.08 11.06
CA THR J 28 48.28 -48.34 11.53
C THR J 28 48.62 -49.81 11.29
N TRP J 29 49.92 -50.09 11.25
CA TRP J 29 50.40 -51.44 11.03
C TRP J 29 51.76 -51.61 11.69
N ASP J 30 52.18 -52.86 11.83
CA ASP J 30 53.46 -53.16 12.44
C ASP J 30 53.98 -54.49 11.93
N LEU J 31 55.25 -54.52 11.55
CA LEU J 31 55.87 -55.74 11.07
C LEU J 31 57.33 -55.77 11.50
N ASP J 32 57.81 -56.96 11.83
CA ASP J 32 59.18 -57.18 12.25
C ASP J 32 59.95 -57.87 11.14
N LEU J 33 61.14 -57.35 10.81
CA LEU J 33 61.96 -57.94 9.76
C LEU J 33 62.24 -59.41 10.06
N LYS J 34 62.51 -59.71 11.32
CA LYS J 34 62.74 -61.08 11.77
C LYS J 34 61.39 -61.65 12.20
N THR J 35 61.10 -62.86 11.76
CA THR J 35 59.90 -63.70 11.93
C THR J 35 58.72 -63.30 11.02
N TRP J 36 58.86 -62.25 10.21
CA TRP J 36 57.87 -61.77 9.25
C TRP J 36 56.42 -61.73 9.75
N ALA J 37 56.18 -61.26 10.97
CA ALA J 37 54.83 -61.19 11.51
C ALA J 37 54.28 -59.79 11.30
N LEU J 38 52.97 -59.71 11.05
CA LEU J 38 52.31 -58.42 10.80
C LEU J 38 51.03 -58.29 11.61
N ASP J 39 50.80 -57.07 12.11
CA ASP J 39 49.63 -56.72 12.89
C ASP J 39 49.16 -55.33 12.46
N TRP J 40 47.95 -55.24 11.90
CA TRP J 40 47.40 -53.97 11.44
C TRP J 40 46.20 -53.54 12.28
N SER J 41 45.95 -52.23 12.27
CA SER J 41 44.83 -51.65 13.01
C SER J 41 43.50 -51.98 12.33
N ASP J 42 42.41 -51.71 13.06
CA ASP J 42 41.07 -51.95 12.52
C ASP J 42 40.78 -51.01 11.35
N THR J 43 41.23 -49.75 11.46
CA THR J 43 41.04 -48.78 10.39
C THR J 43 41.82 -49.18 9.14
N ALA J 44 42.83 -50.03 9.30
CA ALA J 44 43.63 -50.51 8.18
C ALA J 44 42.97 -51.66 7.45
N ARG J 45 42.25 -52.52 8.18
CA ARG J 45 41.56 -53.66 7.57
C ARG J 45 40.52 -53.20 6.55
N THR J 46 39.75 -52.16 6.89
CA THR J 46 38.75 -51.64 5.97
C THR J 46 39.39 -51.10 4.70
N LEU J 47 40.53 -50.43 4.83
CA LEU J 47 41.24 -49.89 3.67
C LEU J 47 41.62 -50.99 2.69
N LEU J 48 42.00 -52.16 3.21
CA LEU J 48 42.40 -53.27 2.34
C LEU J 48 41.22 -54.01 1.73
N GLY J 49 39.99 -53.74 2.15
CA GLY J 49 38.82 -54.40 1.60
C GLY J 49 38.61 -55.84 1.98
N ILE J 50 39.28 -56.33 3.03
CA ILE J 50 39.13 -57.71 3.48
C ILE J 50 39.55 -57.75 4.93
N GLY J 51 39.12 -58.78 5.65
CA GLY J 51 39.49 -58.87 7.05
C GLY J 51 38.37 -58.79 8.07
N GLN J 52 37.17 -59.25 7.69
CA GLN J 52 36.05 -59.23 8.63
C GLN J 52 36.36 -60.07 9.86
N ASP J 53 36.93 -61.27 9.66
CA ASP J 53 37.32 -62.15 10.75
C ASP J 53 38.71 -62.73 10.56
N GLN J 54 39.29 -62.62 9.37
CA GLN J 54 40.61 -63.16 9.09
C GLN J 54 41.68 -62.38 9.87
N PRO J 55 42.68 -63.07 10.42
CA PRO J 55 43.73 -62.38 11.17
C PRO J 55 44.79 -61.77 10.27
N ALA J 56 45.50 -60.80 10.83
CA ALA J 56 46.57 -60.11 10.11
C ALA J 56 47.72 -61.06 9.79
N SER J 57 48.28 -60.92 8.60
CA SER J 57 49.38 -61.74 8.15
C SER J 57 50.07 -61.04 6.98
N TYR J 58 51.41 -61.11 6.95
CA TYR J 58 52.16 -60.51 5.85
C TYR J 58 51.78 -61.13 4.52
N ASP J 59 51.52 -62.44 4.50
CA ASP J 59 51.12 -63.12 3.28
C ASP J 59 49.79 -62.58 2.78
N LEU J 60 48.83 -62.37 3.69
CA LEU J 60 47.53 -61.81 3.32
C LEU J 60 47.68 -60.41 2.76
N PHE J 61 48.66 -59.64 3.27
CA PHE J 61 48.91 -58.29 2.80
C PHE J 61 49.36 -58.29 1.34
N LEU J 62 50.33 -59.16 1.01
CA LEU J 62 50.83 -59.24 -0.36
C LEU J 62 49.83 -59.86 -1.32
N SER J 63 48.72 -60.42 -0.83
CA SER J 63 47.71 -61.02 -1.68
C SER J 63 46.66 -60.02 -2.14
N ARG J 64 46.61 -58.84 -1.54
CA ARG J 64 45.66 -57.81 -1.93
C ARG J 64 46.24 -56.87 -2.98
N LEU J 65 47.56 -56.71 -2.98
CA LEU J 65 48.24 -55.85 -3.94
C LEU J 65 48.33 -56.51 -5.30
N GLU J 66 48.65 -55.70 -6.30
CA GLU J 66 48.84 -56.15 -7.67
C GLU J 66 50.24 -56.76 -7.76
N PRO J 67 50.51 -57.59 -8.78
CA PRO J 67 51.86 -58.19 -8.88
C PRO J 67 52.98 -57.18 -9.02
N ASP J 68 52.80 -56.14 -9.83
CA ASP J 68 53.83 -55.12 -9.98
C ASP J 68 54.04 -54.36 -8.68
N ASP J 69 52.94 -54.00 -8.01
CA ASP J 69 53.02 -53.26 -6.74
C ASP J 69 53.67 -54.09 -5.64
N ARG J 70 53.20 -55.32 -5.43
CA ARG J 70 53.77 -56.20 -4.40
C ARG J 70 55.29 -56.35 -4.52
N GLU J 71 55.82 -56.37 -5.75
CA GLU J 71 57.26 -56.46 -5.94
C GLU J 71 57.95 -55.19 -5.43
N ARG J 72 57.31 -54.03 -5.66
CA ARG J 72 57.84 -52.75 -5.21
C ARG J 72 57.89 -52.70 -3.68
N VAL J 73 56.87 -53.30 -3.03
CA VAL J 73 56.81 -53.31 -1.57
C VAL J 73 57.98 -54.11 -1.00
N GLU J 74 58.27 -55.26 -1.60
CA GLU J 74 59.39 -56.10 -1.14
C GLU J 74 60.72 -55.37 -1.31
N SER J 75 60.91 -54.68 -2.43
CA SER J 75 62.14 -53.93 -2.64
C SER J 75 62.26 -52.82 -1.61
N ALA J 76 61.12 -52.22 -1.26
CA ALA J 76 61.09 -51.14 -0.27
C ALA J 76 61.55 -51.62 1.10
N ILE J 77 61.05 -52.77 1.56
CA ILE J 77 61.46 -53.27 2.87
C ILE J 77 62.94 -53.67 2.85
N LYS J 78 63.44 -54.12 1.70
CA LYS J 78 64.85 -54.47 1.58
C LYS J 78 65.73 -53.24 1.73
N ARG J 79 65.31 -52.11 1.16
CA ARG J 79 66.06 -50.86 1.26
C ARG J 79 66.15 -50.38 2.71
N VAL J 80 65.06 -50.50 3.46
CA VAL J 80 65.06 -50.07 4.86
C VAL J 80 65.76 -51.08 5.78
N SER J 81 65.92 -52.33 5.33
CA SER J 81 66.62 -53.32 6.16
C SER J 81 68.10 -53.00 6.27
N GLU J 82 68.72 -52.62 5.15
CA GLU J 82 70.14 -52.24 5.06
C GLU J 82 70.12 -50.76 4.73
N ARG J 83 70.32 -49.93 5.77
CA ARG J 83 70.28 -48.47 5.76
C ARG J 83 68.82 -48.07 5.60
N GLY J 84 68.52 -47.07 4.79
CA GLY J 84 67.12 -46.71 4.62
C GLY J 84 66.61 -45.56 5.45
N GLY J 85 66.39 -44.41 4.81
CA GLY J 85 65.87 -43.25 5.50
C GLY J 85 64.35 -43.28 5.49
N GLY J 86 63.79 -44.27 6.18
CA GLY J 86 62.35 -44.44 6.20
C GLY J 86 61.91 -45.18 4.95
N PHE J 87 60.58 -45.30 4.81
CA PHE J 87 60.03 -46.00 3.66
C PHE J 87 58.57 -45.57 3.44
N ASP J 88 58.27 -45.09 2.23
CA ASP J 88 56.92 -44.68 1.87
C ASP J 88 56.61 -45.12 0.44
N VAL J 89 55.54 -45.89 0.27
CA VAL J 89 55.12 -46.41 -1.03
C VAL J 89 53.62 -46.22 -1.17
N SER J 90 53.17 -46.07 -2.42
CA SER J 90 51.76 -45.87 -2.74
C SER J 90 51.29 -46.98 -3.69
N PHE J 91 50.06 -47.44 -3.48
CA PHE J 91 49.47 -48.50 -4.30
C PHE J 91 47.96 -48.46 -4.19
N ARG J 92 47.29 -49.18 -5.08
CA ARG J 92 45.83 -49.28 -5.11
C ARG J 92 45.38 -50.72 -4.90
N VAL J 93 44.24 -50.88 -4.25
CA VAL J 93 43.67 -52.20 -3.97
C VAL J 93 42.46 -52.44 -4.87
N ALA J 94 42.00 -53.69 -4.87
CA ALA J 94 40.84 -54.12 -5.66
C ALA J 94 39.55 -54.18 -4.84
N GLY J 95 39.43 -53.31 -3.82
CA GLY J 95 38.29 -53.19 -2.93
C GLY J 95 36.90 -53.30 -3.54
N THR J 96 36.67 -52.56 -4.62
CA THR J 96 35.39 -52.55 -5.33
C THR J 96 35.60 -52.90 -6.80
N SER J 97 34.54 -53.45 -7.41
CA SER J 97 34.56 -53.88 -8.81
C SER J 97 35.06 -52.82 -9.78
N ASN J 98 34.52 -51.59 -9.73
CA ASN J 98 34.90 -50.54 -10.66
C ASN J 98 35.68 -49.39 -10.04
N ALA J 99 36.33 -49.61 -8.89
CA ALA J 99 37.11 -48.55 -8.26
C ALA J 99 38.20 -49.20 -7.41
N GLY J 100 39.26 -48.43 -7.17
CA GLY J 100 40.37 -48.89 -6.36
C GLY J 100 40.64 -47.99 -5.18
N GLN J 101 41.08 -48.59 -4.09
CA GLN J 101 41.39 -47.86 -2.87
C GLN J 101 42.86 -47.48 -2.91
N TRP J 102 43.14 -46.19 -3.10
CA TRP J 102 44.52 -45.74 -3.15
C TRP J 102 45.03 -45.54 -1.72
N ILE J 103 46.16 -46.18 -1.41
CA ILE J 103 46.74 -46.14 -0.07
C ILE J 103 48.22 -45.78 -0.16
N ARG J 104 48.66 -44.83 0.67
CA ARG J 104 50.06 -44.43 0.77
C ARG J 104 50.56 -44.90 2.12
N ALA J 105 51.37 -45.95 2.14
CA ALA J 105 51.91 -46.50 3.38
C ALA J 105 53.29 -45.88 3.63
N ARG J 106 53.46 -45.32 4.83
CA ARG J 106 54.71 -44.69 5.23
C ARG J 106 55.12 -45.32 6.56
N ALA J 107 56.43 -45.40 6.80
CA ALA J 107 56.92 -46.02 8.02
C ALA J 107 58.32 -45.50 8.36
N GLY J 108 58.71 -45.77 9.60
CA GLY J 108 60.01 -45.39 10.10
C GLY J 108 60.65 -46.56 10.80
N LEU J 109 61.98 -46.63 10.74
CA LEU J 109 62.73 -47.72 11.35
C LEU J 109 63.04 -47.42 12.82
N ILE J 110 62.93 -48.47 13.65
CA ILE J 110 63.24 -48.39 15.07
C ILE J 110 64.01 -49.64 15.48
N ARG J 111 65.32 -49.51 15.63
CA ARG J 111 66.19 -50.62 16.01
C ARG J 111 66.08 -50.93 17.50
N ASP J 112 66.31 -52.20 17.85
CA ASP J 112 66.23 -52.61 19.25
C ASP J 112 67.38 -52.03 20.08
N GLU J 113 68.61 -52.13 19.56
CA GLU J 113 69.83 -51.65 20.18
C GLU J 113 70.81 -51.40 19.06
N ALA J 114 72.08 -51.16 19.40
CA ALA J 114 73.11 -50.93 18.39
C ALA J 114 73.27 -52.11 17.44
N GLY J 115 72.87 -53.31 17.85
CA GLY J 115 72.99 -54.51 17.05
C GLY J 115 72.29 -54.62 15.71
N THR J 116 70.95 -54.60 15.68
CA THR J 116 70.21 -54.76 14.44
C THR J 116 68.89 -53.99 14.50
N ALA J 117 68.19 -54.00 13.36
CA ALA J 117 66.88 -53.38 13.20
C ALA J 117 65.87 -54.53 13.20
N ARG J 118 64.99 -54.56 14.21
CA ARG J 118 64.06 -55.68 14.30
C ARG J 118 62.63 -55.41 13.84
N HIS J 119 62.05 -54.22 14.04
CA HIS J 119 60.66 -54.05 13.63
C HIS J 119 60.34 -52.64 13.14
N LEU J 120 59.91 -52.56 11.89
CA LEU J 120 59.52 -51.30 11.25
C LEU J 120 58.04 -51.03 11.53
N SER J 121 57.73 -49.81 11.97
CA SER J 121 56.36 -49.40 12.28
C SER J 121 55.93 -48.24 11.40
N GLY J 122 54.65 -48.22 11.03
CA GLY J 122 54.14 -47.16 10.19
C GLY J 122 52.63 -47.03 10.19
N ILE J 123 52.12 -46.31 9.18
CA ILE J 123 50.69 -46.04 9.03
C ILE J 123 50.23 -46.21 7.59
N PHE J 124 48.91 -46.32 7.42
CA PHE J 124 48.24 -46.46 6.14
C PHE J 124 47.40 -45.21 5.92
N LEU J 125 47.67 -44.47 4.84
CA LEU J 125 46.96 -43.24 4.53
C LEU J 125 46.11 -43.38 3.27
N ASP J 126 44.88 -42.85 3.33
CA ASP J 126 43.99 -42.87 2.18
C ASP J 126 44.33 -41.67 1.31
N ILE J 127 44.63 -41.93 0.03
CA ILE J 127 45.01 -40.87 -0.89
C ILE J 127 44.14 -40.83 -2.13
N ASP J 128 42.87 -41.29 -1.99
CA ASP J 128 41.96 -41.29 -3.12
C ASP J 128 41.78 -39.88 -3.69
N GLU J 129 41.66 -38.87 -2.83
CA GLU J 129 41.51 -37.52 -3.35
C GLU J 129 42.86 -36.97 -3.80
N GLU J 130 43.93 -37.31 -3.08
CA GLU J 130 45.27 -36.86 -3.46
C GLU J 130 45.59 -37.30 -4.88
N LYS J 131 45.34 -38.57 -5.19
CA LYS J 131 45.59 -39.08 -6.53
C LYS J 131 44.61 -38.46 -7.52
N GLN J 132 43.36 -38.23 -7.09
CA GLN J 132 42.37 -37.61 -7.97
C GLN J 132 42.84 -36.24 -8.44
N VAL J 133 43.37 -35.43 -7.51
CA VAL J 133 43.88 -34.11 -7.88
C VAL J 133 45.05 -34.25 -8.84
N GLU J 134 45.92 -35.24 -8.58
CA GLU J 134 47.05 -35.49 -9.47
C GLU J 134 46.57 -35.82 -10.88
N GLY J 135 45.63 -36.75 -10.97
CA GLY J 135 45.11 -37.13 -12.28
C GLY J 135 44.38 -36.01 -12.98
N ALA J 136 43.65 -35.19 -12.22
CA ALA J 136 42.93 -34.06 -12.80
C ALA J 136 43.90 -33.06 -13.39
N LEU J 137 45.01 -32.82 -12.69
CA LEU J 137 46.01 -31.89 -13.18
C LEU J 137 46.62 -32.42 -14.48
N ARG J 138 46.90 -33.72 -14.53
CA ARG J 138 47.50 -34.34 -15.71
C ARG J 138 46.62 -34.11 -16.93
N THR J 139 45.31 -34.34 -16.80
CA THR J 139 44.40 -34.12 -17.92
C THR J 139 44.48 -32.69 -18.41
N ARG J 140 44.52 -31.73 -17.47
CA ARG J 140 44.64 -30.32 -17.82
C ARG J 140 45.95 -30.05 -18.53
N GLU J 141 47.05 -30.66 -18.05
CA GLU J 141 48.35 -30.48 -18.69
C GLU J 141 48.31 -31.02 -20.11
N THR J 142 47.76 -32.23 -20.28
CA THR J 142 47.68 -32.83 -21.61
C THR J 142 46.84 -31.97 -22.54
N HIS J 143 45.68 -31.49 -22.07
CA HIS J 143 44.82 -30.67 -22.90
C HIS J 143 45.52 -29.38 -23.32
N LEU J 144 46.27 -28.75 -22.40
CA LEU J 144 46.96 -27.51 -22.74
C LEU J 144 47.96 -27.75 -23.86
N ARG J 145 48.74 -28.84 -23.78
CA ARG J 145 49.68 -29.16 -24.84
C ARG J 145 48.94 -29.38 -26.15
N SER J 146 47.80 -30.09 -26.06
CA SER J 146 46.99 -30.32 -27.25
C SER J 146 46.49 -29.00 -27.83
N ILE J 147 46.01 -28.10 -26.97
CA ILE J 147 45.51 -26.81 -27.43
C ILE J 147 46.63 -26.03 -28.11
N LEU J 148 47.80 -25.98 -27.47
CA LEU J 148 48.94 -25.25 -28.02
C LEU J 148 49.36 -25.80 -29.38
N HIS J 149 49.35 -27.12 -29.53
CA HIS J 149 49.73 -27.73 -30.81
CA HIS J 149 49.75 -27.67 -30.82
C HIS J 149 48.71 -27.47 -31.90
N THR J 150 47.41 -27.49 -31.56
CA THR J 150 46.33 -27.39 -32.54
C THR J 150 45.73 -26.01 -32.82
N ILE J 151 45.79 -25.06 -31.90
CA ILE J 151 45.13 -23.76 -32.13
C ILE J 151 45.56 -23.05 -33.42
N PRO J 152 44.62 -22.81 -34.34
CA PRO J 152 44.97 -22.14 -35.61
C PRO J 152 45.64 -20.79 -35.47
N ASP J 153 45.20 -19.98 -34.53
CA ASP J 153 45.78 -18.66 -34.34
C ASP J 153 46.96 -18.76 -33.38
N ALA J 154 47.89 -17.83 -33.51
CA ALA J 154 49.03 -17.80 -32.62
C ALA J 154 48.53 -17.48 -31.22
N MET J 155 48.87 -18.32 -30.24
CA MET J 155 48.45 -18.13 -28.86
C MET J 155 49.70 -17.89 -28.02
N ILE J 156 49.75 -16.73 -27.35
CA ILE J 156 50.88 -16.36 -26.51
C ILE J 156 50.37 -16.06 -25.11
N VAL J 157 51.14 -16.43 -24.09
CA VAL J 157 50.80 -16.21 -22.70
C VAL J 157 52.00 -15.54 -22.03
N ILE J 158 51.76 -14.37 -21.44
CA ILE J 158 52.81 -13.61 -20.76
C ILE J 158 52.44 -13.44 -19.29
N ASP J 159 53.42 -13.00 -18.50
CA ASP J 159 53.24 -12.73 -17.08
C ASP J 159 53.07 -11.22 -16.91
N GLY J 160 52.86 -10.80 -15.65
CA GLY J 160 52.67 -9.40 -15.32
C GLY J 160 53.75 -8.45 -15.82
N HIS J 161 54.94 -8.99 -16.07
CA HIS J 161 56.07 -8.21 -16.53
C HIS J 161 56.34 -8.38 -18.03
N GLY J 162 55.50 -9.14 -18.73
CA GLY J 162 55.64 -9.33 -20.15
C GLY J 162 56.53 -10.47 -20.64
N ILE J 163 57.07 -11.31 -19.76
CA ILE J 163 57.90 -12.39 -20.26
C ILE J 163 57.02 -13.56 -20.71
N ILE J 164 57.30 -14.05 -21.91
CA ILE J 164 56.53 -15.14 -22.51
C ILE J 164 56.60 -16.41 -21.68
N GLN J 165 55.44 -16.97 -21.39
CA GLN J 165 55.32 -18.20 -20.63
C GLN J 165 54.93 -19.39 -21.50
N LEU J 166 54.16 -19.14 -22.56
CA LEU J 166 53.69 -20.16 -23.48
C LEU J 166 53.67 -19.58 -24.87
N PHE J 167 54.05 -20.39 -25.85
CA PHE J 167 54.13 -19.99 -27.25
C PHE J 167 53.60 -21.18 -28.04
N SER J 168 52.49 -20.98 -28.74
CA SER J 168 51.87 -22.08 -29.46
C SER J 168 52.54 -22.36 -30.81
N THR J 169 52.22 -23.54 -31.36
CA THR J 169 52.75 -23.98 -32.65
C THR J 169 52.49 -22.93 -33.73
N ALA J 170 51.33 -22.28 -33.70
CA ALA J 170 51.02 -21.27 -34.69
C ALA J 170 51.88 -20.04 -34.47
N ALA J 171 52.23 -19.75 -33.21
CA ALA J 171 53.08 -18.61 -32.92
C ALA J 171 54.47 -18.83 -33.50
N GLU J 172 54.96 -20.06 -33.42
CA GLU J 172 56.26 -20.42 -33.96
C GLU J 172 56.32 -20.16 -35.45
N ARG J 173 55.32 -20.62 -36.19
CA ARG J 173 55.31 -20.44 -37.64
C ARG J 173 55.12 -18.98 -38.02
N LEU J 174 54.40 -18.21 -37.21
CA LEU J 174 54.18 -16.83 -37.57
C LEU J 174 55.38 -15.95 -37.22
N PHE J 175 55.83 -15.99 -35.96
CA PHE J 175 56.92 -15.14 -35.51
C PHE J 175 58.31 -15.71 -35.77
N GLY J 176 58.42 -16.93 -36.28
CA GLY J 176 59.73 -17.50 -36.57
C GLY J 176 60.62 -17.83 -35.40
N TRP J 177 60.06 -17.94 -34.19
CA TRP J 177 60.83 -18.29 -33.00
C TRP J 177 60.30 -19.61 -32.49
N SER J 178 61.15 -20.42 -31.90
CA SER J 178 60.65 -21.66 -31.36
C SER J 178 60.18 -21.42 -29.93
N GLU J 179 59.35 -22.33 -29.42
CA GLU J 179 58.87 -22.19 -28.05
C GLU J 179 60.02 -22.11 -27.05
N LEU J 180 61.09 -22.87 -27.29
CA LEU J 180 62.21 -22.83 -26.37
C LEU J 180 62.98 -21.52 -26.51
N GLU J 181 62.93 -20.91 -27.68
CA GLU J 181 63.62 -19.66 -27.88
C GLU J 181 62.81 -18.50 -27.31
N ALA J 182 61.48 -18.49 -27.53
CA ALA J 182 60.63 -17.41 -27.06
C ALA J 182 60.35 -17.43 -25.55
N ILE J 183 60.06 -18.61 -24.98
CA ILE J 183 59.76 -18.68 -23.55
C ILE J 183 60.93 -18.18 -22.73
N GLY J 184 60.64 -17.26 -21.79
CA GLY J 184 61.61 -16.65 -20.94
C GLY J 184 62.02 -15.25 -21.36
N GLN J 185 61.73 -14.88 -22.60
CA GLN J 185 62.06 -13.56 -23.10
C GLN J 185 60.84 -12.66 -23.02
N ASN J 186 61.08 -11.36 -23.16
CA ASN J 186 60.00 -10.39 -23.11
C ASN J 186 59.23 -10.44 -24.43
N VAL J 187 57.91 -10.27 -24.35
CA VAL J 187 57.08 -10.30 -25.53
C VAL J 187 57.40 -9.19 -26.52
N ASN J 188 58.19 -8.19 -26.11
CA ASN J 188 58.53 -7.10 -27.00
C ASN J 188 59.37 -7.55 -28.19
N ILE J 189 60.02 -8.72 -28.11
CA ILE J 189 60.83 -9.21 -29.21
C ILE J 189 60.00 -9.49 -30.46
N LEU J 190 58.68 -9.51 -30.34
CA LEU J 190 57.76 -9.78 -31.43
C LEU J 190 57.26 -8.51 -32.11
N MET J 191 57.74 -7.33 -31.74
CA MET J 191 57.21 -6.13 -32.34
C MET J 191 58.31 -5.16 -32.75
N PRO J 192 58.08 -4.38 -33.81
CA PRO J 192 59.07 -3.41 -34.24
C PRO J 192 58.94 -2.16 -33.37
N GLU J 193 59.81 -1.20 -33.61
CA GLU J 193 59.77 0.05 -32.87
C GLU J 193 58.66 0.93 -33.43
N PRO J 194 58.14 1.89 -32.64
CA PRO J 194 58.45 2.28 -31.26
C PRO J 194 57.77 1.43 -30.20
N ASP J 195 56.77 0.63 -30.61
CA ASP J 195 56.01 -0.21 -29.69
C ASP J 195 56.91 -1.07 -28.80
N ARG J 196 57.98 -1.62 -29.37
CA ARG J 196 58.91 -2.49 -28.65
C ARG J 196 59.41 -1.90 -27.35
N SER J 197 60.07 -0.74 -27.41
CA SER J 197 60.64 -0.13 -26.21
C SER J 197 59.60 0.46 -25.28
N ARG J 198 58.41 0.79 -25.79
CA ARG J 198 57.36 1.34 -24.95
C ARG J 198 56.44 0.29 -24.33
N HIS J 199 56.33 -0.89 -24.94
CA HIS J 199 55.46 -2.00 -24.48
C HIS J 199 55.45 -2.31 -22.99
N ASP J 200 56.62 -2.29 -22.33
CA ASP J 200 56.66 -2.59 -20.90
C ASP J 200 55.82 -1.58 -20.12
N SER J 201 55.94 -0.29 -20.48
CA SER J 201 55.17 0.76 -19.84
C SER J 201 53.67 0.54 -20.02
N TYR J 202 53.26 0.07 -21.22
CA TYR J 202 51.86 -0.19 -21.50
C TYR J 202 51.27 -1.19 -20.51
N ILE J 203 52.02 -2.25 -20.20
CA ILE J 203 51.53 -3.26 -19.26
C ILE J 203 51.47 -2.70 -17.84
N SER J 204 52.50 -1.97 -17.41
CA SER J 204 52.51 -1.39 -16.06
C SER J 204 51.39 -0.37 -15.89
N ARG J 205 51.10 0.40 -16.95
CA ARG J 205 50.01 1.36 -16.92
C ARG J 205 48.69 0.68 -16.63
N TYR J 206 48.41 -0.41 -17.35
CA TYR J 206 47.17 -1.15 -17.16
C TYR J 206 47.06 -1.70 -15.75
N ARG J 207 48.16 -2.18 -15.18
CA ARG J 207 48.12 -2.74 -13.83
C ARG J 207 47.74 -1.71 -12.77
N THR J 208 47.83 -0.42 -13.08
CA THR J 208 47.47 0.66 -12.16
C THR J 208 46.04 1.17 -12.37
N THR J 209 45.71 1.57 -13.61
CA THR J 209 44.38 2.10 -13.92
C THR J 209 43.27 1.10 -13.59
N SER J 210 43.49 -0.19 -13.88
CA SER J 210 42.51 -1.27 -13.61
C SER J 210 41.21 -1.07 -14.38
N ASP J 211 41.32 -0.79 -15.68
CA ASP J 211 40.19 -0.58 -16.56
C ASP J 211 40.48 -1.32 -17.86
N PRO J 212 39.47 -1.93 -18.50
CA PRO J 212 39.71 -2.67 -19.75
C PRO J 212 40.03 -1.76 -20.93
N HIS J 213 41.25 -1.22 -20.95
CA HIS J 213 41.68 -0.31 -22.00
C HIS J 213 41.65 -0.98 -23.38
N ILE J 214 42.46 -2.02 -23.58
CA ILE J 214 42.51 -2.75 -24.83
C ILE J 214 42.37 -4.26 -24.65
N ILE J 215 42.20 -4.74 -23.42
CA ILE J 215 42.05 -6.19 -23.19
C ILE J 215 40.70 -6.62 -23.76
N GLY J 216 40.73 -7.40 -24.83
CA GLY J 216 39.55 -7.88 -25.51
C GLY J 216 39.06 -6.94 -26.61
N ILE J 217 39.36 -5.65 -26.50
CA ILE J 217 38.98 -4.68 -27.52
C ILE J 217 39.75 -5.02 -28.79
N GLY J 218 39.03 -5.40 -29.84
CA GLY J 218 39.70 -5.74 -31.07
C GLY J 218 40.37 -4.55 -31.71
N ARG J 219 41.70 -4.55 -31.68
CA ARG J 219 42.52 -3.50 -32.25
C ARG J 219 43.57 -4.12 -33.15
N ILE J 220 43.96 -3.41 -34.20
CA ILE J 220 44.97 -3.89 -35.13
C ILE J 220 46.29 -3.18 -34.88
N VAL J 221 47.36 -3.95 -34.77
CA VAL J 221 48.70 -3.45 -34.51
C VAL J 221 49.66 -4.17 -35.47
N THR J 222 50.95 -3.84 -35.41
CA THR J 222 51.93 -4.46 -36.29
C THR J 222 53.01 -5.16 -35.48
N GLY J 223 53.27 -6.43 -35.82
CA GLY J 223 54.29 -7.21 -35.15
C GLY J 223 55.38 -7.59 -36.13
N LYS J 224 56.48 -8.12 -35.60
CA LYS J 224 57.60 -8.51 -36.45
C LYS J 224 58.17 -9.86 -36.08
N ARG J 225 58.53 -10.62 -37.12
CA ARG J 225 59.12 -11.93 -36.96
C ARG J 225 60.60 -11.77 -36.66
N ARG J 226 61.24 -12.88 -36.29
CA ARG J 226 62.69 -12.87 -36.05
C ARG J 226 63.39 -12.49 -37.34
N ASP J 227 62.77 -12.89 -38.46
CA ASP J 227 63.18 -12.58 -39.81
C ASP J 227 63.43 -11.08 -39.99
N GLY J 228 62.58 -10.26 -39.42
CA GLY J 228 62.65 -8.81 -39.54
C GLY J 228 61.46 -8.23 -40.27
N THR J 229 60.72 -9.07 -40.99
CA THR J 229 59.53 -8.65 -41.70
C THR J 229 58.46 -8.22 -40.71
N THR J 230 57.60 -7.32 -41.15
CA THR J 230 56.50 -6.83 -40.34
C THR J 230 55.19 -7.25 -40.97
N PHE J 231 54.13 -7.27 -40.17
CA PHE J 231 52.83 -7.69 -40.69
C PHE J 231 51.73 -7.14 -39.81
N PRO J 232 50.54 -6.88 -40.36
CA PRO J 232 49.42 -6.39 -39.56
C PRO J 232 48.77 -7.55 -38.82
N MET J 233 48.48 -7.35 -37.53
CA MET J 233 47.87 -8.41 -36.74
C MET J 233 46.84 -7.82 -35.79
N HIS J 234 45.82 -8.62 -35.54
CA HIS J 234 44.74 -8.28 -34.63
C HIS J 234 44.83 -9.26 -33.46
N LEU J 235 44.73 -8.76 -32.23
CA LEU J 235 44.80 -9.70 -31.12
C LEU J 235 43.72 -9.43 -30.08
N SER J 236 43.45 -10.48 -29.31
CA SER J 236 42.45 -10.50 -28.26
C SER J 236 43.13 -11.00 -27.01
N ILE J 237 42.96 -10.27 -25.90
CA ILE J 237 43.60 -10.65 -24.64
C ILE J 237 42.55 -11.05 -23.62
N GLY J 238 42.94 -11.96 -22.75
CA GLY J 238 42.15 -12.45 -21.65
C GLY J 238 43.06 -12.43 -20.43
N GLU J 239 42.60 -11.81 -19.36
CA GLU J 239 43.38 -11.70 -18.14
C GLU J 239 42.92 -12.72 -17.12
N MET J 240 43.87 -13.26 -16.36
CA MET J 240 43.59 -14.21 -15.30
C MET J 240 44.53 -13.89 -14.14
N GLN J 241 44.24 -14.46 -12.97
CA GLN J 241 45.04 -14.23 -11.79
C GLN J 241 45.38 -15.56 -11.14
N SER J 242 46.64 -15.69 -10.71
CA SER J 242 47.09 -16.89 -10.02
C SER J 242 48.22 -16.49 -9.09
N GLY J 243 48.13 -16.95 -7.84
CA GLY J 243 49.11 -16.70 -6.80
C GLY J 243 49.65 -15.28 -6.69
N GLY J 244 48.79 -14.28 -6.80
CA GLY J 244 49.26 -12.92 -6.72
C GLY J 244 49.76 -12.33 -8.01
N GLU J 245 49.77 -13.09 -9.09
CA GLU J 245 50.27 -12.56 -10.32
C GLU J 245 49.23 -12.62 -11.44
N PRO J 246 49.14 -11.58 -12.26
CA PRO J 246 48.21 -11.61 -13.39
C PRO J 246 48.92 -12.18 -14.62
N TYR J 247 48.17 -12.91 -15.43
CA TYR J 247 48.70 -13.48 -16.66
C TYR J 247 47.78 -13.07 -17.79
N PHE J 248 48.35 -12.88 -18.97
CA PHE J 248 47.57 -12.45 -20.13
C PHE J 248 47.74 -13.47 -21.26
N THR J 249 46.62 -13.88 -21.83
CA THR J 249 46.59 -14.85 -22.92
C THR J 249 46.16 -14.13 -24.18
N GLY J 250 47.05 -14.06 -25.16
CA GLY J 250 46.76 -13.41 -26.43
C GLY J 250 46.46 -14.39 -27.55
N PHE J 251 45.63 -13.93 -28.48
CA PHE J 251 45.24 -14.72 -29.65
C PHE J 251 45.50 -13.82 -30.84
N VAL J 252 46.58 -14.10 -31.57
CA VAL J 252 47.00 -13.31 -32.71
C VAL J 252 46.34 -13.82 -33.99
N ARG J 253 45.85 -12.88 -34.80
CA ARG J 253 45.22 -13.17 -36.08
C ARG J 253 45.99 -12.42 -37.15
N ASP J 254 46.58 -13.17 -38.08
CA ASP J 254 47.35 -12.56 -39.16
C ASP J 254 46.39 -11.84 -40.10
N LEU J 255 46.75 -10.61 -40.47
CA LEU J 255 45.91 -9.82 -41.37
C LEU J 255 46.55 -9.53 -42.71
N THR J 256 47.70 -10.16 -43.01
CA THR J 256 48.34 -9.95 -44.30
C THR J 256 47.44 -10.40 -45.43
N GLU J 257 46.85 -11.59 -45.29
CA GLU J 257 45.98 -12.13 -46.33
C GLU J 257 44.67 -11.37 -46.41
N HIS J 258 44.20 -10.81 -45.30
CA HIS J 258 42.95 -10.05 -45.33
C HIS J 258 43.15 -8.66 -45.94
N GLN J 259 44.29 -8.04 -45.68
CA GLN J 259 44.54 -6.70 -46.23
C GLN J 259 44.69 -6.74 -47.75
N GLN J 260 45.35 -7.77 -48.30
CA GLN J 260 45.50 -7.83 -49.75
C GLN J 260 44.16 -8.11 -50.42
N THR J 261 43.28 -8.86 -49.75
CA THR J 261 41.96 -9.08 -50.32
C THR J 261 41.16 -7.79 -50.29
N GLN J 262 41.43 -6.93 -49.29
CA GLN J 262 40.78 -5.64 -49.20
C GLN J 262 41.35 -4.68 -50.22
N ALA J 263 42.53 -4.99 -50.77
CA ALA J 263 43.11 -4.16 -51.81
C ALA J 263 42.40 -4.44 -53.13
N ARG J 264 41.90 -5.68 -53.28
CA ARG J 264 41.15 -6.06 -54.46
C ARG J 264 39.75 -5.43 -54.44
N LEU J 265 39.26 -5.06 -53.26
CA LEU J 265 37.95 -4.44 -53.12
C LEU J 265 37.97 -2.94 -53.36
N GLN J 266 39.12 -2.28 -53.15
CA GLN J 266 39.21 -0.85 -53.37
C GLN J 266 39.55 -0.49 -54.82
N GLU J 267 39.34 -1.44 -55.74
CA GLU J 267 39.59 -1.23 -57.14
C GLU J 267 38.41 -1.58 -58.02
N LEU J 268 37.34 -2.18 -57.46
CA LEU J 268 36.17 -2.54 -58.24
C LEU J 268 35.59 -1.33 -58.97
N GLN J 269 35.09 -0.34 -58.21
CA GLN J 269 34.60 0.89 -58.82
C GLN J 269 34.96 2.11 -57.97
N SER J 270 36.09 2.05 -57.25
CA SER J 270 36.51 3.16 -56.41
C SER J 270 37.19 4.28 -57.18
N GLU J 271 37.12 4.26 -58.52
CA GLU J 271 37.73 5.27 -59.37
C GLU J 271 36.73 6.29 -59.90
N LEU J 272 35.69 6.64 -59.12
CA LEU J 272 34.70 7.61 -59.56
C LEU J 272 34.63 8.87 -58.72
N VAL J 273 34.66 8.75 -57.39
CA VAL J 273 34.58 9.93 -56.53
C VAL J 273 35.89 10.71 -56.49
#